data_1GYH
#
_entry.id   1GYH
#
_cell.length_a   49.556
_cell.length_b   79.557
_cell.length_c   132.402
_cell.angle_alpha   88.83
_cell.angle_beta   89.58
_cell.angle_gamma   83.58
#
_symmetry.space_group_name_H-M   'P 1'
#
loop_
_entity.id
_entity.type
_entity.pdbx_description
1 polymer 'ARABINAN ENDO-1,5-ALPHA-L-ARABINOSIDASE A'
2 non-polymer 'CHLORIDE ION'
3 water water
#
_entity_poly.entity_id   1
_entity_poly.type   'polypeptide(L)'
_entity_poly.pdbx_seq_one_letter_code
;GAKQVDVHDPVMTREGDTWYLFSTGPGITIYSSKDRVNWRYSDRAFATEPTWAKRVSPSFDGHLWAPDIYQHKGLFYLYY
SVSAFGKNTSAIGVTVNKTLNPASPDYRWEDKGIVIESVPQRDLWNAIAPAIIADDHGQVWMSFGSFWGGLKLFKLNDDL
TRPAEPQEWHSIAKLERSVLMDDSQAGSAQIEAPFILRKGDYYYLFASWGLCCRKGDSTYHLVVGRSKQVTGPYLDKTGR
DMNQGGGSLLIKGNKRWVGLGHNSAYTWDGKDYLVLHAYEAADNYLQKLKILNLHWDGEGWPQVDEKELDSYISQRLK
;
_entity_poly.pdbx_strand_id   A,B,C,D,E,F
#
loop_
_chem_comp.id
_chem_comp.type
_chem_comp.name
_chem_comp.formula
CL non-polymer 'CHLORIDE ION' 'Cl -1'
#
# COMPACT_ATOMS: atom_id res chain seq x y z
N GLY A 1 2.98 61.34 -44.22
CA GLY A 1 2.45 61.29 -45.46
C GLY A 1 1.19 62.12 -45.44
N ALA A 2 0.01 61.54 -45.24
CA ALA A 2 -1.27 62.26 -45.05
C ALA A 2 -2.52 61.47 -45.46
N LYS A 3 -2.49 60.79 -46.62
CA LYS A 3 -3.52 59.78 -47.02
C LYS A 3 -3.02 58.35 -46.79
N GLN A 4 -3.92 57.38 -46.60
CA GLN A 4 -3.50 55.96 -46.53
C GLN A 4 -2.99 55.49 -47.88
N VAL A 5 -2.07 54.52 -47.86
CA VAL A 5 -1.61 53.98 -49.10
C VAL A 5 -2.58 52.96 -49.75
N ASP A 6 -2.88 53.24 -51.02
CA ASP A 6 -3.74 52.34 -51.80
C ASP A 6 -2.95 51.30 -52.57
N VAL A 7 -3.26 50.04 -52.25
CA VAL A 7 -2.64 48.84 -52.83
C VAL A 7 -3.70 47.79 -53.10
N HIS A 8 -3.36 46.84 -53.97
CA HIS A 8 -4.19 45.68 -54.26
C HIS A 8 -3.25 44.49 -54.34
N ASP A 9 -3.58 43.43 -53.61
CA ASP A 9 -2.85 42.16 -53.68
C ASP A 9 -1.42 42.29 -53.11
N PRO A 10 -1.25 42.87 -51.92
CA PRO A 10 0.08 43.23 -51.40
C PRO A 10 0.93 42.07 -50.89
N VAL A 11 2.23 42.23 -51.12
CA VAL A 11 3.27 41.40 -50.52
C VAL A 11 4.42 42.30 -50.03
N MET A 12 5.25 41.75 -49.14
CA MET A 12 6.31 42.55 -48.47
C MET A 12 7.54 41.70 -48.22
N THR A 13 8.67 42.39 -48.09
CA THR A 13 9.94 41.82 -47.66
C THR A 13 10.84 42.88 -47.02
N ARG A 14 11.90 42.45 -46.34
CA ARG A 14 12.83 43.37 -45.73
C ARG A 14 14.23 43.09 -46.28
N GLU A 15 14.91 44.17 -46.66
CA GLU A 15 16.33 44.13 -47.02
C GLU A 15 17.09 45.04 -46.09
N GLY A 16 18.00 44.47 -45.29
CA GLY A 16 18.70 45.25 -44.28
C GLY A 16 17.69 45.92 -43.34
N ASP A 17 17.76 47.24 -43.21
CA ASP A 17 16.79 47.94 -42.33
C ASP A 17 15.62 48.62 -43.08
N THR A 18 15.43 48.25 -44.35
CA THR A 18 14.35 48.78 -45.17
C THR A 18 13.29 47.75 -45.60
N TRP A 19 12.04 48.10 -45.37
CA TRP A 19 10.87 47.32 -45.79
C TRP A 19 10.40 47.75 -47.22
N TYR A 20 9.97 46.75 -48.00
CA TYR A 20 9.50 46.98 -49.37
C TYR A 20 8.14 46.36 -49.53
N LEU A 21 7.28 47.07 -50.27
CA LEU A 21 5.91 46.68 -50.48
C LEU A 21 5.63 46.68 -52.01
N PHE A 22 5.01 45.60 -52.47
CA PHE A 22 4.74 45.37 -53.88
C PHE A 22 3.24 45.22 -54.07
N SER A 23 2.71 45.90 -55.10
CA SER A 23 1.28 45.91 -55.38
C SER A 23 1.01 45.67 -56.87
N THR A 24 -0.13 45.05 -57.14
CA THR A 24 -0.77 45.14 -58.46
C THR A 24 -0.73 46.58 -58.96
N GLY A 25 -0.40 46.76 -60.23
CA GLY A 25 -0.32 48.09 -60.83
C GLY A 25 0.63 48.12 -62.04
N PRO A 26 0.77 49.27 -62.68
CA PRO A 26 1.60 49.38 -63.90
C PRO A 26 3.04 48.91 -63.67
N GLY A 27 3.47 47.82 -64.30
CA GLY A 27 4.84 47.33 -64.14
C GLY A 27 5.18 46.71 -62.76
N ILE A 28 4.17 46.51 -61.92
CA ILE A 28 4.25 46.21 -60.46
C ILE A 28 4.80 47.43 -59.71
N THR A 29 3.98 48.00 -58.82
CA THR A 29 4.32 49.20 -58.08
C THR A 29 5.09 48.79 -56.79
N ILE A 30 6.20 49.45 -56.55
CA ILE A 30 7.08 49.20 -55.38
C ILE A 30 7.19 50.44 -54.48
N TYR A 31 6.93 50.23 -53.16
CA TYR A 31 7.15 51.22 -52.12
C TYR A 31 8.19 50.76 -51.10
N SER A 32 8.75 51.73 -50.38
CA SER A 32 9.76 51.49 -49.30
C SER A 32 9.44 52.22 -48.01
N SER A 33 9.95 51.70 -46.90
CA SER A 33 9.62 52.27 -45.61
C SER A 33 10.62 51.84 -44.52
N LYS A 34 10.87 52.73 -43.58
CA LYS A 34 11.72 52.40 -42.43
C LYS A 34 10.93 51.78 -41.26
N ASP A 35 9.60 51.98 -41.21
CA ASP A 35 8.78 51.60 -40.04
C ASP A 35 7.51 50.80 -40.33
N ARG A 36 7.25 50.44 -41.59
CA ARG A 36 6.08 49.66 -42.02
C ARG A 36 4.75 50.43 -42.04
N VAL A 37 4.80 51.72 -41.74
CA VAL A 37 3.63 52.60 -41.63
C VAL A 37 3.69 53.77 -42.65
N ASN A 38 4.82 54.47 -42.68
CA ASN A 38 5.10 55.60 -43.57
C ASN A 38 5.85 55.12 -44.83
N TRP A 39 5.17 55.15 -46.00
CA TRP A 39 5.67 54.55 -47.25
C TRP A 39 5.89 55.61 -48.31
N ARG A 40 7.04 55.58 -48.98
CA ARG A 40 7.29 56.37 -50.20
C ARG A 40 7.36 55.51 -51.46
N TYR A 41 6.95 56.08 -52.58
CA TYR A 41 7.10 55.40 -53.87
C TYR A 41 8.57 55.12 -54.12
N SER A 42 8.88 53.89 -54.51
CA SER A 42 10.26 53.50 -54.82
C SER A 42 10.52 53.40 -56.33
N ASP A 43 9.75 52.55 -57.01
CA ASP A 43 9.92 52.26 -58.45
C ASP A 43 8.74 51.45 -59.02
N ARG A 44 8.79 51.16 -60.32
CA ARG A 44 8.00 50.10 -60.91
C ARG A 44 8.95 49.09 -61.52
N ALA A 45 8.68 47.80 -61.36
CA ALA A 45 9.63 46.80 -61.77
C ALA A 45 9.93 46.87 -63.26
N PHE A 46 8.88 46.87 -64.08
CA PHE A 46 9.00 47.14 -65.54
C PHE A 46 8.68 48.60 -65.84
N ALA A 47 9.64 49.29 -66.44
CA ALA A 47 9.45 50.67 -66.90
C ALA A 47 8.29 50.75 -67.90
N THR A 48 8.14 49.72 -68.72
CA THR A 48 6.98 49.62 -69.60
C THR A 48 6.21 48.32 -69.29
N GLU A 49 6.59 47.23 -69.97
CA GLU A 49 5.94 45.94 -69.78
C GLU A 49 6.79 44.79 -70.25
N PRO A 50 6.47 43.58 -69.80
CA PRO A 50 7.20 42.41 -70.27
C PRO A 50 7.07 42.30 -71.81
N THR A 51 8.15 41.94 -72.49
CA THR A 51 8.19 41.90 -73.94
C THR A 51 7.18 40.93 -74.53
N TRP A 52 6.83 39.91 -73.75
CA TRP A 52 5.95 38.84 -74.16
C TRP A 52 4.47 39.03 -73.76
N ALA A 53 4.16 40.08 -73.01
CA ALA A 53 2.85 40.18 -72.38
C ALA A 53 1.71 40.23 -73.39
N LYS A 54 1.89 41.04 -74.45
CA LYS A 54 0.83 41.21 -75.46
C LYS A 54 0.49 39.95 -76.23
N ARG A 55 1.45 39.04 -76.37
CA ARG A 55 1.13 37.80 -77.03
C ARG A 55 0.28 36.87 -76.17
N VAL A 56 0.46 36.88 -74.86
CA VAL A 56 -0.41 36.14 -73.98
C VAL A 56 -1.80 36.85 -73.89
N SER A 57 -1.78 38.18 -73.73
CA SER A 57 -2.98 39.02 -73.52
C SER A 57 -3.01 40.16 -74.56
N PRO A 58 -3.60 39.94 -75.74
CA PRO A 58 -3.55 40.97 -76.80
C PRO A 58 -4.04 42.36 -76.35
N SER A 59 -5.06 42.42 -75.49
CA SER A 59 -5.57 43.70 -74.94
C SER A 59 -4.89 44.18 -73.64
N PHE A 60 -3.75 43.58 -73.30
CA PHE A 60 -3.00 43.97 -72.12
C PHE A 60 -2.89 45.48 -71.99
N ASP A 61 -3.25 46.02 -70.82
CA ASP A 61 -3.21 47.49 -70.54
C ASP A 61 -2.03 48.02 -69.74
N GLY A 62 -0.99 47.22 -69.55
CA GLY A 62 0.16 47.63 -68.76
C GLY A 62 0.14 47.29 -67.26
N HIS A 63 -1.02 46.91 -66.72
CA HIS A 63 -1.17 46.55 -65.29
C HIS A 63 -0.83 45.09 -65.05
N LEU A 64 0.24 44.85 -64.28
CA LEU A 64 0.61 43.51 -63.84
C LEU A 64 -0.06 43.21 -62.52
N TRP A 65 -0.42 41.94 -62.30
CA TRP A 65 -1.26 41.58 -61.15
C TRP A 65 -0.54 40.64 -60.17
N ALA A 66 -0.87 40.81 -58.89
CA ALA A 66 -0.68 39.80 -57.81
C ALA A 66 0.77 39.31 -57.67
N PRO A 67 1.67 40.23 -57.34
CA PRO A 67 3.07 39.88 -57.26
C PRO A 67 3.33 38.94 -56.03
N ASP A 68 4.40 38.16 -56.12
CA ASP A 68 5.01 37.58 -54.92
C ASP A 68 6.49 37.90 -54.88
N ILE A 69 6.97 38.26 -53.69
CA ILE A 69 8.41 38.53 -53.50
C ILE A 69 9.04 37.41 -52.66
N TYR A 70 10.19 36.90 -53.12
CA TYR A 70 10.87 35.78 -52.49
C TYR A 70 12.38 35.95 -52.54
N GLN A 71 13.03 35.87 -51.38
CA GLN A 71 14.49 35.91 -51.29
C GLN A 71 15.12 34.49 -51.33
N HIS A 72 16.14 34.33 -52.15
CA HIS A 72 16.77 33.03 -52.42
C HIS A 72 18.19 33.23 -52.89
N LYS A 73 19.15 32.62 -52.18
CA LYS A 73 20.59 32.70 -52.47
C LYS A 73 21.09 34.12 -52.79
N GLY A 74 20.70 35.11 -51.99
CA GLY A 74 21.25 36.44 -52.16
C GLY A 74 20.52 37.31 -53.18
N LEU A 75 19.58 36.73 -53.93
CA LEU A 75 18.77 37.47 -54.92
C LEU A 75 17.31 37.69 -54.52
N PHE A 76 16.67 38.61 -55.24
CA PHE A 76 15.24 38.93 -55.05
C PHE A 76 14.46 38.46 -56.30
N TYR A 77 13.53 37.52 -56.10
CA TYR A 77 12.69 36.97 -57.15
C TYR A 77 11.27 37.57 -57.01
N LEU A 78 10.83 38.29 -58.05
CA LEU A 78 9.53 38.93 -58.08
C LEU A 78 8.70 38.25 -59.17
N TYR A 79 7.74 37.44 -58.73
CA TYR A 79 6.77 36.78 -59.59
C TYR A 79 5.59 37.73 -59.84
N TYR A 80 4.97 37.64 -61.02
CA TYR A 80 3.97 38.61 -61.45
C TYR A 80 3.06 37.92 -62.48
N SER A 81 1.84 38.44 -62.65
CA SER A 81 0.81 37.84 -63.50
C SER A 81 0.46 38.80 -64.67
N VAL A 82 0.42 38.26 -65.86
CA VAL A 82 -0.13 38.91 -67.09
C VAL A 82 -1.47 38.21 -67.39
N SER A 83 -2.54 38.97 -67.52
CA SER A 83 -3.85 38.37 -67.72
C SER A 83 -4.82 39.29 -68.45
N ALA A 84 -6.08 38.88 -68.45
CA ALA A 84 -7.18 39.69 -68.95
C ALA A 84 -8.43 39.41 -68.14
N PHE A 85 -9.16 40.44 -67.79
CA PHE A 85 -10.32 40.28 -66.90
C PHE A 85 -11.32 39.28 -67.43
N GLY A 86 -11.72 38.34 -66.58
CA GLY A 86 -12.70 37.35 -66.95
C GLY A 86 -12.22 36.12 -67.72
N LYS A 87 -10.94 36.10 -68.10
CA LYS A 87 -10.41 35.05 -68.95
C LYS A 87 -9.21 34.31 -68.35
N ASN A 88 -8.88 33.16 -68.90
CA ASN A 88 -7.67 32.48 -68.44
C ASN A 88 -6.57 32.46 -69.48
N THR A 89 -6.55 33.49 -70.34
CA THR A 89 -5.39 33.80 -71.18
C THR A 89 -4.40 34.55 -70.26
N SER A 90 -3.55 33.77 -69.59
CA SER A 90 -2.76 34.29 -68.45
C SER A 90 -1.43 33.56 -68.35
N ALA A 91 -0.48 34.24 -67.75
CA ALA A 91 0.82 33.63 -67.48
C ALA A 91 1.47 34.32 -66.28
N ILE A 92 2.24 33.52 -65.55
CA ILE A 92 3.10 33.99 -64.46
C ILE A 92 4.53 34.07 -64.94
N GLY A 93 5.10 35.26 -64.80
CA GLY A 93 6.48 35.51 -65.09
C GLY A 93 7.32 35.72 -63.82
N VAL A 94 8.63 35.78 -63.99
CA VAL A 94 9.51 36.18 -62.89
C VAL A 94 10.66 37.06 -63.35
N THR A 95 10.87 38.15 -62.60
CA THR A 95 12.00 39.03 -62.82
C THR A 95 12.85 39.13 -61.52
N VAL A 96 14.16 39.24 -61.69
CA VAL A 96 15.14 39.10 -60.61
C VAL A 96 16.03 40.31 -60.50
N ASN A 97 16.36 40.70 -59.28
CA ASN A 97 17.24 41.82 -58.98
C ASN A 97 18.23 41.39 -57.86
N LYS A 98 19.41 41.99 -57.88
CA LYS A 98 20.40 41.84 -56.79
C LYS A 98 20.07 42.64 -55.54
N THR A 99 19.26 43.69 -55.66
CA THR A 99 18.91 44.53 -54.52
C THR A 99 17.57 45.22 -54.76
N LEU A 100 17.00 45.82 -53.72
CA LEU A 100 15.71 46.52 -53.82
C LEU A 100 15.84 48.06 -53.73
N ASN A 101 17.02 48.56 -53.40
CA ASN A 101 17.32 50.00 -53.35
C ASN A 101 17.61 50.56 -54.75
N PRO A 102 16.74 51.39 -55.29
CA PRO A 102 16.94 51.93 -56.64
C PRO A 102 18.14 52.87 -56.86
N ALA A 103 18.71 53.43 -55.79
CA ALA A 103 19.93 54.23 -55.83
C ALA A 103 21.17 53.36 -55.89
N SER A 104 21.04 52.06 -55.62
CA SER A 104 22.20 51.18 -55.63
C SER A 104 22.81 50.92 -57.02
N PRO A 105 24.14 50.90 -57.12
CA PRO A 105 24.80 50.47 -58.37
C PRO A 105 24.46 49.04 -58.81
N ASP A 106 23.96 48.20 -57.90
CA ASP A 106 23.61 46.81 -58.24
C ASP A 106 22.13 46.70 -58.70
N TYR A 107 21.37 47.79 -58.64
CA TYR A 107 19.95 47.72 -58.91
C TYR A 107 19.59 47.61 -60.41
N ARG A 108 18.96 46.49 -60.76
CA ARG A 108 18.35 46.27 -62.09
C ARG A 108 17.50 45.02 -62.10
N TRP A 109 16.23 45.15 -62.47
CA TRP A 109 15.34 44.05 -62.71
C TRP A 109 15.57 43.39 -64.08
N GLU A 110 15.78 42.06 -64.07
CA GLU A 110 16.04 41.28 -65.26
C GLU A 110 14.99 40.20 -65.43
N ASP A 111 14.19 40.33 -66.48
CA ASP A 111 13.08 39.39 -66.69
C ASP A 111 13.62 38.05 -67.17
N LYS A 112 13.07 36.98 -66.64
CA LYS A 112 13.43 35.63 -66.97
C LYS A 112 12.31 34.91 -67.75
N GLY A 113 11.18 35.61 -68.00
CA GLY A 113 10.10 35.08 -68.82
C GLY A 113 9.04 34.25 -68.09
N ILE A 114 8.35 33.41 -68.86
CA ILE A 114 7.17 32.73 -68.42
C ILE A 114 7.51 31.46 -67.64
N VAL A 115 7.02 31.42 -66.41
CA VAL A 115 7.12 30.24 -65.54
C VAL A 115 6.04 29.23 -65.92
N ILE A 116 4.81 29.69 -66.01
CA ILE A 116 3.69 28.85 -66.36
C ILE A 116 2.60 29.72 -67.03
N GLU A 117 1.96 29.14 -68.03
CA GLU A 117 0.88 29.80 -68.80
C GLU A 117 -0.36 28.89 -68.91
N SER A 118 -1.53 29.45 -68.68
CA SER A 118 -2.77 28.76 -68.93
C SER A 118 -3.30 29.11 -70.34
N VAL A 119 -3.90 28.09 -70.96
CA VAL A 119 -4.41 28.14 -72.34
C VAL A 119 -5.89 27.71 -72.36
N PRO A 120 -6.79 28.58 -72.80
CA PRO A 120 -8.22 28.23 -72.84
C PRO A 120 -8.48 26.92 -73.59
N GLN A 121 -9.34 26.09 -73.03
CA GLN A 121 -9.78 24.78 -73.53
C GLN A 121 -8.72 23.67 -73.34
N ARG A 122 -7.49 24.04 -73.00
CA ARG A 122 -6.46 23.08 -72.63
C ARG A 122 -6.44 22.92 -71.10
N ASP A 123 -6.37 24.04 -70.39
CA ASP A 123 -6.21 24.03 -68.90
C ASP A 123 -7.44 24.47 -68.12
N LEU A 124 -7.84 23.66 -67.14
CA LEU A 124 -8.91 24.02 -66.22
C LEU A 124 -8.38 24.73 -64.94
N TRP A 125 -7.49 25.69 -65.17
CA TRP A 125 -6.99 26.58 -64.14
C TRP A 125 -6.58 27.88 -64.80
N ASN A 126 -6.25 28.86 -63.98
CA ASN A 126 -5.89 30.21 -64.39
C ASN A 126 -4.52 30.57 -63.78
N ALA A 127 -3.53 30.80 -64.64
CA ALA A 127 -2.16 31.11 -64.26
C ALA A 127 -1.97 32.57 -63.82
N ILE A 128 -2.55 32.88 -62.65
CA ILE A 128 -2.33 34.13 -61.93
C ILE A 128 -2.14 33.85 -60.41
N ALA A 129 -1.61 34.85 -59.71
CA ALA A 129 -1.54 34.88 -58.22
C ALA A 129 -0.58 33.87 -57.61
N PRO A 130 0.70 33.93 -57.99
CA PRO A 130 1.71 33.04 -57.44
C PRO A 130 2.04 33.32 -55.96
N ALA A 131 2.44 32.24 -55.27
CA ALA A 131 2.99 32.34 -53.90
C ALA A 131 4.07 31.26 -53.72
N ILE A 132 5.24 31.63 -53.20
CA ILE A 132 6.38 30.71 -53.18
C ILE A 132 6.58 30.16 -51.75
N ILE A 133 6.78 28.85 -51.63
CA ILE A 133 6.95 28.18 -50.32
C ILE A 133 8.04 27.10 -50.39
N ALA A 134 8.95 27.09 -49.43
CA ALA A 134 9.92 26.02 -49.33
C ALA A 134 9.51 25.01 -48.26
N ASP A 135 9.94 23.77 -48.46
CA ASP A 135 9.67 22.67 -47.53
C ASP A 135 10.92 22.31 -46.71
N ASP A 136 10.86 21.22 -45.93
CA ASP A 136 11.96 20.82 -45.08
C ASP A 136 13.02 19.96 -45.80
N HIS A 137 12.80 19.67 -47.09
CA HIS A 137 13.58 18.71 -47.86
C HIS A 137 14.32 19.39 -49.00
N GLY A 138 14.63 20.67 -48.88
CA GLY A 138 15.43 21.36 -49.89
C GLY A 138 14.66 21.74 -51.18
N GLN A 139 13.33 21.67 -51.15
CA GLN A 139 12.53 21.88 -52.38
C GLN A 139 11.76 23.19 -52.28
N VAL A 140 11.52 23.83 -53.43
CA VAL A 140 10.76 25.08 -53.49
C VAL A 140 9.57 24.88 -54.43
N TRP A 141 8.42 25.37 -54.00
CA TRP A 141 7.13 25.16 -54.68
C TRP A 141 6.44 26.49 -55.01
N MET A 142 5.65 26.49 -56.09
CA MET A 142 4.71 27.59 -56.35
C MET A 142 3.29 27.11 -56.20
N SER A 143 2.50 27.85 -55.42
CA SER A 143 1.06 27.73 -55.45
C SER A 143 0.50 28.90 -56.29
N PHE A 144 -0.64 28.69 -56.91
CA PHE A 144 -1.28 29.76 -57.68
C PHE A 144 -2.72 29.39 -57.98
N GLY A 145 -3.48 30.34 -58.51
CA GLY A 145 -4.76 30.02 -59.09
C GLY A 145 -5.90 30.98 -58.77
N SER A 146 -6.96 30.86 -59.57
CA SER A 146 -8.17 31.73 -59.44
C SER A 146 -9.27 31.16 -60.30
N PHE A 147 -10.39 30.81 -59.68
CA PHE A 147 -11.57 30.28 -60.36
C PHE A 147 -11.23 28.98 -61.16
N TRP A 148 -11.97 28.71 -62.23
CA TRP A 148 -11.80 27.44 -62.95
C TRP A 148 -11.74 26.25 -61.95
N GLY A 149 -10.77 25.35 -62.10
CA GLY A 149 -10.63 24.14 -61.28
C GLY A 149 -9.79 24.33 -60.00
N GLY A 150 -9.62 25.59 -59.59
CA GLY A 150 -9.07 25.97 -58.31
C GLY A 150 -7.56 26.21 -58.20
N LEU A 151 -7.01 25.86 -57.02
CA LEU A 151 -5.66 26.25 -56.64
C LEU A 151 -4.72 25.06 -56.74
N LYS A 152 -3.55 25.30 -57.30
CA LYS A 152 -2.57 24.28 -57.60
C LYS A 152 -1.21 24.58 -56.98
N LEU A 153 -0.41 23.52 -56.84
CA LEU A 153 0.93 23.58 -56.31
C LEU A 153 1.84 22.77 -57.18
N PHE A 154 2.98 23.31 -57.61
CA PHE A 154 3.92 22.51 -58.39
C PHE A 154 5.33 22.78 -57.99
N LYS A 155 6.18 21.79 -58.24
CA LYS A 155 7.60 21.91 -57.88
C LYS A 155 8.42 22.76 -58.87
N LEU A 156 9.20 23.71 -58.34
CA LEU A 156 10.04 24.60 -59.19
C LEU A 156 11.40 24.00 -59.44
N ASN A 157 12.02 24.35 -60.57
CA ASN A 157 13.34 23.88 -60.92
C ASN A 157 14.37 24.57 -60.06
N ASP A 158 15.63 24.18 -60.26
CA ASP A 158 16.76 24.66 -59.45
C ASP A 158 16.98 26.16 -59.48
N ASP A 159 16.69 26.85 -60.62
CA ASP A 159 16.83 28.33 -60.66
C ASP A 159 15.58 29.10 -60.32
N LEU A 160 14.52 28.39 -59.96
CA LEU A 160 13.20 28.95 -59.64
C LEU A 160 12.50 29.73 -60.79
N THR A 161 12.83 29.38 -62.03
CA THR A 161 12.21 30.08 -63.19
C THR A 161 11.21 29.26 -64.01
N ARG A 162 11.18 27.93 -63.81
CA ARG A 162 10.27 27.06 -64.54
C ARG A 162 9.90 25.85 -63.67
N PRO A 163 8.84 25.12 -64.04
CA PRO A 163 8.52 23.84 -63.36
C PRO A 163 9.72 22.88 -63.42
N ALA A 164 10.02 22.19 -62.31
CA ALA A 164 11.01 21.12 -62.31
C ALA A 164 10.55 20.07 -63.32
N GLU A 165 11.49 19.37 -63.94
CA GLU A 165 11.20 18.26 -64.87
C GLU A 165 11.87 16.99 -64.34
N PRO A 166 11.18 15.85 -64.28
CA PRO A 166 9.77 15.70 -64.63
C PRO A 166 8.87 16.48 -63.66
N GLN A 167 7.71 16.92 -64.15
CA GLN A 167 6.84 17.80 -63.37
C GLN A 167 6.16 17.07 -62.24
N GLU A 168 5.91 17.78 -61.15
CA GLU A 168 5.10 17.29 -60.02
C GLU A 168 4.11 18.33 -59.56
N TRP A 169 2.83 17.96 -59.64
CA TRP A 169 1.72 18.84 -59.33
C TRP A 169 0.81 18.25 -58.29
N HIS A 170 0.15 19.12 -57.55
CA HIS A 170 -0.88 18.78 -56.58
C HIS A 170 -2.01 19.81 -56.53
N SER A 171 -3.25 19.34 -56.52
CA SER A 171 -4.36 20.22 -56.21
C SER A 171 -4.41 20.48 -54.69
N ILE A 172 -4.65 21.70 -54.27
CA ILE A 172 -4.67 22.06 -52.85
C ILE A 172 -5.99 22.64 -52.35
N ALA A 173 -6.77 23.32 -53.23
CA ALA A 173 -8.08 23.79 -52.83
C ALA A 173 -8.95 23.94 -54.07
N LYS A 174 -10.25 23.68 -53.91
CA LYS A 174 -11.21 23.67 -55.04
C LYS A 174 -12.61 23.96 -54.52
N LEU A 175 -13.44 24.58 -55.38
CA LEU A 175 -14.87 24.63 -55.17
C LEU A 175 -15.59 24.00 -56.40
N GLU A 176 -16.89 23.74 -56.27
CA GLU A 176 -17.62 22.88 -57.22
C GLU A 176 -17.60 23.49 -58.63
N ARG A 177 -17.45 22.61 -59.62
CA ARG A 177 -17.56 22.92 -61.07
C ARG A 177 -17.71 21.62 -61.84
N SER A 178 -18.68 21.58 -62.74
CA SER A 178 -18.85 20.47 -63.68
C SER A 178 -17.99 20.74 -64.90
N VAL A 179 -17.36 19.70 -65.43
CA VAL A 179 -16.55 19.87 -66.65
C VAL A 179 -17.39 20.12 -67.91
N LEU A 180 -18.69 19.93 -67.80
CA LEU A 180 -19.62 20.24 -68.91
C LEU A 180 -19.80 21.75 -69.13
N MET A 181 -19.41 22.56 -68.16
CA MET A 181 -19.37 24.02 -68.31
C MET A 181 -18.37 24.37 -69.42
N ASP A 182 -18.61 25.44 -70.17
CA ASP A 182 -17.61 25.84 -71.14
C ASP A 182 -16.27 26.15 -70.49
N ASP A 183 -15.20 25.57 -71.05
CA ASP A 183 -13.86 25.68 -70.48
C ASP A 183 -13.32 27.12 -70.39
N SER A 184 -13.85 28.00 -71.21
CA SER A 184 -13.39 29.38 -71.23
C SER A 184 -13.99 30.32 -70.14
N GLN A 185 -15.03 29.84 -69.46
CA GLN A 185 -15.76 30.59 -68.44
C GLN A 185 -15.18 30.34 -67.04
N ALA A 186 -15.07 31.38 -66.24
CA ALA A 186 -14.50 31.33 -64.88
C ALA A 186 -15.28 30.39 -63.90
N GLY A 187 -16.61 30.35 -64.02
CA GLY A 187 -17.42 29.49 -63.19
C GLY A 187 -17.87 30.18 -61.90
N SER A 188 -18.50 29.38 -61.06
CA SER A 188 -19.06 29.82 -59.78
C SER A 188 -18.13 29.53 -58.60
N ALA A 189 -16.98 28.94 -58.86
CA ALA A 189 -15.97 28.63 -57.85
C ALA A 189 -15.17 29.91 -57.47
N GLN A 190 -15.71 30.71 -56.55
CA GLN A 190 -15.12 32.00 -56.18
C GLN A 190 -14.06 31.75 -55.13
N ILE A 191 -12.91 31.28 -55.60
CA ILE A 191 -11.73 30.99 -54.80
C ILE A 191 -10.50 31.40 -55.54
N GLU A 192 -9.59 32.12 -54.89
CA GLU A 192 -8.33 32.53 -55.53
C GLU A 192 -7.23 32.92 -54.51
N ALA A 193 -6.06 33.20 -55.04
CA ALA A 193 -4.98 33.87 -54.32
C ALA A 193 -4.45 33.04 -53.13
N PRO A 194 -3.90 31.87 -53.39
CA PRO A 194 -3.37 31.06 -52.28
C PRO A 194 -2.16 31.73 -51.64
N PHE A 195 -1.98 31.50 -50.34
CA PHE A 195 -0.71 31.89 -49.72
C PHE A 195 -0.42 30.89 -48.61
N ILE A 196 0.80 30.34 -48.59
CA ILE A 196 1.16 29.35 -47.58
C ILE A 196 2.20 29.88 -46.57
N LEU A 197 1.90 29.69 -45.28
CA LEU A 197 2.84 30.04 -44.20
C LEU A 197 3.11 28.80 -43.33
N ARG A 198 4.38 28.51 -43.11
CA ARG A 198 4.79 27.46 -42.15
C ARG A 198 4.76 28.05 -40.77
N LYS A 199 4.04 27.38 -39.86
CA LYS A 199 4.04 27.74 -38.41
C LYS A 199 3.93 26.48 -37.54
N GLY A 200 4.89 26.30 -36.64
CA GLY A 200 4.97 25.07 -35.84
C GLY A 200 5.05 23.83 -36.70
N ASP A 201 4.17 22.86 -36.43
CA ASP A 201 4.20 21.58 -37.16
C ASP A 201 3.32 21.57 -38.43
N TYR A 202 2.72 22.69 -38.79
CA TYR A 202 1.82 22.73 -39.92
C TYR A 202 2.17 23.81 -40.95
N TYR A 203 1.74 23.52 -42.20
CA TYR A 203 1.64 24.51 -43.26
C TYR A 203 0.21 25.04 -43.25
N TYR A 204 0.06 26.37 -43.26
CA TYR A 204 -1.27 26.98 -43.31
C TYR A 204 -1.51 27.61 -44.69
N LEU A 205 -2.60 27.18 -45.33
CA LEU A 205 -3.03 27.70 -46.65
C LEU A 205 -4.11 28.71 -46.42
N PHE A 206 -3.82 29.96 -46.75
CA PHE A 206 -4.80 31.01 -46.77
C PHE A 206 -5.35 31.16 -48.23
N ALA A 207 -6.62 31.48 -48.34
CA ALA A 207 -7.27 31.69 -49.63
C ALA A 207 -8.38 32.72 -49.50
N SER A 208 -8.64 33.40 -50.63
CA SER A 208 -9.68 34.41 -50.70
C SER A 208 -10.94 33.78 -51.33
N TRP A 209 -12.08 33.95 -50.67
CA TRP A 209 -13.37 33.47 -51.17
C TRP A 209 -14.24 34.66 -51.55
N GLY A 210 -15.10 34.47 -52.54
CA GLY A 210 -16.10 35.46 -52.89
C GLY A 210 -15.61 36.44 -53.95
N LEU A 211 -16.29 37.59 -54.04
CA LEU A 211 -16.02 38.56 -55.11
C LEU A 211 -15.38 39.87 -54.63
N CYS A 212 -14.20 40.15 -55.17
CA CYS A 212 -13.52 41.42 -55.02
C CYS A 212 -14.03 42.50 -56.00
N CYS A 213 -13.59 43.72 -55.76
CA CYS A 213 -13.62 44.78 -56.77
C CYS A 213 -15.03 45.22 -57.15
N ARG A 214 -16.03 45.11 -56.27
CA ARG A 214 -17.39 45.57 -56.58
C ARG A 214 -18.16 46.41 -55.55
N LYS A 215 -17.42 47.36 -54.98
CA LYS A 215 -18.01 48.41 -54.19
C LYS A 215 -18.85 47.82 -53.05
N GLY A 216 -20.08 48.32 -52.90
CA GLY A 216 -21.00 47.93 -51.84
C GLY A 216 -21.40 46.48 -51.86
N ASP A 217 -21.14 45.77 -52.96
CA ASP A 217 -21.57 44.38 -53.10
C ASP A 217 -20.44 43.37 -52.95
N SER A 218 -19.24 43.82 -52.58
CA SER A 218 -18.11 42.90 -52.46
C SER A 218 -18.35 41.93 -51.30
N THR A 219 -18.02 40.66 -51.52
CA THR A 219 -18.16 39.61 -50.52
C THR A 219 -16.79 38.98 -50.18
N TYR A 220 -15.73 39.55 -50.73
CA TYR A 220 -14.35 39.05 -50.58
C TYR A 220 -14.00 38.90 -49.08
N HIS A 221 -13.45 37.75 -48.74
CA HIS A 221 -12.99 37.45 -47.36
C HIS A 221 -11.95 36.34 -47.35
N LEU A 222 -11.36 36.09 -46.17
CA LEU A 222 -10.28 35.10 -46.04
C LEU A 222 -10.69 33.88 -45.23
N VAL A 223 -10.30 32.73 -45.75
CA VAL A 223 -10.45 31.44 -45.11
C VAL A 223 -9.08 30.76 -45.04
N VAL A 224 -9.02 29.71 -44.20
CA VAL A 224 -7.76 29.01 -43.91
C VAL A 224 -7.98 27.50 -43.70
N GLY A 225 -6.95 26.73 -44.03
CA GLY A 225 -6.83 25.30 -43.71
C GLY A 225 -5.37 24.95 -43.40
N ARG A 226 -5.09 23.73 -42.92
CA ARG A 226 -3.74 23.36 -42.51
C ARG A 226 -3.41 21.92 -42.84
N SER A 227 -2.13 21.68 -43.12
CA SER A 227 -1.63 20.35 -43.52
C SER A 227 -0.28 20.07 -42.87
N LYS A 228 -0.02 18.81 -42.53
CA LYS A 228 1.33 18.43 -42.07
C LYS A 228 2.40 18.55 -43.18
N GLN A 229 2.06 18.20 -44.43
CA GLN A 229 3.02 18.33 -45.54
C GLN A 229 2.59 19.45 -46.50
N VAL A 230 3.57 20.04 -47.18
CA VAL A 230 3.25 21.19 -48.03
C VAL A 230 2.28 20.82 -49.20
N THR A 231 2.34 19.55 -49.63
CA THR A 231 1.57 19.00 -50.72
C THR A 231 0.13 18.58 -50.35
N GLY A 232 -0.31 18.82 -49.11
CA GLY A 232 -1.65 18.56 -48.65
C GLY A 232 -1.86 17.20 -47.98
N PRO A 233 -3.09 16.89 -47.61
CA PRO A 233 -4.27 17.77 -47.79
C PRO A 233 -4.42 18.82 -46.71
N TYR A 234 -4.92 20.00 -47.10
CA TYR A 234 -5.23 21.08 -46.20
C TYR A 234 -6.66 20.94 -45.69
N LEU A 235 -6.80 20.78 -44.38
CA LEU A 235 -8.06 20.59 -43.70
C LEU A 235 -8.47 21.81 -42.93
N ASP A 236 -9.77 22.04 -42.78
CA ASP A 236 -10.27 23.15 -41.99
C ASP A 236 -10.55 22.71 -40.52
N LYS A 237 -11.13 23.59 -39.70
CA LYS A 237 -11.40 23.30 -38.26
C LYS A 237 -12.34 22.09 -38.02
N THR A 238 -13.18 21.79 -39.01
CA THR A 238 -14.11 20.68 -38.94
C THR A 238 -13.56 19.41 -39.57
N GLY A 239 -12.36 19.45 -40.11
CA GLY A 239 -11.76 18.29 -40.76
C GLY A 239 -12.13 18.09 -42.23
N ARG A 240 -12.62 19.17 -42.84
CA ARG A 240 -12.97 19.15 -44.25
C ARG A 240 -11.82 19.63 -45.12
N ASP A 241 -11.50 18.79 -46.11
CA ASP A 241 -10.48 19.02 -47.13
C ASP A 241 -10.87 20.26 -47.99
N MET A 242 -9.95 21.22 -48.11
CA MET A 242 -10.13 22.39 -48.98
C MET A 242 -10.31 21.97 -50.47
N ASN A 243 -9.82 20.80 -50.86
CA ASN A 243 -10.12 20.23 -52.21
C ASN A 243 -11.57 19.86 -52.44
N GLN A 244 -12.39 19.87 -51.38
CA GLN A 244 -13.82 19.67 -51.49
C GLN A 244 -14.58 20.78 -50.81
N GLY A 245 -14.05 21.99 -50.90
CA GLY A 245 -14.76 23.16 -50.42
C GLY A 245 -14.59 23.50 -48.96
N GLY A 246 -13.67 22.80 -48.27
CA GLY A 246 -13.34 23.19 -46.90
C GLY A 246 -12.66 24.55 -46.80
N GLY A 247 -12.76 25.17 -45.62
CA GLY A 247 -12.08 26.42 -45.30
C GLY A 247 -12.78 27.10 -44.12
N SER A 248 -12.00 27.45 -43.10
CA SER A 248 -12.52 28.14 -41.94
C SER A 248 -12.27 29.63 -42.03
N LEU A 249 -13.28 30.40 -41.63
CA LEU A 249 -13.21 31.85 -41.59
C LEU A 249 -12.06 32.40 -40.75
N LEU A 250 -11.26 33.27 -41.34
CA LEU A 250 -10.24 34.04 -40.61
C LEU A 250 -10.67 35.48 -40.33
N ILE A 251 -11.09 36.20 -41.37
CA ILE A 251 -11.57 37.56 -41.23
C ILE A 251 -12.43 37.88 -42.45
N LYS A 252 -13.53 38.58 -42.16
CA LYS A 252 -14.46 39.14 -43.12
C LYS A 252 -14.68 40.61 -42.84
N GLY A 253 -15.34 41.27 -43.79
CA GLY A 253 -15.54 42.70 -43.70
C GLY A 253 -16.62 43.11 -42.77
N ASN A 254 -16.74 44.43 -42.60
CA ASN A 254 -17.75 45.04 -41.77
C ASN A 254 -18.30 46.33 -42.44
N LYS A 255 -19.03 47.15 -41.71
CA LYS A 255 -19.64 48.37 -42.28
C LYS A 255 -18.63 49.38 -42.87
N ARG A 256 -17.41 49.40 -42.33
CA ARG A 256 -16.40 50.36 -42.74
C ARG A 256 -15.50 49.81 -43.85
N TRP A 257 -15.36 48.49 -43.92
CA TRP A 257 -14.41 47.79 -44.80
C TRP A 257 -15.18 46.71 -45.55
N VAL A 258 -15.63 47.03 -46.78
CA VAL A 258 -16.58 46.15 -47.48
C VAL A 258 -15.83 45.33 -48.49
N GLY A 259 -15.49 44.12 -48.05
CA GLY A 259 -14.62 43.24 -48.78
C GLY A 259 -13.17 43.43 -48.40
N LEU A 260 -12.45 42.33 -48.28
CA LEU A 260 -11.03 42.36 -47.95
C LEU A 260 -10.40 41.05 -48.30
N GLY A 261 -9.09 41.00 -48.54
CA GLY A 261 -8.49 39.77 -48.94
C GLY A 261 -7.21 39.89 -49.74
N HIS A 262 -6.98 38.87 -50.56
CA HIS A 262 -5.75 38.62 -51.33
C HIS A 262 -4.51 38.86 -50.48
N ASN A 263 -4.32 38.00 -49.48
CA ASN A 263 -3.34 38.24 -48.44
C ASN A 263 -1.99 37.62 -48.68
N SER A 264 -1.04 38.09 -47.87
CA SER A 264 0.20 37.41 -47.62
C SER A 264 0.32 37.33 -46.05
N ALA A 265 1.41 36.73 -45.59
CA ALA A 265 1.62 36.47 -44.14
C ALA A 265 3.11 36.19 -43.92
N TYR A 266 3.65 36.71 -42.82
CA TYR A 266 5.07 36.67 -42.57
C TYR A 266 5.38 36.57 -41.09
N THR A 267 6.55 35.98 -40.85
CA THR A 267 7.18 35.96 -39.55
C THR A 267 8.41 36.86 -39.62
N TRP A 268 8.38 37.95 -38.85
CA TRP A 268 9.47 38.91 -38.72
C TRP A 268 9.88 39.04 -37.23
N ASP A 269 11.14 38.73 -36.93
CA ASP A 269 11.69 38.94 -35.57
C ASP A 269 10.79 38.31 -34.49
N GLY A 270 10.32 37.09 -34.75
CA GLY A 270 9.68 36.27 -33.72
C GLY A 270 8.21 36.56 -33.52
N LYS A 271 7.59 37.34 -34.41
CA LYS A 271 6.15 37.60 -34.34
C LYS A 271 5.52 37.47 -35.73
N ASP A 272 4.22 37.26 -35.79
CA ASP A 272 3.57 36.96 -37.06
C ASP A 272 2.60 38.05 -37.49
N TYR A 273 2.46 38.23 -38.82
CA TYR A 273 1.73 39.35 -39.40
C TYR A 273 0.92 38.88 -40.63
N LEU A 274 -0.28 39.38 -40.72
CA LEU A 274 -1.18 39.19 -41.88
C LEU A 274 -1.20 40.54 -42.68
N VAL A 275 -1.02 40.47 -43.99
CA VAL A 275 -0.88 41.66 -44.90
C VAL A 275 -1.99 41.51 -45.97
N LEU A 276 -2.83 42.51 -46.13
CA LEU A 276 -3.98 42.41 -47.05
C LEU A 276 -4.46 43.77 -47.55
N HIS A 277 -5.39 43.76 -48.53
CA HIS A 277 -6.09 44.99 -48.87
C HIS A 277 -7.54 44.92 -48.43
N ALA A 278 -8.11 46.09 -48.19
CA ALA A 278 -9.46 46.21 -47.73
C ALA A 278 -10.11 47.46 -48.31
N TYR A 279 -11.38 47.33 -48.76
CA TYR A 279 -12.05 48.44 -49.47
C TYR A 279 -12.78 49.39 -48.50
N GLU A 280 -12.38 50.65 -48.47
CA GLU A 280 -12.85 51.59 -47.46
C GLU A 280 -14.13 52.24 -47.91
N ALA A 281 -15.23 51.91 -47.25
CA ALA A 281 -16.54 52.42 -47.64
C ALA A 281 -16.63 53.93 -47.59
N ALA A 282 -15.96 54.59 -46.63
CA ALA A 282 -16.03 56.03 -46.49
C ALA A 282 -15.17 56.80 -47.54
N ASP A 283 -14.41 56.07 -48.36
CA ASP A 283 -13.52 56.67 -49.37
C ASP A 283 -13.75 56.00 -50.74
N ASN A 284 -14.99 56.04 -51.24
CA ASN A 284 -15.32 55.39 -52.52
C ASN A 284 -14.89 53.94 -52.72
N TYR A 285 -14.86 53.16 -51.65
CA TYR A 285 -14.39 51.77 -51.71
C TYR A 285 -12.98 51.58 -52.25
N LEU A 286 -12.13 52.58 -52.05
CA LEU A 286 -10.72 52.49 -52.45
C LEU A 286 -9.92 51.59 -51.47
N GLN A 287 -9.34 50.57 -52.04
CA GLN A 287 -8.52 49.56 -51.38
C GLN A 287 -7.33 50.22 -50.65
N LYS A 288 -7.17 49.91 -49.35
CA LYS A 288 -6.06 50.39 -48.56
C LYS A 288 -5.25 49.17 -48.05
N LEU A 289 -3.94 49.39 -47.89
CA LEU A 289 -3.07 48.46 -47.16
C LEU A 289 -3.50 48.29 -45.71
N LYS A 290 -3.51 47.04 -45.25
CA LYS A 290 -3.73 46.74 -43.83
C LYS A 290 -2.72 45.65 -43.39
N ILE A 291 -2.03 45.90 -42.27
CA ILE A 291 -1.16 44.91 -41.62
C ILE A 291 -1.74 44.67 -40.21
N LEU A 292 -2.04 43.41 -39.90
CA LEU A 292 -2.66 42.99 -38.64
C LEU A 292 -1.76 42.02 -37.91
N ASN A 293 -1.80 42.06 -36.58
CA ASN A 293 -1.06 41.06 -35.77
C ASN A 293 -1.77 39.72 -35.84
N LEU A 294 -1.00 38.69 -36.16
CA LEU A 294 -1.52 37.36 -36.35
C LEU A 294 -1.25 36.55 -35.06
N HIS A 295 -2.33 36.14 -34.41
CA HIS A 295 -2.29 35.30 -33.17
C HIS A 295 -2.69 33.84 -33.47
N TRP A 296 -2.52 32.96 -32.48
CA TRP A 296 -2.84 31.52 -32.61
C TRP A 296 -3.59 31.06 -31.37
N ASP A 297 -4.72 30.39 -31.59
CA ASP A 297 -5.61 29.98 -30.50
C ASP A 297 -5.21 28.63 -29.92
N GLY A 298 -5.95 28.22 -28.89
CA GLY A 298 -5.72 26.98 -28.14
C GLY A 298 -5.84 25.68 -28.92
N GLU A 299 -6.49 25.76 -30.10
CA GLU A 299 -6.60 24.61 -31.00
C GLU A 299 -5.62 24.64 -32.20
N GLY A 300 -4.74 25.63 -32.25
CA GLY A 300 -3.71 25.69 -33.27
C GLY A 300 -4.11 26.44 -34.56
N TRP A 301 -5.10 27.32 -34.47
CA TRP A 301 -5.64 28.07 -35.63
C TRP A 301 -5.36 29.57 -35.52
N PRO A 302 -5.10 30.20 -36.66
CA PRO A 302 -4.81 31.64 -36.65
C PRO A 302 -6.03 32.46 -36.31
N GLN A 303 -5.78 33.59 -35.69
CA GLN A 303 -6.80 34.52 -35.24
C GLN A 303 -6.27 35.96 -35.39
N VAL A 304 -7.14 36.86 -35.84
CA VAL A 304 -6.84 38.30 -35.89
C VAL A 304 -7.94 39.15 -35.24
N ASP A 305 -7.59 40.36 -34.85
CA ASP A 305 -8.51 41.29 -34.20
C ASP A 305 -8.97 42.27 -35.29
N GLU A 306 -10.24 42.19 -35.69
CA GLU A 306 -10.72 43.00 -36.82
C GLU A 306 -10.70 44.52 -36.54
N LYS A 307 -10.58 44.91 -35.28
CA LYS A 307 -10.38 46.33 -34.93
C LYS A 307 -9.14 46.93 -35.54
N GLU A 308 -8.11 46.10 -35.81
CA GLU A 308 -6.89 46.60 -36.46
C GLU A 308 -7.10 47.07 -37.93
N LEU A 309 -8.21 46.66 -38.55
CA LEU A 309 -8.60 47.31 -39.83
C LEU A 309 -8.72 48.81 -39.67
N ASP A 310 -9.16 49.29 -38.49
CA ASP A 310 -9.23 50.73 -38.21
C ASP A 310 -7.95 51.34 -37.65
N SER A 311 -7.25 50.63 -36.77
CA SER A 311 -6.11 51.23 -36.05
C SER A 311 -4.78 51.14 -36.79
N TYR A 312 -4.68 50.25 -37.78
CA TYR A 312 -3.51 50.27 -38.69
C TYR A 312 -3.81 51.31 -39.80
N ILE A 313 -3.06 52.38 -39.78
CA ILE A 313 -3.22 53.55 -40.68
C ILE A 313 -1.89 53.89 -41.38
N SER A 314 -1.69 53.33 -42.58
CA SER A 314 -0.55 53.64 -43.40
C SER A 314 -0.61 55.12 -43.80
N GLN A 315 0.55 55.65 -44.17
CA GLN A 315 0.70 57.04 -44.60
C GLN A 315 1.58 57.06 -45.86
N ARG A 316 1.06 57.67 -46.93
CA ARG A 316 1.83 57.89 -48.15
C ARG A 316 2.66 59.18 -48.09
N LEU A 317 3.97 58.99 -48.05
CA LEU A 317 4.96 60.06 -48.00
C LEU A 317 5.13 60.76 -49.36
N LYS A 318 5.50 62.03 -49.33
CA LYS A 318 5.96 62.72 -50.56
C LYS A 318 7.28 62.14 -51.09
N ALA B 2 10.67 19.46 45.76
CA ALA B 2 10.32 18.64 46.95
C ALA B 2 9.82 17.19 46.64
N LYS B 3 9.60 16.86 45.37
CA LYS B 3 9.49 15.46 44.92
C LYS B 3 10.85 14.94 44.47
N GLN B 4 11.08 13.63 44.56
CA GLN B 4 12.26 12.99 43.93
C GLN B 4 12.16 13.10 42.39
N VAL B 5 13.33 13.14 41.75
CA VAL B 5 13.41 13.21 40.30
C VAL B 5 13.03 11.86 39.66
N ASP B 6 12.00 11.89 38.83
CA ASP B 6 11.62 10.70 38.04
C ASP B 6 12.35 10.67 36.70
N VAL B 7 13.12 9.61 36.53
CA VAL B 7 13.88 9.32 35.33
C VAL B 7 13.79 7.84 35.02
N HIS B 8 14.16 7.47 33.81
CA HIS B 8 14.24 6.09 33.34
C HIS B 8 15.49 6.01 32.44
N ASP B 9 16.35 5.01 32.68
CA ASP B 9 17.55 4.75 31.87
C ASP B 9 18.56 5.87 31.94
N PRO B 10 18.90 6.30 33.15
CA PRO B 10 19.72 7.51 33.33
C PRO B 10 21.20 7.38 32.98
N VAL B 11 21.75 8.49 32.48
CA VAL B 11 23.18 8.70 32.34
C VAL B 11 23.54 10.13 32.78
N MET B 12 24.81 10.35 33.03
CA MET B 12 25.29 11.60 33.60
C MET B 12 26.66 11.99 33.09
N THR B 13 26.97 13.29 33.14
CA THR B 13 28.29 13.80 32.87
C THR B 13 28.56 15.15 33.56
N ARG B 14 29.82 15.58 33.55
CA ARG B 14 30.16 16.86 34.17
C ARG B 14 30.87 17.83 33.23
N GLU B 15 30.39 19.08 33.21
CA GLU B 15 31.02 20.18 32.48
C GLU B 15 31.35 21.28 33.48
N GLY B 16 32.63 21.62 33.57
CA GLY B 16 33.12 22.48 34.64
C GLY B 16 32.62 22.05 36.02
N ASP B 17 31.87 22.95 36.66
CA ASP B 17 31.25 22.74 37.98
C ASP B 17 29.83 22.17 37.97
N THR B 18 29.30 21.83 36.81
CA THR B 18 27.87 21.51 36.67
C THR B 18 27.65 20.11 36.20
N TRP B 19 26.79 19.39 36.93
CA TRP B 19 26.39 18.03 36.57
C TRP B 19 25.19 18.07 35.65
N TYR B 20 25.18 17.18 34.67
CA TYR B 20 24.04 16.99 33.77
C TYR B 20 23.54 15.57 33.77
N LEU B 21 22.21 15.42 33.76
CA LEU B 21 21.55 14.14 33.82
C LEU B 21 20.60 14.00 32.62
N PHE B 22 20.65 12.85 31.95
CA PHE B 22 19.87 12.61 30.73
C PHE B 22 18.98 11.40 30.94
N SER B 23 17.73 11.51 30.53
CA SER B 23 16.74 10.45 30.72
C SER B 23 15.95 10.18 29.45
N THR B 24 15.49 8.93 29.30
CA THR B 24 14.41 8.62 28.42
C THR B 24 13.27 9.65 28.61
N GLY B 25 12.70 10.10 27.49
CA GLY B 25 11.62 11.06 27.51
C GLY B 25 11.50 11.77 26.17
N PRO B 26 10.54 12.70 26.06
CA PRO B 26 10.38 13.52 24.84
C PRO B 26 11.66 14.26 24.42
N GLY B 27 12.24 13.88 23.29
CA GLY B 27 13.44 14.53 22.77
C GLY B 27 14.72 14.31 23.55
N ILE B 28 14.69 13.34 24.46
CA ILE B 28 15.67 13.17 25.57
C ILE B 28 15.59 14.33 26.56
N THR B 29 15.23 14.02 27.82
CA THR B 29 15.15 14.99 28.90
C THR B 29 16.53 15.25 29.55
N ILE B 30 16.85 16.53 29.78
CA ILE B 30 18.13 16.96 30.33
C ILE B 30 17.89 17.81 31.58
N TYR B 31 18.57 17.46 32.68
CA TYR B 31 18.52 18.18 33.94
C TYR B 31 19.94 18.65 34.34
N SER B 32 20.02 19.69 35.17
CA SER B 32 21.31 20.18 35.67
C SER B 32 21.34 20.29 37.19
N SER B 33 22.55 20.27 37.77
CA SER B 33 22.70 20.33 39.22
C SER B 33 24.10 20.72 39.65
N LYS B 34 24.19 21.45 40.74
CA LYS B 34 25.50 21.83 41.27
C LYS B 34 26.03 20.80 42.32
N ASP B 35 25.16 19.87 42.76
CA ASP B 35 25.52 18.93 43.87
C ASP B 35 25.17 17.45 43.70
N ARG B 36 24.55 17.08 42.59
CA ARG B 36 24.13 15.72 42.28
C ARG B 36 22.89 15.27 43.07
N VAL B 37 22.30 16.18 43.82
CA VAL B 37 21.11 15.85 44.62
C VAL B 37 19.90 16.71 44.24
N ASN B 38 20.12 18.01 44.11
CA ASN B 38 19.08 18.97 43.77
C ASN B 38 19.16 19.32 42.29
N TRP B 39 18.15 18.93 41.52
CA TRP B 39 18.18 19.00 40.04
C TRP B 39 17.13 19.96 39.47
N ARG B 40 17.54 20.79 38.50
CA ARG B 40 16.58 21.57 37.70
C ARG B 40 16.52 21.16 36.21
N TYR B 41 15.32 21.24 35.66
CA TYR B 41 15.12 21.01 34.22
C TYR B 41 16.00 21.97 33.43
N SER B 42 16.71 21.43 32.45
CA SER B 42 17.60 22.21 31.59
C SER B 42 17.03 22.37 30.15
N ASP B 43 16.70 21.25 29.51
CA ASP B 43 16.31 21.25 28.08
C ASP B 43 15.80 19.88 27.64
N ARG B 44 15.32 19.82 26.40
CA ARG B 44 15.20 18.55 25.70
C ARG B 44 16.02 18.67 24.44
N ALA B 45 16.84 17.65 24.14
CA ALA B 45 17.83 17.77 23.05
C ALA B 45 17.16 18.06 21.71
N PHE B 46 16.12 17.30 21.37
CA PHE B 46 15.26 17.58 20.20
C PHE B 46 14.01 18.31 20.63
N ALA B 47 13.79 19.50 20.06
CA ALA B 47 12.54 20.27 20.31
C ALA B 47 11.31 19.47 19.87
N THR B 48 11.48 18.69 18.78
CA THR B 48 10.45 17.77 18.30
C THR B 48 10.98 16.35 18.31
N GLU B 49 11.38 15.90 17.13
CA GLU B 49 11.96 14.59 16.95
C GLU B 49 13.01 14.56 15.88
N PRO B 50 13.81 13.50 15.86
CA PRO B 50 14.76 13.32 14.77
C PRO B 50 13.97 13.29 13.45
N THR B 51 14.50 13.87 12.37
CA THR B 51 13.74 13.97 11.11
C THR B 51 13.50 12.61 10.46
N TRP B 52 14.41 11.67 10.73
CA TRP B 52 14.37 10.32 10.17
C TRP B 52 13.56 9.30 11.00
N ALA B 53 13.05 9.69 12.16
CA ALA B 53 12.48 8.75 13.14
C ALA B 53 11.28 7.94 12.60
N LYS B 54 10.39 8.56 11.83
CA LYS B 54 9.15 7.91 11.46
C LYS B 54 9.36 6.87 10.38
N ARG B 55 10.45 6.96 9.66
CA ARG B 55 10.83 5.92 8.74
C ARG B 55 11.20 4.61 9.44
N VAL B 56 12.01 4.70 10.49
CA VAL B 56 12.41 3.50 11.25
C VAL B 56 11.19 3.00 12.04
N SER B 57 10.49 3.93 12.66
CA SER B 57 9.35 3.64 13.54
C SER B 57 8.13 4.44 13.10
N PRO B 58 7.34 3.90 12.15
CA PRO B 58 6.21 4.64 11.54
C PRO B 58 5.23 5.30 12.53
N SER B 59 5.01 4.63 13.65
CA SER B 59 4.10 5.08 14.71
C SER B 59 4.79 5.89 15.85
N PHE B 60 6.08 6.21 15.68
CA PHE B 60 6.87 6.98 16.66
C PHE B 60 6.03 8.03 17.44
N ASP B 61 6.02 7.90 18.78
CA ASP B 61 5.28 8.80 19.71
C ASP B 61 6.03 10.08 20.13
N GLY B 62 7.28 10.28 19.69
CA GLY B 62 8.07 11.39 20.18
C GLY B 62 8.98 11.08 21.38
N HIS B 63 8.79 9.94 22.05
CA HIS B 63 9.70 9.51 23.16
C HIS B 63 10.98 8.83 22.67
N LEU B 64 12.14 9.42 22.97
CA LEU B 64 13.42 8.81 22.68
C LEU B 64 13.90 8.01 23.91
N TRP B 65 14.59 6.92 23.65
CA TRP B 65 14.94 5.94 24.69
C TRP B 65 16.44 5.85 24.95
N ALA B 66 16.79 5.70 26.24
CA ALA B 66 18.07 5.13 26.65
C ALA B 66 19.28 5.88 26.16
N PRO B 67 19.42 7.13 26.58
CA PRO B 67 20.55 7.93 26.09
C PRO B 67 21.88 7.46 26.64
N ASP B 68 22.95 7.77 25.93
CA ASP B 68 24.30 7.77 26.50
C ASP B 68 25.01 9.06 26.16
N ILE B 69 25.77 9.58 27.13
CA ILE B 69 26.49 10.85 26.96
C ILE B 69 27.97 10.55 27.08
N TYR B 70 28.75 11.09 26.15
CA TYR B 70 30.16 10.78 25.97
C TYR B 70 30.95 12.03 25.53
N GLN B 71 32.03 12.35 26.23
CA GLN B 71 32.88 13.51 25.90
C GLN B 71 34.10 13.06 25.09
N HIS B 72 34.35 13.76 23.97
CA HIS B 72 35.39 13.40 23.01
C HIS B 72 35.79 14.62 22.18
N LYS B 73 37.09 14.88 22.19
CA LYS B 73 37.76 16.02 21.56
C LYS B 73 37.03 17.36 21.71
N GLY B 74 36.62 17.64 22.96
CA GLY B 74 35.99 18.90 23.30
C GLY B 74 34.53 19.02 22.92
N LEU B 75 33.90 17.94 22.48
CA LEU B 75 32.47 17.93 22.16
C LEU B 75 31.69 16.96 23.04
N PHE B 76 30.37 17.11 23.02
CA PHE B 76 29.46 16.25 23.74
C PHE B 76 28.63 15.44 22.72
N TYR B 77 28.75 14.11 22.77
CA TYR B 77 28.05 13.19 21.90
C TYR B 77 26.94 12.54 22.68
N LEU B 78 25.71 12.77 22.23
CA LEU B 78 24.51 12.22 22.87
C LEU B 78 23.92 11.18 21.93
N TYR B 79 24.10 9.92 22.31
CA TYR B 79 23.47 8.78 21.62
C TYR B 79 22.05 8.55 22.15
N TYR B 80 21.13 8.11 21.29
CA TYR B 80 19.69 8.00 21.60
C TYR B 80 19.03 6.90 20.73
N SER B 81 17.90 6.36 21.18
CA SER B 81 17.25 5.27 20.49
C SER B 81 15.83 5.66 20.03
N VAL B 82 15.56 5.37 18.75
CA VAL B 82 14.23 5.48 18.17
C VAL B 82 13.70 4.03 18.04
N SER B 83 12.52 3.75 18.55
CA SER B 83 12.02 2.36 18.55
C SER B 83 10.49 2.28 18.62
N ALA B 84 9.98 1.06 18.87
CA ALA B 84 8.56 0.79 19.06
C ALA B 84 8.44 -0.41 20.01
N PHE B 85 7.55 -0.30 20.98
CA PHE B 85 7.43 -1.30 22.04
C PHE B 85 7.10 -2.68 21.43
N GLY B 86 7.90 -3.68 21.78
CA GLY B 86 7.70 -5.05 21.34
C GLY B 86 8.23 -5.39 19.94
N LYS B 87 8.94 -4.45 19.32
CA LYS B 87 9.51 -4.62 17.99
C LYS B 87 10.99 -4.30 17.94
N ASN B 88 11.65 -4.82 16.91
CA ASN B 88 13.00 -4.42 16.61
C ASN B 88 13.12 -3.51 15.38
N THR B 89 12.07 -2.74 15.11
CA THR B 89 12.14 -1.61 14.17
C THR B 89 12.77 -0.48 14.96
N SER B 90 14.08 -0.45 14.96
CA SER B 90 14.83 0.41 15.87
C SER B 90 16.10 0.94 15.24
N ALA B 91 16.55 2.09 15.72
CA ALA B 91 17.86 2.61 15.39
C ALA B 91 18.42 3.52 16.49
N ILE B 92 19.74 3.51 16.56
CA ILE B 92 20.45 4.40 17.42
C ILE B 92 21.07 5.52 16.63
N GLY B 93 20.78 6.74 17.06
CA GLY B 93 21.34 7.92 16.43
C GLY B 93 22.29 8.62 17.36
N VAL B 94 22.95 9.68 16.86
CA VAL B 94 23.78 10.56 17.69
C VAL B 94 23.67 12.02 17.27
N THR B 95 23.53 12.87 18.28
CA THR B 95 23.56 14.33 18.10
C THR B 95 24.68 14.95 18.95
N VAL B 96 25.25 16.06 18.48
CA VAL B 96 26.49 16.62 19.03
C VAL B 96 26.36 18.09 19.44
N ASN B 97 27.00 18.49 20.53
CA ASN B 97 26.97 19.88 21.03
C ASN B 97 28.33 20.34 21.53
N LYS B 98 28.65 21.61 21.34
CA LYS B 98 29.89 22.22 21.84
C LYS B 98 29.83 22.37 23.37
N THR B 99 28.63 22.40 23.93
CA THR B 99 28.44 22.66 25.35
C THR B 99 27.09 22.17 25.87
N LEU B 100 26.96 22.05 27.19
CA LEU B 100 25.68 21.64 27.82
C LEU B 100 24.92 22.77 28.49
N ASN B 101 25.56 23.94 28.61
CA ASN B 101 24.92 25.12 29.18
C ASN B 101 23.98 25.84 28.16
N PRO B 102 22.65 25.77 28.35
CA PRO B 102 21.68 26.29 27.37
C PRO B 102 21.69 27.80 27.15
N ALA B 103 22.31 28.50 28.09
CA ALA B 103 22.41 29.94 28.04
C ALA B 103 23.64 30.40 27.26
N SER B 104 24.55 29.49 26.91
CA SER B 104 25.75 29.82 26.13
C SER B 104 25.46 30.05 24.63
N PRO B 105 26.12 31.03 24.00
CA PRO B 105 26.01 31.21 22.53
C PRO B 105 26.39 29.99 21.68
N ASP B 106 27.26 29.13 22.21
CA ASP B 106 27.67 27.92 21.48
C ASP B 106 26.75 26.70 21.65
N TYR B 107 25.69 26.82 22.44
CA TYR B 107 24.77 25.70 22.69
C TYR B 107 23.86 25.46 21.49
N ARG B 108 24.10 24.34 20.81
CA ARG B 108 23.11 23.74 19.92
C ARG B 108 23.48 22.31 19.53
N TRP B 109 22.45 21.48 19.60
CA TRP B 109 22.52 20.10 19.23
C TRP B 109 22.38 19.97 17.71
N GLU B 110 23.32 19.25 17.11
CA GLU B 110 23.39 19.02 15.67
C GLU B 110 23.31 17.51 15.37
N ASP B 111 22.15 17.06 14.90
CA ASP B 111 21.95 15.63 14.63
C ASP B 111 22.86 15.10 13.51
N LYS B 112 23.52 13.96 13.76
CA LYS B 112 24.37 13.33 12.77
C LYS B 112 23.74 12.09 12.13
N GLY B 113 22.52 11.75 12.52
CA GLY B 113 21.80 10.65 11.90
C GLY B 113 22.02 9.30 12.52
N ILE B 114 21.77 8.25 11.73
CA ILE B 114 21.73 6.86 12.21
C ILE B 114 23.15 6.25 12.30
N VAL B 115 23.49 5.74 13.47
CA VAL B 115 24.72 5.01 13.69
C VAL B 115 24.56 3.55 13.28
N ILE B 116 23.53 2.91 13.84
CA ILE B 116 23.18 1.54 13.48
C ILE B 116 21.66 1.32 13.56
N GLU B 117 21.11 0.48 12.66
CA GLU B 117 19.67 0.19 12.61
C GLU B 117 19.48 -1.33 12.57
N SER B 118 18.51 -1.83 13.34
CA SER B 118 18.05 -3.20 13.21
C SER B 118 16.87 -3.30 12.26
N VAL B 119 16.95 -4.24 11.33
CA VAL B 119 15.88 -4.50 10.37
C VAL B 119 15.21 -5.85 10.65
N PRO B 120 13.90 -5.87 10.91
CA PRO B 120 13.19 -7.14 11.12
C PRO B 120 13.46 -8.18 10.04
N GLN B 121 13.81 -9.39 10.47
CA GLN B 121 14.01 -10.58 9.63
C GLN B 121 15.42 -10.64 9.02
N ARG B 122 16.15 -9.52 9.05
CA ARG B 122 17.56 -9.50 8.72
C ARG B 122 18.40 -9.71 9.99
N ASP B 123 18.11 -8.92 11.02
CA ASP B 123 18.95 -8.88 12.22
C ASP B 123 18.29 -9.54 13.41
N LEU B 124 19.01 -10.43 14.09
CA LEU B 124 18.51 -11.06 15.33
C LEU B 124 19.03 -10.32 16.57
N TRP B 125 18.78 -9.02 16.55
CA TRP B 125 19.18 -8.09 17.60
C TRP B 125 18.33 -6.84 17.43
N ASN B 126 18.33 -6.03 18.48
CA ASN B 126 17.53 -4.81 18.60
C ASN B 126 18.41 -3.62 18.86
N ALA B 127 18.39 -2.68 17.92
CA ALA B 127 19.23 -1.47 17.96
C ALA B 127 18.69 -0.38 18.92
N ILE B 128 18.72 -0.68 20.23
CA ILE B 128 18.45 0.27 21.28
C ILE B 128 19.50 0.15 22.40
N ALA B 129 19.58 1.18 23.22
CA ALA B 129 20.37 1.20 24.47
C ALA B 129 21.89 1.16 24.28
N PRO B 130 22.40 2.19 23.60
CA PRO B 130 23.84 2.35 23.40
C PRO B 130 24.63 2.69 24.70
N ALA B 131 25.86 2.22 24.72
CA ALA B 131 26.90 2.70 25.67
C ALA B 131 28.25 2.76 25.04
N ILE B 132 28.95 3.88 25.23
CA ILE B 132 30.26 4.10 24.61
C ILE B 132 31.40 3.78 25.58
N ILE B 133 32.42 3.10 25.06
CA ILE B 133 33.59 2.68 25.84
C ILE B 133 34.86 2.82 25.03
N ALA B 134 35.87 3.46 25.60
CA ALA B 134 37.22 3.55 25.00
C ALA B 134 38.10 2.48 25.64
N ASP B 135 38.88 1.80 24.83
CA ASP B 135 39.86 0.87 25.33
C ASP B 135 41.21 1.53 25.59
N ASP B 136 42.16 0.70 26.00
CA ASP B 136 43.48 1.12 26.41
C ASP B 136 44.37 1.47 25.22
N HIS B 137 43.81 1.30 24.00
CA HIS B 137 44.50 1.71 22.78
C HIS B 137 43.93 3.00 22.17
N GLY B 138 42.98 3.64 22.81
CA GLY B 138 42.33 4.82 22.25
C GLY B 138 41.25 4.51 21.21
N GLN B 139 40.90 3.24 21.03
CA GLN B 139 39.82 2.80 20.13
C GLN B 139 38.49 2.93 20.87
N VAL B 140 37.45 3.45 20.22
CA VAL B 140 36.13 3.65 20.82
C VAL B 140 35.11 2.68 20.25
N TRP B 141 34.32 2.10 21.13
CA TRP B 141 33.38 1.03 20.79
C TRP B 141 31.98 1.40 21.28
N MET B 142 30.96 0.86 20.63
CA MET B 142 29.61 0.93 21.13
C MET B 142 29.13 -0.47 21.53
N SER B 143 28.56 -0.60 22.73
CA SER B 143 27.76 -1.79 23.09
C SER B 143 26.28 -1.43 23.04
N PHE B 144 25.42 -2.38 22.74
CA PHE B 144 23.98 -2.12 22.70
C PHE B 144 23.21 -3.41 22.74
N GLY B 145 21.89 -3.32 22.89
CA GLY B 145 21.00 -4.45 22.68
C GLY B 145 19.88 -4.62 23.71
N SER B 146 18.90 -5.42 23.33
CA SER B 146 17.73 -5.70 24.15
C SER B 146 16.95 -6.88 23.56
N PHE B 147 16.83 -7.98 24.33
CA PHE B 147 16.12 -9.18 23.92
C PHE B 147 16.68 -9.73 22.56
N TRP B 148 15.85 -10.39 21.75
CA TRP B 148 16.30 -11.04 20.52
C TRP B 148 17.56 -11.91 20.83
N GLY B 149 18.65 -11.73 20.10
CA GLY B 149 19.86 -12.53 20.26
C GLY B 149 20.95 -11.93 21.14
N GLY B 150 20.55 -10.93 21.92
CA GLY B 150 21.36 -10.38 22.99
C GLY B 150 22.11 -9.10 22.73
N LEU B 151 23.23 -8.95 23.42
CA LEU B 151 24.00 -7.74 23.49
C LEU B 151 25.24 -7.86 22.62
N LYS B 152 25.52 -6.77 21.89
CA LYS B 152 26.63 -6.70 20.94
C LYS B 152 27.56 -5.53 21.19
N LEU B 153 28.75 -5.65 20.67
CA LEU B 153 29.77 -4.61 20.70
C LEU B 153 30.36 -4.43 19.26
N PHE B 154 30.49 -3.21 18.78
CA PHE B 154 31.23 -2.97 17.49
C PHE B 154 32.11 -1.73 17.56
N LYS B 155 33.16 -1.67 16.72
CA LYS B 155 34.07 -0.56 16.69
C LYS B 155 33.52 0.65 15.93
N LEU B 156 33.63 1.83 16.52
CA LEU B 156 33.17 3.07 15.89
C LEU B 156 34.21 3.65 14.98
N ASN B 157 33.75 4.40 13.96
CA ASN B 157 34.68 5.12 13.06
C ASN B 157 35.31 6.33 13.79
N ASP B 158 36.23 7.01 13.11
CA ASP B 158 36.99 8.12 13.70
C ASP B 158 36.10 9.29 14.16
N ASP B 159 34.98 9.51 13.47
CA ASP B 159 33.99 10.57 13.81
C ASP B 159 33.03 10.18 14.93
N LEU B 160 33.01 8.90 15.31
CA LEU B 160 32.10 8.37 16.28
C LEU B 160 30.64 8.38 15.85
N THR B 161 30.36 8.42 14.52
CA THR B 161 28.96 8.48 14.01
C THR B 161 28.47 7.22 13.28
N ARG B 162 29.36 6.28 12.93
CA ARG B 162 29.03 5.08 12.18
C ARG B 162 29.96 3.92 12.58
N PRO B 163 29.62 2.65 12.29
CA PRO B 163 30.62 1.57 12.40
C PRO B 163 31.86 1.83 11.55
N ALA B 164 33.00 1.51 12.14
CA ALA B 164 34.24 1.53 11.40
C ALA B 164 34.19 0.49 10.28
N GLU B 165 34.90 0.77 9.21
CA GLU B 165 34.91 -0.10 8.04
C GLU B 165 36.36 -0.48 7.77
N PRO B 166 36.66 -1.76 7.52
CA PRO B 166 35.70 -2.87 7.56
C PRO B 166 35.19 -3.12 8.98
N GLN B 167 33.98 -3.65 9.10
CA GLN B 167 33.32 -3.73 10.38
C GLN B 167 33.94 -4.81 11.29
N GLU B 168 33.99 -4.52 12.59
CA GLU B 168 34.39 -5.49 13.64
C GLU B 168 33.34 -5.60 14.78
N TRP B 169 32.73 -6.79 14.89
CA TRP B 169 31.66 -7.06 15.83
C TRP B 169 32.02 -8.21 16.80
N HIS B 170 31.43 -8.15 17.98
CA HIS B 170 31.51 -9.19 19.02
C HIS B 170 30.21 -9.37 19.79
N SER B 171 29.80 -10.62 20.02
CA SER B 171 28.71 -10.87 20.98
C SER B 171 29.29 -10.80 22.42
N ILE B 172 28.62 -10.12 23.34
CA ILE B 172 29.12 -9.98 24.74
C ILE B 172 28.23 -10.55 25.88
N ALA B 173 26.92 -10.69 25.62
CA ALA B 173 26.01 -11.38 26.53
C ALA B 173 24.72 -11.82 25.82
N LYS B 174 24.24 -13.00 26.21
CA LYS B 174 23.03 -13.59 25.62
C LYS B 174 22.27 -14.45 26.61
N LEU B 175 20.95 -14.59 26.38
CA LEU B 175 20.13 -15.61 27.05
C LEU B 175 19.45 -16.47 25.97
N GLU B 176 18.82 -17.56 26.38
CA GLU B 176 18.37 -18.60 25.46
C GLU B 176 17.29 -18.12 24.48
N ARG B 177 17.43 -18.57 23.25
CA ARG B 177 16.43 -18.36 22.17
C ARG B 177 16.67 -19.31 21.01
N SER B 178 15.60 -19.96 20.53
CA SER B 178 15.65 -20.79 19.33
C SER B 178 15.47 -19.92 18.09
N VAL B 179 16.26 -20.17 17.04
CA VAL B 179 16.05 -19.43 15.77
C VAL B 179 14.72 -19.79 15.09
N LEU B 180 14.08 -20.87 15.52
CA LEU B 180 12.76 -21.26 14.98
C LEU B 180 11.64 -20.36 15.49
N MET B 181 11.94 -19.53 16.47
CA MET B 181 10.98 -18.53 16.92
C MET B 181 10.77 -17.47 15.80
N ASP B 182 9.57 -16.93 15.72
CA ASP B 182 9.24 -15.85 14.78
C ASP B 182 10.24 -14.74 14.98
N ASP B 183 10.96 -14.35 13.92
CA ASP B 183 12.05 -13.38 14.01
C ASP B 183 11.58 -12.00 14.49
N SER B 184 10.28 -11.74 14.42
CA SER B 184 9.71 -10.46 14.78
C SER B 184 9.35 -10.34 16.29
N GLN B 185 9.38 -11.47 17.00
CA GLN B 185 9.04 -11.56 18.42
C GLN B 185 10.29 -11.43 19.33
N ALA B 186 10.20 -10.61 20.38
CA ALA B 186 11.30 -10.33 21.31
C ALA B 186 11.84 -11.57 22.04
N GLY B 187 10.94 -12.47 22.41
CA GLY B 187 11.31 -13.75 22.97
C GLY B 187 11.50 -13.70 24.47
N SER B 188 12.06 -14.77 25.03
CA SER B 188 12.08 -14.92 26.50
C SER B 188 13.46 -14.56 27.07
N ALA B 189 14.35 -14.07 26.21
CA ALA B 189 15.70 -13.68 26.61
C ALA B 189 15.67 -12.28 27.21
N GLN B 190 15.39 -12.23 28.52
CA GLN B 190 15.12 -10.96 29.24
C GLN B 190 16.45 -10.34 29.70
N ILE B 191 17.16 -9.77 28.73
CA ILE B 191 18.42 -9.11 28.97
C ILE B 191 18.52 -7.86 28.07
N GLU B 192 18.99 -6.75 28.62
CA GLU B 192 19.14 -5.49 27.86
C GLU B 192 20.10 -4.53 28.57
N ALA B 193 20.41 -3.41 27.90
CA ALA B 193 21.02 -2.25 28.51
C ALA B 193 22.45 -2.46 29.04
N PRO B 194 23.38 -2.87 28.15
CA PRO B 194 24.75 -3.08 28.55
C PRO B 194 25.38 -1.75 28.98
N PHE B 195 26.26 -1.80 29.98
CA PHE B 195 27.09 -0.66 30.27
C PHE B 195 28.46 -1.18 30.68
N ILE B 196 29.52 -0.62 30.11
CA ILE B 196 30.89 -1.06 30.41
C ILE B 196 31.69 0.02 31.13
N LEU B 197 32.30 -0.37 32.26
CA LEU B 197 33.24 0.45 33.04
C LEU B 197 34.60 -0.24 33.18
N ARG B 198 35.62 0.53 32.91
CA ARG B 198 36.97 0.09 33.03
C ARG B 198 37.43 0.37 34.47
N LYS B 199 38.07 -0.60 35.10
CA LYS B 199 38.57 -0.47 36.49
C LYS B 199 39.63 -1.50 36.77
N GLY B 200 40.79 -1.07 37.25
CA GLY B 200 41.93 -1.94 37.50
C GLY B 200 42.32 -2.70 36.24
N ASP B 201 42.39 -4.04 36.35
CA ASP B 201 42.84 -4.92 35.26
C ASP B 201 41.71 -5.29 34.29
N TYR B 202 40.49 -4.86 34.56
CA TYR B 202 39.30 -5.43 33.93
C TYR B 202 38.37 -4.38 33.31
N TYR B 203 37.58 -4.86 32.35
CA TYR B 203 36.38 -4.18 31.88
C TYR B 203 35.19 -4.90 32.53
N TYR B 204 34.26 -4.14 33.09
CA TYR B 204 33.10 -4.70 33.78
C TYR B 204 31.88 -4.41 32.90
N LEU B 205 31.17 -5.47 32.53
CA LEU B 205 29.93 -5.37 31.80
C LEU B 205 28.80 -5.54 32.80
N PHE B 206 28.03 -4.48 32.96
CA PHE B 206 26.77 -4.49 33.65
C PHE B 206 25.63 -4.73 32.64
N ALA B 207 24.64 -5.50 33.05
CA ALA B 207 23.43 -5.70 32.30
C ALA B 207 22.18 -5.83 33.16
N SER B 208 21.01 -5.57 32.56
CA SER B 208 19.76 -5.65 33.22
C SER B 208 19.07 -6.96 32.86
N TRP B 209 18.68 -7.75 33.85
CA TRP B 209 17.95 -9.00 33.61
C TRP B 209 16.51 -8.86 34.05
N GLY B 210 15.60 -9.55 33.37
CA GLY B 210 14.22 -9.64 33.80
C GLY B 210 13.36 -8.55 33.16
N LEU B 211 12.20 -8.31 33.78
CA LEU B 211 11.15 -7.41 33.28
C LEU B 211 11.01 -6.10 34.01
N CYS B 212 11.19 -5.01 33.26
CA CYS B 212 10.94 -3.65 33.74
C CYS B 212 9.46 -3.27 33.60
N CYS B 213 9.09 -2.12 34.15
CA CYS B 213 7.84 -1.47 33.78
C CYS B 213 6.58 -2.31 34.03
N ARG B 214 6.59 -3.19 35.04
CA ARG B 214 5.45 -4.05 35.34
C ARG B 214 4.89 -3.96 36.78
N LYS B 215 5.02 -2.78 37.36
CA LYS B 215 4.48 -2.49 38.68
C LYS B 215 4.85 -3.58 39.71
N GLY B 216 3.89 -4.22 40.35
CA GLY B 216 4.15 -5.25 41.36
C GLY B 216 4.88 -6.50 40.85
N ASP B 217 4.89 -6.70 39.55
CA ASP B 217 5.37 -7.93 38.93
C ASP B 217 6.77 -7.71 38.34
N SER B 218 7.35 -6.52 38.43
CA SER B 218 8.66 -6.29 37.82
C SER B 218 9.72 -7.16 38.51
N THR B 219 10.58 -7.78 37.71
CA THR B 219 11.72 -8.56 38.18
C THR B 219 13.05 -8.00 37.83
N TYR B 220 13.05 -6.79 37.25
CA TYR B 220 14.23 -6.10 36.76
C TYR B 220 15.30 -5.98 37.85
N HIS B 221 16.50 -6.33 37.49
CA HIS B 221 17.66 -6.25 38.40
C HIS B 221 18.96 -6.21 37.62
N LEU B 222 20.08 -5.97 38.32
CA LEU B 222 21.36 -5.85 37.68
C LEU B 222 22.30 -7.04 37.95
N VAL B 223 23.01 -7.47 36.90
CA VAL B 223 24.07 -8.47 36.95
C VAL B 223 25.38 -7.95 36.36
N VAL B 224 26.49 -8.67 36.60
CA VAL B 224 27.79 -8.20 36.17
C VAL B 224 28.68 -9.35 35.78
N GLY B 225 29.57 -9.08 34.84
CA GLY B 225 30.69 -9.96 34.49
C GLY B 225 31.88 -9.12 34.17
N ARG B 226 33.02 -9.76 33.93
CA ARG B 226 34.27 -9.07 33.66
C ARG B 226 35.21 -9.76 32.67
N SER B 227 36.05 -8.96 32.02
CA SER B 227 37.01 -9.44 31.04
C SER B 227 38.26 -8.57 31.08
N LYS B 228 39.41 -9.16 30.76
CA LYS B 228 40.63 -8.38 30.61
C LYS B 228 40.74 -7.66 29.23
N GLN B 229 39.85 -7.97 28.30
CA GLN B 229 39.81 -7.29 26.97
C GLN B 229 38.38 -6.77 26.77
N VAL B 230 38.27 -5.60 26.13
CA VAL B 230 36.95 -4.98 25.98
C VAL B 230 36.03 -5.85 25.11
N THR B 231 36.64 -6.63 24.21
CA THR B 231 35.86 -7.49 23.28
C THR B 231 35.43 -8.85 23.90
N GLY B 232 35.83 -9.11 25.15
CA GLY B 232 35.38 -10.29 25.85
C GLY B 232 36.39 -11.42 25.88
N PRO B 233 35.99 -12.58 26.42
CA PRO B 233 34.66 -12.85 26.96
C PRO B 233 34.46 -12.34 28.39
N TYR B 234 33.26 -11.84 28.66
CA TYR B 234 32.84 -11.38 30.00
C TYR B 234 32.35 -12.57 30.82
N LEU B 235 33.05 -12.86 31.92
CA LEU B 235 32.74 -14.02 32.78
C LEU B 235 32.20 -13.56 34.13
N ASP B 236 31.27 -14.32 34.68
CA ASP B 236 30.74 -14.02 36.01
C ASP B 236 31.64 -14.61 37.16
N LYS B 237 31.20 -14.47 38.42
CA LYS B 237 32.01 -14.89 39.60
C LYS B 237 32.40 -16.39 39.61
N THR B 238 31.57 -17.22 38.96
CA THR B 238 31.76 -18.66 38.87
C THR B 238 32.55 -19.08 37.64
N GLY B 239 32.91 -18.12 36.79
CA GLY B 239 33.72 -18.36 35.61
C GLY B 239 32.89 -18.60 34.33
N ARG B 240 31.59 -18.31 34.38
CA ARG B 240 30.68 -18.55 33.24
C ARG B 240 30.50 -17.32 32.30
N ASP B 241 30.73 -17.53 31.01
CA ASP B 241 30.51 -16.55 29.94
C ASP B 241 29.07 -16.04 29.94
N MET B 242 28.91 -14.73 29.98
CA MET B 242 27.64 -14.05 29.78
C MET B 242 27.01 -14.43 28.41
N ASN B 243 27.82 -14.86 27.47
CA ASN B 243 27.31 -15.31 26.17
C ASN B 243 26.50 -16.60 26.26
N GLN B 244 26.63 -17.32 27.38
CA GLN B 244 25.83 -18.51 27.62
C GLN B 244 25.00 -18.37 28.90
N GLY B 245 24.57 -17.14 29.19
CA GLY B 245 23.70 -16.89 30.32
C GLY B 245 24.38 -16.68 31.67
N GLY B 246 25.70 -16.54 31.67
CA GLY B 246 26.40 -16.12 32.90
C GLY B 246 26.00 -14.70 33.28
N GLY B 247 26.23 -14.36 34.56
CA GLY B 247 25.90 -13.07 35.11
C GLY B 247 25.75 -13.15 36.63
N SER B 248 26.57 -12.45 37.39
CA SER B 248 26.46 -12.44 38.88
C SER B 248 25.63 -11.29 39.37
N LEU B 249 24.77 -11.55 40.36
CA LEU B 249 23.91 -10.54 40.95
C LEU B 249 24.72 -9.40 41.56
N LEU B 250 24.40 -8.16 41.18
CA LEU B 250 24.97 -6.98 41.79
C LEU B 250 23.98 -6.32 42.78
N ILE B 251 22.73 -6.14 42.35
CA ILE B 251 21.70 -5.55 43.19
C ILE B 251 20.32 -5.87 42.61
N LYS B 252 19.38 -6.15 43.51
CA LYS B 252 17.97 -6.34 43.17
C LYS B 252 17.16 -5.56 44.13
N GLY B 253 15.86 -5.46 43.88
CA GLY B 253 14.94 -4.72 44.70
C GLY B 253 14.47 -5.44 45.95
N ASN B 254 13.46 -4.85 46.57
CA ASN B 254 12.94 -5.28 47.86
C ASN B 254 11.50 -4.75 47.99
N LYS B 255 10.90 -4.80 49.17
CA LYS B 255 9.50 -4.34 49.37
C LYS B 255 9.21 -2.87 48.98
N ARG B 256 10.20 -2.01 49.13
CA ARG B 256 10.07 -0.58 48.83
C ARG B 256 10.43 -0.20 47.36
N TRP B 257 11.30 -0.98 46.72
CA TRP B 257 11.80 -0.75 45.34
C TRP B 257 11.61 -2.03 44.55
N VAL B 258 10.50 -2.13 43.81
CA VAL B 258 10.13 -3.36 43.12
C VAL B 258 10.62 -3.22 41.68
N GLY B 259 11.83 -3.72 41.41
CA GLY B 259 12.46 -3.57 40.13
C GLY B 259 13.37 -2.35 40.11
N LEU B 260 14.52 -2.54 39.52
CA LEU B 260 15.51 -1.49 39.35
C LEU B 260 16.48 -1.93 38.28
N GLY B 261 17.12 -0.96 37.62
CA GLY B 261 18.13 -1.29 36.64
C GLY B 261 18.41 -0.22 35.62
N HIS B 262 18.72 -0.67 34.40
CA HIS B 262 19.19 0.17 33.29
C HIS B 262 20.19 1.25 33.73
N ASN B 263 21.38 0.78 34.11
CA ASN B 263 22.34 1.59 34.82
C ASN B 263 23.42 2.19 33.95
N SER B 264 24.09 3.19 34.51
CA SER B 264 25.39 3.65 34.09
C SER B 264 26.30 3.59 35.32
N ALA B 265 27.55 3.96 35.14
CA ALA B 265 28.52 3.95 36.24
C ALA B 265 29.69 4.84 35.83
N TYR B 266 30.28 5.54 36.80
CA TYR B 266 31.27 6.57 36.56
C TYR B 266 32.28 6.64 37.70
N THR B 267 33.48 7.05 37.35
CA THR B 267 34.47 7.53 38.29
C THR B 267 34.53 9.05 38.27
N TRP B 268 34.19 9.67 39.39
CA TRP B 268 34.34 11.10 39.62
C TRP B 268 35.21 11.45 40.86
N ASP B 269 36.28 12.23 40.65
CA ASP B 269 37.15 12.69 41.75
C ASP B 269 37.64 11.53 42.65
N GLY B 270 38.10 10.44 42.02
CA GLY B 270 38.70 9.33 42.75
C GLY B 270 37.74 8.37 43.47
N LYS B 271 36.43 8.54 43.27
CA LYS B 271 35.41 7.63 43.81
C LYS B 271 34.48 7.16 42.69
N ASP B 272 33.89 5.99 42.86
CA ASP B 272 33.07 5.37 41.84
C ASP B 272 31.61 5.36 42.25
N TYR B 273 30.73 5.40 41.24
CA TYR B 273 29.29 5.54 41.47
C TYR B 273 28.45 4.74 40.48
N LEU B 274 27.36 4.18 40.98
CA LEU B 274 26.38 3.45 40.19
C LEU B 274 25.14 4.34 40.06
N VAL B 275 24.67 4.55 38.83
CA VAL B 275 23.51 5.43 38.51
C VAL B 275 22.42 4.59 37.86
N LEU B 276 21.19 4.67 38.39
CA LEU B 276 20.12 3.78 37.92
C LEU B 276 18.74 4.34 38.25
N HIS B 277 17.69 3.71 37.73
CA HIS B 277 16.33 4.00 38.18
C HIS B 277 15.78 2.79 38.95
N ALA B 278 14.86 3.09 39.86
CA ALA B 278 14.23 2.11 40.71
C ALA B 278 12.79 2.50 40.90
N TYR B 279 11.86 1.53 40.83
CA TYR B 279 10.42 1.80 40.95
C TYR B 279 9.97 1.84 42.39
N GLU B 280 9.47 3.00 42.82
CA GLU B 280 9.06 3.24 44.21
C GLU B 280 7.68 2.67 44.52
N ALA B 281 7.62 1.55 45.28
CA ALA B 281 6.36 0.88 45.57
C ALA B 281 5.34 1.75 46.25
N ALA B 282 5.79 2.62 47.14
CA ALA B 282 4.87 3.53 47.84
C ALA B 282 4.22 4.62 46.95
N ASP B 283 4.78 4.89 45.78
CA ASP B 283 4.41 6.03 44.91
C ASP B 283 4.02 5.54 43.49
N ASN B 284 3.05 4.63 43.46
CA ASN B 284 2.51 4.05 42.20
C ASN B 284 3.59 3.41 41.30
N TYR B 285 4.65 2.91 41.92
CA TYR B 285 5.76 2.32 41.23
C TYR B 285 6.49 3.26 40.27
N LEU B 286 6.45 4.55 40.56
CA LEU B 286 7.10 5.55 39.70
C LEU B 286 8.60 5.51 39.88
N GLN B 287 9.30 5.30 38.76
CA GLN B 287 10.74 5.28 38.66
C GLN B 287 11.42 6.54 39.19
N LYS B 288 12.44 6.34 40.05
CA LYS B 288 13.20 7.44 40.67
C LYS B 288 14.67 7.29 40.39
N LEU B 289 15.37 8.41 40.21
CA LEU B 289 16.83 8.42 40.13
C LEU B 289 17.46 7.90 41.45
N LYS B 290 18.43 7.00 41.36
CA LYS B 290 19.24 6.64 42.53
C LYS B 290 20.71 6.68 42.14
N ILE B 291 21.52 7.29 43.00
CA ILE B 291 23.00 7.24 42.85
C ILE B 291 23.58 6.51 44.10
N LEU B 292 24.34 5.44 43.88
CA LEU B 292 24.88 4.60 44.95
C LEU B 292 26.39 4.62 44.88
N ASN B 293 27.05 4.59 46.03
CA ASN B 293 28.49 4.40 46.03
C ASN B 293 28.86 3.03 45.52
N LEU B 294 29.88 2.98 44.68
CA LEU B 294 30.29 1.73 44.03
C LEU B 294 31.62 1.30 44.59
N HIS B 295 31.58 0.26 45.42
CA HIS B 295 32.78 -0.27 46.07
C HIS B 295 33.35 -1.48 45.34
N TRP B 296 34.57 -1.86 45.74
CA TRP B 296 35.31 -2.98 45.14
C TRP B 296 35.96 -3.86 46.20
N ASP B 297 35.69 -5.16 46.12
CA ASP B 297 36.28 -6.12 47.05
C ASP B 297 37.69 -6.57 46.57
N GLY B 298 38.43 -7.25 47.45
CA GLY B 298 39.82 -7.68 47.20
C GLY B 298 39.99 -8.70 46.07
N GLU B 299 38.87 -9.30 45.66
CA GLU B 299 38.82 -10.31 44.60
C GLU B 299 38.55 -9.70 43.21
N GLY B 300 38.29 -8.40 43.19
CA GLY B 300 38.11 -7.68 41.94
C GLY B 300 36.66 -7.72 41.45
N TRP B 301 35.71 -7.69 42.39
CA TRP B 301 34.28 -7.58 42.04
C TRP B 301 33.62 -6.41 42.74
N PRO B 302 32.66 -5.77 42.05
CA PRO B 302 31.95 -4.63 42.63
C PRO B 302 30.94 -5.03 43.70
N GLN B 303 30.64 -4.08 44.60
CA GLN B 303 29.71 -4.26 45.73
C GLN B 303 29.03 -2.92 45.95
N VAL B 304 27.75 -2.98 46.28
CA VAL B 304 26.94 -1.80 46.63
C VAL B 304 26.06 -2.09 47.84
N ASP B 305 25.71 -1.04 48.57
CA ASP B 305 24.83 -1.10 49.73
C ASP B 305 23.41 -0.79 49.33
N GLU B 306 22.54 -1.80 49.34
CA GLU B 306 21.16 -1.62 48.87
C GLU B 306 20.32 -0.67 49.72
N LYS B 307 20.77 -0.40 50.96
CA LYS B 307 20.15 0.61 51.82
C LYS B 307 20.19 2.04 51.23
N GLU B 308 21.15 2.29 50.34
CA GLU B 308 21.24 3.58 49.66
C GLU B 308 20.07 3.83 48.68
N LEU B 309 19.30 2.80 48.31
CA LEU B 309 18.04 3.01 47.60
C LEU B 309 17.10 3.91 48.41
N ASP B 310 17.14 3.79 49.73
CA ASP B 310 16.31 4.60 50.59
C ASP B 310 16.96 5.92 50.99
N SER B 311 18.28 5.95 51.16
CA SER B 311 18.93 7.14 51.73
C SER B 311 19.33 8.19 50.68
N TYR B 312 19.58 7.77 49.44
CA TYR B 312 19.71 8.74 48.32
C TYR B 312 18.33 9.32 47.94
N ILE B 313 18.13 10.61 48.21
CA ILE B 313 16.85 11.30 47.98
C ILE B 313 17.09 12.57 47.11
N SER B 314 16.95 12.39 45.79
CA SER B 314 17.02 13.52 44.86
C SER B 314 15.89 14.48 45.17
N GLN B 315 16.06 15.76 44.81
CA GLN B 315 14.97 16.72 44.84
C GLN B 315 14.82 17.52 43.51
N ARG B 316 13.61 17.58 42.98
CA ARG B 316 13.35 18.35 41.77
C ARG B 316 13.01 19.78 42.15
N LEU B 317 13.91 20.70 41.81
CA LEU B 317 13.70 22.12 42.05
C LEU B 317 12.74 22.69 41.03
N LYS B 318 12.08 23.78 41.42
CA LYS B 318 11.10 24.36 40.54
C LYS B 318 11.72 25.47 39.75
N GLY C 1 -18.34 -30.34 -45.16
CA GLY C 1 -18.90 -30.08 -43.98
C GLY C 1 -20.36 -30.30 -43.99
N ALA C 2 -21.15 -29.24 -43.79
CA ALA C 2 -22.60 -29.28 -43.96
C ALA C 2 -23.31 -28.09 -43.34
N LYS C 3 -22.77 -27.50 -42.25
CA LYS C 3 -23.18 -26.17 -41.78
C LYS C 3 -22.11 -25.12 -42.08
N GLN C 4 -22.50 -23.85 -42.13
CA GLN C 4 -21.54 -22.76 -42.31
C GLN C 4 -20.71 -22.62 -41.02
N VAL C 5 -19.50 -22.10 -41.18
CA VAL C 5 -18.58 -21.86 -40.08
C VAL C 5 -19.01 -20.61 -39.33
N ASP C 6 -19.26 -20.74 -38.04
CA ASP C 6 -19.58 -19.59 -37.20
C ASP C 6 -18.29 -19.00 -36.58
N VAL C 7 -17.99 -17.74 -36.92
CA VAL C 7 -16.84 -17.00 -36.41
C VAL C 7 -17.27 -15.59 -36.06
N HIS C 8 -16.45 -14.91 -35.24
CA HIS C 8 -16.63 -13.50 -34.90
C HIS C 8 -15.26 -12.86 -35.03
N ASP C 9 -15.18 -11.71 -35.73
CA ASP C 9 -13.94 -10.93 -35.87
C ASP C 9 -12.79 -11.65 -36.58
N PRO C 10 -13.07 -12.21 -37.76
CA PRO C 10 -12.14 -13.15 -38.41
C PRO C 10 -10.94 -12.48 -39.08
N VAL C 11 -9.81 -13.19 -39.05
CA VAL C 11 -8.63 -12.83 -39.85
C VAL C 11 -8.04 -14.10 -40.48
N MET C 12 -7.20 -13.91 -41.50
CA MET C 12 -6.70 -15.02 -42.28
C MET C 12 -5.25 -14.88 -42.70
N THR C 13 -4.59 -15.99 -42.93
CA THR C 13 -3.28 -15.99 -43.60
C THR C 13 -3.04 -17.29 -44.36
N ARG C 14 -1.99 -17.35 -45.16
CA ARG C 14 -1.62 -18.56 -45.86
C ARG C 14 -0.18 -18.99 -45.56
N GLU C 15 0.00 -20.27 -45.23
CA GLU C 15 1.32 -20.91 -45.13
C GLU C 15 1.42 -21.98 -46.19
N GLY C 16 2.34 -21.81 -47.14
CA GLY C 16 2.47 -22.74 -48.25
C GLY C 16 1.17 -22.83 -49.04
N ASP C 17 0.63 -24.04 -49.13
CA ASP C 17 -0.68 -24.25 -49.81
C ASP C 17 -1.88 -24.35 -48.86
N THR C 18 -1.71 -23.92 -47.61
CA THR C 18 -2.82 -24.00 -46.65
C THR C 18 -3.23 -22.67 -46.10
N TRP C 19 -4.53 -22.43 -46.09
CA TRP C 19 -5.14 -21.26 -45.51
C TRP C 19 -5.43 -21.45 -44.01
N TYR C 20 -5.24 -20.42 -43.22
CA TYR C 20 -5.66 -20.45 -41.80
C TYR C 20 -6.56 -19.29 -41.43
N LEU C 21 -7.57 -19.58 -40.61
CA LEU C 21 -8.60 -18.64 -40.18
C LEU C 21 -8.57 -18.59 -38.65
N PHE C 22 -8.57 -17.39 -38.08
CA PHE C 22 -8.53 -17.13 -36.63
C PHE C 22 -9.76 -16.36 -36.22
N SER C 23 -10.41 -16.80 -35.14
CA SER C 23 -11.62 -16.16 -34.63
C SER C 23 -11.55 -15.87 -33.11
N THR C 24 -12.26 -14.83 -32.69
CA THR C 24 -12.66 -14.66 -31.28
C THR C 24 -13.21 -15.97 -30.73
N GLY C 25 -12.85 -16.28 -29.47
CA GLY C 25 -13.15 -17.57 -28.88
C GLY C 25 -12.20 -17.99 -27.74
N PRO C 26 -12.50 -19.12 -27.08
CA PRO C 26 -11.63 -19.62 -25.99
C PRO C 26 -10.22 -19.90 -26.54
N GLY C 27 -9.25 -19.16 -26.04
CA GLY C 27 -7.85 -19.29 -26.46
C GLY C 27 -7.47 -18.81 -27.86
N ILE C 28 -8.42 -18.14 -28.54
CA ILE C 28 -8.40 -17.95 -30.02
C ILE C 28 -8.57 -19.29 -30.78
N THR C 29 -9.68 -19.38 -31.52
CA THR C 29 -10.02 -20.53 -32.34
C THR C 29 -9.33 -20.39 -33.70
N ILE C 30 -8.70 -21.49 -34.11
CA ILE C 30 -7.97 -21.59 -35.37
C ILE C 30 -8.54 -22.71 -36.23
N TYR C 31 -8.88 -22.39 -37.48
CA TYR C 31 -9.27 -23.38 -38.49
C TYR C 31 -8.29 -23.40 -39.70
N SER C 32 -8.27 -24.51 -40.43
CA SER C 32 -7.47 -24.63 -41.65
C SER C 32 -8.30 -25.09 -42.86
N SER C 33 -7.80 -24.81 -44.07
CA SER C 33 -8.52 -25.09 -45.32
C SER C 33 -7.56 -25.11 -46.51
N LYS C 34 -7.81 -25.99 -47.46
CA LYS C 34 -7.05 -26.04 -48.73
C LYS C 34 -7.63 -25.11 -49.82
N ASP C 35 -8.90 -24.70 -49.67
CA ASP C 35 -9.63 -23.93 -50.69
C ASP C 35 -10.42 -22.66 -50.24
N ARG C 36 -10.24 -22.20 -48.98
CA ARG C 36 -10.93 -21.03 -48.40
C ARG C 36 -12.48 -21.18 -48.21
N VAL C 37 -13.02 -22.34 -48.53
CA VAL C 37 -14.44 -22.63 -48.37
C VAL C 37 -14.75 -23.70 -47.30
N ASN C 38 -14.12 -24.85 -47.45
CA ASN C 38 -14.25 -25.98 -46.54
C ASN C 38 -13.19 -25.90 -45.43
N TRP C 39 -13.63 -25.71 -44.19
CA TRP C 39 -12.75 -25.41 -43.03
C TRP C 39 -12.81 -26.53 -41.98
N ARG C 40 -11.65 -27.02 -41.53
CA ARG C 40 -11.57 -27.92 -40.37
C ARG C 40 -10.95 -27.26 -39.16
N TYR C 41 -11.40 -27.66 -37.97
CA TYR C 41 -10.81 -27.16 -36.70
C TYR C 41 -9.36 -27.58 -36.73
N SER C 42 -8.47 -26.66 -36.39
CA SER C 42 -7.04 -26.93 -36.31
C SER C 42 -6.54 -26.97 -34.84
N ASP C 43 -6.82 -25.92 -34.07
CA ASP C 43 -6.33 -25.78 -32.69
C ASP C 43 -6.99 -24.56 -32.00
N ARG C 44 -6.65 -24.36 -30.72
CA ARG C 44 -6.83 -23.08 -30.06
C ARG C 44 -5.44 -22.68 -29.57
N ALA C 45 -5.05 -21.43 -29.74
CA ALA C 45 -3.67 -21.02 -29.51
C ALA C 45 -3.27 -21.23 -28.05
N PHE C 46 -4.10 -20.77 -27.12
CA PHE C 46 -3.89 -21.03 -25.69
C PHE C 46 -4.80 -22.20 -25.24
N ALA C 47 -4.21 -23.29 -24.75
CA ALA C 47 -4.98 -24.40 -24.17
C ALA C 47 -5.96 -23.93 -23.10
N THR C 48 -5.55 -22.95 -22.32
CA THR C 48 -6.41 -22.31 -21.33
C THR C 48 -6.50 -20.82 -21.61
N GLU C 49 -5.64 -20.00 -21.01
CA GLU C 49 -5.64 -18.55 -21.18
C GLU C 49 -4.25 -17.98 -20.82
N PRO C 50 -3.95 -16.74 -21.21
CA PRO C 50 -2.67 -16.09 -20.82
C PRO C 50 -2.49 -16.04 -19.30
N THR C 51 -1.25 -16.21 -18.82
CA THR C 51 -0.99 -16.30 -17.37
C THR C 51 -1.38 -14.99 -16.69
N TRP C 52 -1.28 -13.89 -17.44
CA TRP C 52 -1.55 -12.55 -16.92
C TRP C 52 -3.01 -12.03 -17.07
N ALA C 53 -3.86 -12.78 -17.76
CA ALA C 53 -5.20 -12.27 -18.12
C ALA C 53 -6.09 -11.85 -16.94
N LYS C 54 -6.11 -12.63 -15.85
CA LYS C 54 -7.01 -12.32 -14.72
C LYS C 54 -6.54 -11.09 -13.95
N ARG C 55 -5.27 -10.74 -14.06
CA ARG C 55 -4.79 -9.53 -13.45
C ARG C 55 -5.43 -8.32 -14.15
N VAL C 56 -5.41 -8.32 -15.47
CA VAL C 56 -6.01 -7.22 -16.23
C VAL C 56 -7.54 -7.25 -16.05
N SER C 57 -8.11 -8.44 -16.14
CA SER C 57 -9.56 -8.61 -16.14
C SER C 57 -10.00 -9.70 -15.15
N PRO C 58 -10.25 -9.34 -13.88
CA PRO C 58 -10.52 -10.32 -12.83
C PRO C 58 -11.65 -11.31 -13.12
N SER C 59 -12.71 -10.86 -13.78
CA SER C 59 -13.84 -11.73 -14.16
C SER C 59 -13.70 -12.30 -15.58
N PHE C 60 -12.47 -12.41 -16.06
CA PHE C 60 -12.19 -12.89 -17.40
C PHE C 60 -12.86 -14.26 -17.60
N ASP C 61 -13.62 -14.40 -18.70
CA ASP C 61 -14.40 -15.64 -18.98
C ASP C 61 -13.70 -16.70 -19.82
N GLY C 62 -12.42 -16.52 -20.16
CA GLY C 62 -11.67 -17.49 -20.96
C GLY C 62 -11.71 -17.21 -22.47
N HIS C 63 -12.63 -16.35 -22.91
CA HIS C 63 -12.69 -15.93 -24.34
C HIS C 63 -11.76 -14.79 -24.66
N LEU C 64 -10.83 -15.07 -25.58
CA LEU C 64 -9.98 -14.05 -26.17
C LEU C 64 -10.66 -13.41 -27.41
N TRP C 65 -10.44 -12.12 -27.58
CA TRP C 65 -11.15 -11.27 -28.56
C TRP C 65 -10.29 -10.74 -29.71
N ALA C 66 -10.85 -10.81 -30.91
CA ALA C 66 -10.43 -9.96 -32.02
C ALA C 66 -8.96 -10.13 -32.40
N PRO C 67 -8.58 -11.31 -32.88
CA PRO C 67 -7.19 -11.57 -33.25
C PRO C 67 -6.73 -10.82 -34.50
N ASP C 68 -5.42 -10.61 -34.62
CA ASP C 68 -4.80 -10.33 -35.91
C ASP C 68 -3.63 -11.26 -36.13
N ILE C 69 -3.48 -11.75 -37.36
CA ILE C 69 -2.35 -12.60 -37.74
C ILE C 69 -1.46 -11.85 -38.71
N TYR C 70 -0.15 -11.93 -38.47
CA TYR C 70 0.87 -11.19 -39.22
C TYR C 70 2.16 -12.00 -39.37
N GLN C 71 2.64 -12.12 -40.62
CA GLN C 71 3.90 -12.82 -40.94
C GLN C 71 5.05 -11.86 -41.02
N HIS C 72 6.17 -12.21 -40.35
CA HIS C 72 7.34 -11.33 -40.27
C HIS C 72 8.61 -12.14 -39.94
N LYS C 73 9.62 -12.01 -40.81
CA LYS C 73 10.91 -12.70 -40.71
C LYS C 73 10.86 -14.19 -40.32
N GLY C 74 10.01 -14.97 -40.97
CA GLY C 74 9.98 -16.41 -40.73
C GLY C 74 9.09 -16.86 -39.59
N LEU C 75 8.41 -15.92 -38.94
CA LEU C 75 7.58 -16.20 -37.80
C LEU C 75 6.12 -15.77 -38.03
N PHE C 76 5.21 -16.41 -37.30
CA PHE C 76 3.82 -16.02 -37.23
C PHE C 76 3.48 -15.30 -35.90
N TYR C 77 2.95 -14.09 -36.01
CA TYR C 77 2.56 -13.28 -34.87
C TYR C 77 1.05 -13.22 -34.77
N LEU C 78 0.53 -13.75 -33.67
CA LEU C 78 -0.90 -13.71 -33.35
C LEU C 78 -1.16 -12.72 -32.23
N TYR C 79 -1.70 -11.57 -32.58
CA TYR C 79 -2.14 -10.57 -31.64
C TYR C 79 -3.55 -10.89 -31.14
N TYR C 80 -3.84 -10.63 -29.86
CA TYR C 80 -5.13 -10.99 -29.24
C TYR C 80 -5.52 -10.01 -28.13
N SER C 81 -6.79 -10.04 -27.72
CA SER C 81 -7.29 -9.08 -26.72
C SER C 81 -7.91 -9.76 -25.49
N VAL C 82 -7.48 -9.30 -24.32
CA VAL C 82 -8.07 -9.69 -23.04
C VAL C 82 -8.89 -8.49 -22.60
N SER C 83 -10.15 -8.71 -22.20
CA SER C 83 -11.03 -7.60 -21.80
C SER C 83 -12.17 -8.05 -20.87
N ALA C 84 -13.12 -7.14 -20.68
CA ALA C 84 -14.37 -7.39 -19.96
C ALA C 84 -15.45 -6.49 -20.57
N PHE C 85 -16.62 -7.07 -20.84
CA PHE C 85 -17.70 -6.37 -21.58
C PHE C 85 -18.07 -5.07 -20.85
N GLY C 86 -18.18 -3.98 -21.59
CA GLY C 86 -18.53 -2.68 -21.03
C GLY C 86 -17.43 -1.90 -20.32
N LYS C 87 -16.20 -2.43 -20.31
CA LYS C 87 -15.11 -1.79 -19.56
C LYS C 87 -13.84 -1.67 -20.40
N ASN C 88 -12.97 -0.73 -20.04
CA ASN C 88 -11.67 -0.64 -20.69
C ASN C 88 -10.49 -1.11 -19.79
N THR C 89 -10.79 -2.07 -18.92
CA THR C 89 -9.78 -2.93 -18.31
C THR C 89 -9.39 -3.97 -19.34
N SER C 90 -8.43 -3.60 -20.18
CA SER C 90 -8.15 -4.36 -21.37
C SER C 90 -6.68 -4.30 -21.73
N ALA C 91 -6.21 -5.38 -22.36
CA ALA C 91 -4.85 -5.41 -22.94
C ALA C 91 -4.76 -6.24 -24.23
N ILE C 92 -3.88 -5.80 -25.12
CA ILE C 92 -3.53 -6.60 -26.29
C ILE C 92 -2.19 -7.28 -26.05
N GLY C 93 -2.17 -8.59 -26.24
CA GLY C 93 -0.94 -9.39 -26.17
C GLY C 93 -0.52 -9.95 -27.54
N VAL C 94 0.63 -10.62 -27.58
CA VAL C 94 1.03 -11.33 -28.79
C VAL C 94 1.73 -12.64 -28.48
N THR C 95 1.37 -13.69 -29.20
CA THR C 95 2.01 -14.99 -29.10
C THR C 95 2.52 -15.39 -30.47
N VAL C 96 3.64 -16.10 -30.48
CA VAL C 96 4.40 -16.33 -31.71
C VAL C 96 4.60 -17.84 -31.99
N ASN C 97 4.57 -18.23 -33.27
CA ASN C 97 4.85 -19.62 -33.69
C ASN C 97 5.76 -19.66 -34.94
N LYS C 98 6.57 -20.70 -35.03
CA LYS C 98 7.39 -20.95 -36.21
C LYS C 98 6.53 -21.46 -37.41
N THR C 99 5.34 -21.99 -37.12
CA THR C 99 4.49 -22.60 -38.15
C THR C 99 3.03 -22.69 -37.66
N LEU C 100 2.11 -22.95 -38.57
CA LEU C 100 0.67 -23.08 -38.27
C LEU C 100 0.14 -24.51 -38.36
N ASN C 101 0.95 -25.42 -38.88
CA ASN C 101 0.61 -26.82 -38.98
C ASN C 101 0.84 -27.55 -37.65
N PRO C 102 -0.22 -27.98 -36.94
CA PRO C 102 -0.10 -28.60 -35.60
C PRO C 102 0.56 -29.97 -35.59
N ALA C 103 0.71 -30.58 -36.75
CA ALA C 103 1.41 -31.83 -36.89
C ALA C 103 2.92 -31.67 -36.96
N SER C 104 3.41 -30.44 -37.12
CA SER C 104 4.83 -30.20 -37.34
C SER C 104 5.59 -30.24 -36.01
N PRO C 105 6.80 -30.79 -35.99
CA PRO C 105 7.62 -30.77 -34.78
C PRO C 105 7.94 -29.36 -34.29
N ASP C 106 7.88 -28.37 -35.19
CA ASP C 106 8.17 -26.97 -34.85
C ASP C 106 6.95 -26.18 -34.32
N TYR C 107 5.75 -26.78 -34.32
CA TYR C 107 4.54 -26.07 -33.90
C TYR C 107 4.45 -25.89 -32.37
N ARG C 108 4.52 -24.65 -31.94
CA ARG C 108 4.29 -24.31 -30.55
C ARG C 108 4.06 -22.83 -30.39
N TRP C 109 2.92 -22.44 -29.80
CA TRP C 109 2.64 -21.01 -29.49
C TRP C 109 3.39 -20.55 -28.23
N GLU C 110 4.17 -19.49 -28.34
CA GLU C 110 4.90 -18.89 -27.20
C GLU C 110 4.46 -17.45 -26.94
N ASP C 111 3.77 -17.26 -25.82
CA ASP C 111 3.27 -15.94 -25.45
C ASP C 111 4.41 -14.98 -25.10
N LYS C 112 4.35 -13.79 -25.68
CA LYS C 112 5.31 -12.73 -25.49
C LYS C 112 4.77 -11.62 -24.59
N GLY C 113 3.53 -11.77 -24.15
CA GLY C 113 2.98 -10.87 -23.14
C GLY C 113 2.31 -9.62 -23.66
N ILE C 114 2.17 -8.63 -22.81
CA ILE C 114 1.37 -7.43 -23.09
C ILE C 114 2.09 -6.40 -24.00
N VAL C 115 1.48 -6.09 -25.14
CA VAL C 115 1.94 -5.03 -26.06
C VAL C 115 1.50 -3.66 -25.54
N ILE C 116 0.22 -3.56 -25.23
CA ILE C 116 -0.37 -2.31 -24.71
C ILE C 116 -1.61 -2.61 -23.85
N GLU C 117 -1.77 -1.83 -22.77
CA GLU C 117 -2.87 -2.00 -21.83
C GLU C 117 -3.52 -0.62 -21.59
N SER C 118 -4.87 -0.59 -21.54
CA SER C 118 -5.63 0.57 -21.11
C SER C 118 -6.03 0.44 -19.64
N VAL C 119 -5.94 1.55 -18.92
CA VAL C 119 -6.23 1.63 -17.51
C VAL C 119 -7.29 2.70 -17.33
N PRO C 120 -8.43 2.31 -16.76
CA PRO C 120 -9.50 3.29 -16.46
C PRO C 120 -9.03 4.52 -15.71
N GLN C 121 -9.57 5.66 -16.15
CA GLN C 121 -9.27 7.00 -15.64
C GLN C 121 -7.94 7.57 -16.13
N ARG C 122 -7.01 6.73 -16.55
CA ARG C 122 -5.75 7.19 -17.17
C ARG C 122 -5.91 7.36 -18.70
N ASP C 123 -6.45 6.35 -19.35
CA ASP C 123 -6.51 6.31 -20.81
C ASP C 123 -7.95 6.43 -21.32
N LEU C 124 -8.14 7.32 -22.29
CA LEU C 124 -9.43 7.50 -22.96
C LEU C 124 -9.48 6.70 -24.26
N TRP C 125 -9.17 5.42 -24.14
CA TRP C 125 -9.20 4.46 -25.24
C TRP C 125 -9.24 3.05 -24.61
N ASN C 126 -9.55 2.07 -25.46
CA ASN C 126 -9.76 0.69 -25.08
C ASN C 126 -8.81 -0.19 -25.90
N ALA C 127 -7.89 -0.85 -25.19
CA ALA C 127 -6.84 -1.69 -25.76
C ALA C 127 -7.38 -3.04 -26.19
N ILE C 128 -8.20 -3.00 -27.24
CA ILE C 128 -8.74 -4.18 -27.90
C ILE C 128 -8.72 -3.99 -29.44
N ALA C 129 -8.80 -5.09 -30.17
CA ALA C 129 -8.95 -5.13 -31.64
C ALA C 129 -7.73 -4.63 -32.46
N PRO C 130 -6.59 -5.33 -32.31
CA PRO C 130 -5.37 -4.94 -33.05
C PRO C 130 -5.45 -5.22 -34.58
N ALA C 131 -4.71 -4.43 -35.34
CA ALA C 131 -4.35 -4.73 -36.75
C ALA C 131 -2.97 -4.23 -37.11
N ILE C 132 -2.20 -5.03 -37.84
CA ILE C 132 -0.82 -4.73 -38.12
C ILE C 132 -0.60 -4.26 -39.57
N ILE C 133 0.13 -3.15 -39.75
CA ILE C 133 0.40 -2.59 -41.08
C ILE C 133 1.84 -2.10 -41.18
N ALA C 134 2.48 -2.45 -42.29
CA ALA C 134 3.81 -1.95 -42.63
C ALA C 134 3.75 -0.80 -43.62
N ASP C 135 4.69 0.14 -43.51
CA ASP C 135 4.81 1.25 -44.46
C ASP C 135 5.96 1.03 -45.46
N ASP C 136 6.24 2.04 -46.27
CA ASP C 136 7.25 1.91 -47.32
C ASP C 136 8.68 2.08 -46.78
N HIS C 137 8.81 2.44 -45.50
CA HIS C 137 10.06 2.83 -44.88
C HIS C 137 10.64 1.85 -43.85
N GLY C 138 10.38 0.56 -44.01
CA GLY C 138 10.80 -0.42 -43.02
C GLY C 138 10.14 -0.37 -41.62
N GLN C 139 8.99 0.32 -41.46
CA GLN C 139 8.34 0.41 -40.15
C GLN C 139 7.02 -0.34 -40.11
N VAL C 140 6.71 -0.93 -38.97
CA VAL C 140 5.48 -1.67 -38.75
C VAL C 140 4.70 -0.98 -37.65
N TRP C 141 3.39 -0.89 -37.82
CA TRP C 141 2.53 -0.11 -36.93
C TRP C 141 1.39 -1.00 -36.46
N MET C 142 0.86 -0.71 -35.27
CA MET C 142 -0.38 -1.32 -34.82
C MET C 142 -1.49 -0.28 -34.79
N SER C 143 -2.63 -0.61 -35.39
CA SER C 143 -3.89 0.12 -35.15
C SER C 143 -4.78 -0.65 -34.21
N PHE C 144 -5.53 0.05 -33.37
CA PHE C 144 -6.46 -0.64 -32.50
C PHE C 144 -7.55 0.31 -32.01
N GLY C 145 -8.52 -0.26 -31.31
CA GLY C 145 -9.52 0.54 -30.58
C GLY C 145 -10.99 0.15 -30.65
N SER C 146 -11.75 0.71 -29.71
CA SER C 146 -13.17 0.47 -29.54
C SER C 146 -13.79 1.44 -28.54
N PHE C 147 -14.70 2.31 -29.01
CA PHE C 147 -15.41 3.27 -28.17
C PHE C 147 -14.44 4.24 -27.48
N TRP C 148 -14.83 4.80 -26.35
CA TRP C 148 -14.06 5.84 -25.66
C TRP C 148 -13.61 6.93 -26.67
N GLY C 149 -12.31 7.22 -26.75
CA GLY C 149 -11.78 8.29 -27.60
C GLY C 149 -11.31 7.83 -28.98
N GLY C 150 -11.74 6.62 -29.38
CA GLY C 150 -11.63 6.16 -30.76
C GLY C 150 -10.42 5.28 -31.09
N LEU C 151 -9.98 5.39 -32.34
CA LEU C 151 -8.98 4.50 -32.89
C LEU C 151 -7.64 5.14 -33.04
N LYS C 152 -6.59 4.40 -32.66
CA LYS C 152 -5.23 4.87 -32.60
C LYS C 152 -4.30 3.98 -33.42
N LEU C 153 -3.16 4.55 -33.79
CA LEU C 153 -2.07 3.91 -34.48
C LEU C 153 -0.74 4.22 -33.74
N PHE C 154 0.09 3.23 -33.46
CA PHE C 154 1.42 3.55 -32.92
C PHE C 154 2.50 2.65 -33.54
N LYS C 155 3.74 3.13 -33.47
CA LYS C 155 4.92 2.40 -34.01
C LYS C 155 5.39 1.24 -33.13
N LEU C 156 5.52 0.06 -33.73
CA LEU C 156 6.05 -1.08 -32.99
C LEU C 156 7.58 -1.12 -32.97
N ASN C 157 8.15 -1.72 -31.90
CA ASN C 157 9.60 -1.93 -31.78
C ASN C 157 10.11 -3.01 -32.75
N ASP C 158 11.42 -3.29 -32.75
CA ASP C 158 12.00 -4.18 -33.76
C ASP C 158 11.47 -5.60 -33.66
N ASP C 159 11.09 -6.03 -32.44
CA ASP C 159 10.61 -7.40 -32.12
C ASP C 159 9.13 -7.57 -32.42
N LEU C 160 8.46 -6.45 -32.65
CA LEU C 160 7.01 -6.39 -32.83
C LEU C 160 6.18 -6.74 -31.59
N THR C 161 6.78 -6.60 -30.38
CA THR C 161 6.13 -7.02 -29.13
C THR C 161 5.72 -5.91 -28.16
N ARG C 162 6.22 -4.71 -28.38
CA ARG C 162 5.95 -3.54 -27.54
C ARG C 162 5.97 -2.29 -28.45
N PRO C 163 5.43 -1.17 -27.99
CA PRO C 163 5.65 0.10 -28.69
C PRO C 163 7.13 0.44 -28.83
N ALA C 164 7.52 1.00 -29.97
CA ALA C 164 8.83 1.58 -30.14
C ALA C 164 9.04 2.72 -29.16
N GLU C 165 10.29 2.90 -28.75
CA GLU C 165 10.74 4.01 -27.89
C GLU C 165 11.82 4.82 -28.60
N PRO C 166 11.71 6.14 -28.71
CA PRO C 166 10.61 6.95 -28.14
C PRO C 166 9.31 6.64 -28.86
N GLN C 167 8.17 6.74 -28.16
CA GLN C 167 6.88 6.35 -28.72
C GLN C 167 6.36 7.36 -29.72
N GLU C 168 5.71 6.83 -30.73
CA GLU C 168 5.03 7.65 -31.73
C GLU C 168 3.60 7.16 -31.96
N TRP C 169 2.64 8.04 -31.68
CA TRP C 169 1.23 7.78 -31.80
C TRP C 169 0.49 8.79 -32.73
N HIS C 170 -0.63 8.33 -33.29
CA HIS C 170 -1.54 9.13 -34.11
C HIS C 170 -2.95 8.67 -33.92
N SER C 171 -3.88 9.57 -33.60
CA SER C 171 -5.30 9.21 -33.72
C SER C 171 -5.60 9.07 -35.23
N ILE C 172 -6.41 8.07 -35.58
CA ILE C 172 -6.84 7.82 -37.00
C ILE C 172 -8.35 7.91 -37.27
N ALA C 173 -9.19 7.58 -36.29
CA ALA C 173 -10.64 7.84 -36.42
C ALA C 173 -11.33 8.01 -35.09
N LYS C 174 -12.27 8.94 -35.01
CA LYS C 174 -12.99 9.22 -33.77
C LYS C 174 -14.45 9.62 -34.03
N LEU C 175 -15.27 9.38 -33.02
CA LEU C 175 -16.63 9.91 -32.96
C LEU C 175 -16.81 10.75 -31.66
N GLU C 176 -17.88 11.54 -31.62
CA GLU C 176 -18.07 12.54 -30.59
C GLU C 176 -18.13 11.93 -29.16
N ARG C 177 -17.46 12.67 -28.26
CA ARG C 177 -17.46 12.44 -26.80
C ARG C 177 -16.94 13.68 -26.09
N SER C 178 -17.62 14.12 -25.03
CA SER C 178 -17.14 15.15 -24.14
C SER C 178 -16.24 14.51 -23.07
N VAL C 179 -15.15 15.17 -22.70
CA VAL C 179 -14.28 14.67 -21.59
C VAL C 179 -14.94 14.72 -20.20
N LEU C 180 -16.03 15.49 -20.09
CA LEU C 180 -16.79 15.56 -18.85
C LEU C 180 -17.56 14.27 -18.54
N MET C 181 -17.71 13.39 -19.53
CA MET C 181 -18.28 12.06 -19.31
C MET C 181 -17.35 11.26 -18.36
N ASP C 182 -17.97 10.44 -17.53
CA ASP C 182 -17.26 9.50 -16.63
C ASP C 182 -16.30 8.64 -17.48
N ASP C 183 -15.01 8.75 -17.18
CA ASP C 183 -13.93 8.10 -17.94
C ASP C 183 -14.07 6.61 -18.01
N SER C 184 -14.85 6.04 -17.09
CA SER C 184 -15.05 4.59 -17.02
C SER C 184 -16.12 4.05 -18.00
N GLN C 185 -16.96 4.95 -18.53
CA GLN C 185 -18.07 4.64 -19.44
C GLN C 185 -17.65 4.68 -20.90
N ALA C 186 -18.06 3.66 -21.67
CA ALA C 186 -17.72 3.50 -23.09
C ALA C 186 -18.23 4.65 -24.00
N GLY C 187 -19.39 5.20 -23.65
CA GLY C 187 -19.95 6.40 -24.25
C GLY C 187 -20.74 6.07 -25.53
N SER C 188 -21.04 7.11 -26.30
CA SER C 188 -21.92 6.96 -27.49
C SER C 188 -21.13 6.84 -28.82
N ALA C 189 -19.80 6.93 -28.77
CA ALA C 189 -18.93 6.77 -29.95
C ALA C 189 -18.84 5.29 -30.44
N GLN C 190 -19.82 4.86 -31.22
CA GLN C 190 -19.92 3.47 -31.68
C GLN C 190 -19.05 3.24 -32.90
N ILE C 191 -17.75 3.15 -32.62
CA ILE C 191 -16.70 2.93 -33.59
C ILE C 191 -15.65 1.96 -32.99
N GLU C 192 -15.29 0.95 -33.76
CA GLU C 192 -14.25 0.00 -33.36
C GLU C 192 -13.61 -0.71 -34.54
N ALA C 193 -12.62 -1.51 -34.22
CA ALA C 193 -12.09 -2.55 -35.09
C ALA C 193 -11.42 -2.05 -36.39
N PRO C 194 -10.39 -1.23 -36.23
CA PRO C 194 -9.68 -0.67 -37.39
C PRO C 194 -9.02 -1.77 -38.23
N PHE C 195 -8.98 -1.61 -39.55
CA PHE C 195 -8.16 -2.49 -40.39
C PHE C 195 -7.67 -1.68 -41.58
N ILE C 196 -6.35 -1.74 -41.84
CA ILE C 196 -5.69 -0.97 -42.91
C ILE C 196 -5.10 -1.90 -44.01
N LEU C 197 -5.45 -1.58 -45.27
CA LEU C 197 -4.94 -2.21 -46.49
C LEU C 197 -4.29 -1.20 -47.38
N ARG C 198 -3.06 -1.46 -47.79
CA ARG C 198 -2.42 -0.70 -48.85
C ARG C 198 -2.93 -1.15 -50.22
N LYS C 199 -3.23 -0.19 -51.09
CA LYS C 199 -3.67 -0.45 -52.50
C LYS C 199 -3.34 0.77 -53.35
N GLY C 200 -2.50 0.59 -54.35
CA GLY C 200 -2.05 1.65 -55.20
C GLY C 200 -1.31 2.70 -54.38
N ASP C 201 -1.67 3.95 -54.59
CA ASP C 201 -1.03 5.07 -53.88
C ASP C 201 -1.67 5.45 -52.56
N TYR C 202 -2.60 4.65 -52.07
CA TYR C 202 -3.28 4.97 -50.81
C TYR C 202 -3.21 3.82 -49.78
N TYR C 203 -3.30 4.21 -48.52
CA TYR C 203 -3.75 3.34 -47.43
C TYR C 203 -5.24 3.53 -47.21
N TYR C 204 -5.96 2.40 -47.10
CA TYR C 204 -7.38 2.40 -46.79
C TYR C 204 -7.63 1.91 -45.38
N LEU C 205 -8.33 2.75 -44.60
CA LEU C 205 -8.79 2.44 -43.23
C LEU C 205 -10.25 2.03 -43.23
N PHE C 206 -10.53 0.76 -42.95
CA PHE C 206 -11.88 0.25 -42.69
C PHE C 206 -12.19 0.30 -41.17
N ALA C 207 -13.43 0.60 -40.83
CA ALA C 207 -13.88 0.57 -39.47
C ALA C 207 -15.32 0.12 -39.38
N SER C 208 -15.69 -0.38 -38.21
CA SER C 208 -17.05 -0.77 -37.90
C SER C 208 -17.75 0.31 -37.09
N TRP C 209 -18.96 0.64 -37.52
CA TRP C 209 -19.82 1.62 -36.86
C TRP C 209 -21.05 0.91 -36.34
N GLY C 210 -21.64 1.44 -35.27
CA GLY C 210 -22.86 0.91 -34.69
C GLY C 210 -22.65 -0.26 -33.70
N LEU C 211 -23.71 -1.02 -33.46
CA LEU C 211 -23.77 -2.04 -32.41
C LEU C 211 -23.89 -3.46 -32.94
N CYS C 212 -22.95 -4.31 -32.50
CA CYS C 212 -22.89 -5.75 -32.78
C CYS C 212 -23.71 -6.53 -31.77
N CYS C 213 -23.82 -7.82 -32.02
CA CYS C 213 -24.27 -8.75 -30.98
C CYS C 213 -25.68 -8.48 -30.44
N ARG C 214 -26.60 -7.92 -31.23
CA ARG C 214 -27.92 -7.52 -30.70
C ARG C 214 -29.14 -8.05 -31.44
N LYS C 215 -28.99 -9.19 -32.10
CA LYS C 215 -30.11 -9.85 -32.81
C LYS C 215 -30.78 -8.93 -33.87
N GLY C 216 -32.11 -8.80 -33.81
CA GLY C 216 -32.83 -8.01 -34.79
C GLY C 216 -32.53 -6.53 -34.75
N ASP C 217 -31.81 -6.06 -33.72
CA ASP C 217 -31.59 -4.63 -33.54
C ASP C 217 -30.23 -4.18 -33.99
N SER C 218 -29.35 -5.09 -34.40
CA SER C 218 -27.97 -4.72 -34.68
C SER C 218 -27.89 -3.67 -35.80
N THR C 219 -27.00 -2.68 -35.62
CA THR C 219 -26.77 -1.67 -36.65
C THR C 219 -25.34 -1.70 -37.22
N TYR C 220 -24.55 -2.68 -36.76
CA TYR C 220 -23.17 -2.89 -37.17
C TYR C 220 -23.02 -2.88 -38.71
N HIS C 221 -22.11 -2.05 -39.18
CA HIS C 221 -21.75 -2.01 -40.61
C HIS C 221 -20.35 -1.45 -40.78
N LEU C 222 -19.88 -1.43 -42.02
CA LEU C 222 -18.50 -1.04 -42.37
C LEU C 222 -18.44 0.29 -43.13
N VAL C 223 -17.50 1.15 -42.70
CA VAL C 223 -17.16 2.43 -43.37
C VAL C 223 -15.64 2.47 -43.75
N VAL C 224 -15.29 3.42 -44.62
CA VAL C 224 -13.92 3.50 -45.16
C VAL C 224 -13.47 4.94 -45.35
N GLY C 225 -12.16 5.15 -45.26
CA GLY C 225 -11.53 6.38 -45.65
C GLY C 225 -10.15 6.01 -46.17
N ARG C 226 -9.46 6.99 -46.72
CA ARG C 226 -8.12 6.76 -47.31
C ARG C 226 -7.11 7.91 -47.05
N SER C 227 -5.83 7.57 -47.01
CA SER C 227 -4.76 8.52 -46.73
C SER C 227 -3.56 8.16 -47.58
N LYS C 228 -2.80 9.15 -48.01
CA LYS C 228 -1.53 8.90 -48.71
C LYS C 228 -0.47 8.29 -47.81
N GLN C 229 -0.40 8.73 -46.56
CA GLN C 229 0.55 8.16 -45.57
C GLN C 229 -0.18 7.33 -44.52
N VAL C 230 0.49 6.30 -44.01
CA VAL C 230 -0.15 5.40 -43.08
C VAL C 230 -0.62 6.16 -41.82
N THR C 231 0.06 7.26 -41.48
CA THR C 231 -0.23 7.99 -40.25
C THR C 231 -1.35 9.01 -40.36
N GLY C 232 -2.06 9.03 -41.51
CA GLY C 232 -3.19 9.91 -41.73
C GLY C 232 -2.87 11.22 -42.43
N PRO C 233 -3.89 12.08 -42.63
CA PRO C 233 -5.27 11.82 -42.18
C PRO C 233 -6.06 10.97 -43.17
N TYR C 234 -6.94 10.14 -42.65
CA TYR C 234 -7.84 9.29 -43.44
C TYR C 234 -9.13 10.07 -43.73
N LEU C 235 -9.35 10.33 -45.02
CA LEU C 235 -10.52 11.13 -45.49
C LEU C 235 -11.54 10.26 -46.22
N ASP C 236 -12.80 10.60 -46.05
CA ASP C 236 -13.84 9.85 -46.71
C ASP C 236 -14.12 10.47 -48.11
N LYS C 237 -15.10 9.92 -48.80
CA LYS C 237 -15.48 10.36 -50.15
C LYS C 237 -15.79 11.83 -50.29
N THR C 238 -16.29 12.47 -49.23
CA THR C 238 -16.64 13.88 -49.24
C THR C 238 -15.51 14.76 -48.72
N GLY C 239 -14.35 14.17 -48.43
CA GLY C 239 -13.21 14.94 -47.97
C GLY C 239 -13.21 15.17 -46.46
N ARG C 240 -13.99 14.37 -45.72
CA ARG C 240 -14.11 14.54 -44.26
C ARG C 240 -13.16 13.59 -43.50
N ASP C 241 -12.38 14.16 -42.61
CA ASP C 241 -11.44 13.42 -41.74
C ASP C 241 -12.23 12.44 -40.85
N MET C 242 -11.83 11.16 -40.85
CA MET C 242 -12.38 10.19 -39.93
C MET C 242 -12.14 10.57 -38.45
N ASN C 243 -11.14 11.40 -38.17
CA ASN C 243 -10.90 11.94 -36.80
C ASN C 243 -11.98 12.89 -36.32
N GLN C 244 -12.80 13.36 -37.27
CA GLN C 244 -13.97 14.19 -36.94
C GLN C 244 -15.27 13.56 -37.47
N GLY C 245 -15.33 12.24 -37.46
CA GLY C 245 -16.58 11.54 -37.71
C GLY C 245 -16.84 11.20 -39.16
N GLY C 246 -15.82 11.41 -40.00
CA GLY C 246 -15.88 10.98 -41.40
C GLY C 246 -15.89 9.47 -41.56
N GLY C 247 -16.44 9.01 -42.68
CA GLY C 247 -16.41 7.61 -43.08
C GLY C 247 -17.52 7.29 -44.07
N SER C 248 -17.15 6.69 -45.19
CA SER C 248 -18.07 6.38 -46.29
C SER C 248 -18.51 4.97 -46.25
N LEU C 249 -19.80 4.75 -46.50
CA LEU C 249 -20.38 3.42 -46.42
C LEU C 249 -19.76 2.47 -47.43
N LEU C 250 -19.36 1.31 -46.94
CA LEU C 250 -18.86 0.20 -47.78
C LEU C 250 -19.89 -0.92 -47.95
N ILE C 251 -20.38 -1.44 -46.84
CA ILE C 251 -21.43 -2.45 -46.85
C ILE C 251 -22.24 -2.40 -45.54
N LYS C 252 -23.55 -2.53 -45.67
CA LYS C 252 -24.42 -2.71 -44.52
C LYS C 252 -25.31 -3.92 -44.76
N GLY C 253 -26.06 -4.30 -43.75
CA GLY C 253 -26.90 -5.47 -43.83
C GLY C 253 -28.20 -5.28 -44.60
N ASN C 254 -29.00 -6.33 -44.59
CA ASN C 254 -30.30 -6.37 -45.27
C ASN C 254 -31.29 -7.29 -44.49
N LYS C 255 -32.32 -7.81 -45.14
CA LYS C 255 -33.32 -8.63 -44.44
C LYS C 255 -32.74 -9.98 -43.95
N ARG C 256 -31.77 -10.53 -44.69
CA ARG C 256 -31.21 -11.85 -44.38
C ARG C 256 -29.97 -11.78 -43.44
N TRP C 257 -29.26 -10.66 -43.47
CA TRP C 257 -27.99 -10.44 -42.76
C TRP C 257 -28.10 -9.14 -41.95
N VAL C 258 -28.40 -9.26 -40.65
CA VAL C 258 -28.78 -8.12 -39.85
C VAL C 258 -27.56 -7.79 -38.99
N GLY C 259 -26.81 -6.79 -39.44
CA GLY C 259 -25.51 -6.44 -38.90
C GLY C 259 -24.40 -7.30 -39.47
N LEU C 260 -23.28 -6.64 -39.72
CA LEU C 260 -22.07 -7.29 -40.17
C LEU C 260 -20.93 -6.35 -39.93
N GLY C 261 -19.71 -6.90 -39.87
CA GLY C 261 -18.53 -6.10 -39.66
C GLY C 261 -17.33 -6.80 -39.02
N HIS C 262 -16.58 -6.02 -38.25
CA HIS C 262 -15.27 -6.38 -37.73
C HIS C 262 -14.46 -7.11 -38.78
N ASN C 263 -13.97 -6.39 -39.77
CA ASN C 263 -13.41 -7.01 -40.96
C ASN C 263 -11.90 -7.05 -40.97
N SER C 264 -11.39 -7.89 -41.86
CA SER C 264 -10.04 -7.82 -42.40
C SER C 264 -10.13 -7.71 -43.96
N ALA C 265 -8.98 -7.56 -44.61
CA ALA C 265 -8.91 -7.41 -46.08
C ALA C 265 -7.52 -7.78 -46.50
N TYR C 266 -7.41 -8.38 -47.69
CA TYR C 266 -6.16 -9.00 -48.15
C TYR C 266 -6.00 -8.94 -49.66
N THR C 267 -4.73 -8.96 -50.10
CA THR C 267 -4.36 -9.17 -51.48
C THR C 267 -3.66 -10.52 -51.59
N TRP C 268 -4.27 -11.42 -52.36
CA TRP C 268 -3.78 -12.78 -52.58
C TRP C 268 -3.69 -13.06 -54.08
N ASP C 269 -2.49 -13.34 -54.55
CA ASP C 269 -2.23 -13.73 -55.95
C ASP C 269 -2.90 -12.75 -56.91
N GLY C 270 -2.73 -11.45 -56.66
CA GLY C 270 -3.12 -10.40 -57.58
C GLY C 270 -4.60 -9.96 -57.51
N LYS C 271 -5.37 -10.53 -56.59
CA LYS C 271 -6.77 -10.14 -56.37
C LYS C 271 -7.04 -9.80 -54.91
N ASP C 272 -8.04 -8.96 -54.67
CA ASP C 272 -8.33 -8.42 -53.33
C ASP C 272 -9.62 -9.00 -52.76
N TYR C 273 -9.66 -9.09 -51.42
CA TYR C 273 -10.74 -9.76 -50.69
C TYR C 273 -11.08 -9.08 -49.37
N LEU C 274 -12.37 -9.06 -49.06
CA LEU C 274 -12.91 -8.59 -47.80
C LEU C 274 -13.37 -9.78 -46.96
N VAL C 275 -12.97 -9.83 -45.69
CA VAL C 275 -13.29 -10.97 -44.80
C VAL C 275 -14.03 -10.41 -43.57
N LEU C 276 -15.20 -10.93 -43.28
CA LEU C 276 -16.01 -10.39 -42.18
C LEU C 276 -16.95 -11.42 -41.57
N HIS C 277 -17.66 -11.04 -40.51
CA HIS C 277 -18.78 -11.86 -40.01
C HIS C 277 -20.08 -11.13 -40.21
N ALA C 278 -21.15 -11.90 -40.34
CA ALA C 278 -22.50 -11.37 -40.61
C ALA C 278 -23.53 -12.25 -39.92
N TYR C 279 -24.52 -11.61 -39.29
CA TYR C 279 -25.48 -12.29 -38.44
C TYR C 279 -26.67 -12.80 -39.27
N GLU C 280 -26.86 -14.11 -39.29
CA GLU C 280 -27.84 -14.74 -40.18
C GLU C 280 -29.22 -14.78 -39.53
N ALA C 281 -30.12 -13.94 -40.02
CA ALA C 281 -31.46 -13.85 -39.44
C ALA C 281 -32.23 -15.16 -39.39
N ALA C 282 -32.06 -16.01 -40.40
CA ALA C 282 -32.78 -17.29 -40.47
C ALA C 282 -32.20 -18.36 -39.56
N ASP C 283 -31.10 -18.07 -38.87
CA ASP C 283 -30.38 -19.04 -38.04
C ASP C 283 -30.07 -18.41 -36.65
N ASN C 284 -31.11 -17.84 -36.03
CA ASN C 284 -31.02 -17.18 -34.72
C ASN C 284 -29.96 -16.11 -34.59
N TYR C 285 -29.72 -15.42 -35.70
CA TYR C 285 -28.74 -14.35 -35.74
C TYR C 285 -27.30 -14.80 -35.50
N LEU C 286 -27.03 -16.08 -35.72
CA LEU C 286 -25.69 -16.59 -35.54
C LEU C 286 -24.71 -16.08 -36.62
N GLN C 287 -23.66 -15.42 -36.16
CA GLN C 287 -22.52 -14.96 -36.97
C GLN C 287 -21.91 -16.04 -37.86
N LYS C 288 -21.77 -15.72 -39.16
CA LYS C 288 -21.15 -16.61 -40.13
C LYS C 288 -19.96 -15.93 -40.82
N LEU C 289 -18.94 -16.71 -41.19
CA LEU C 289 -17.85 -16.21 -41.99
C LEU C 289 -18.38 -15.77 -43.37
N LYS C 290 -17.90 -14.65 -43.87
CA LYS C 290 -18.11 -14.25 -45.27
C LYS C 290 -16.83 -13.70 -45.92
N ILE C 291 -16.52 -14.19 -47.12
CA ILE C 291 -15.39 -13.67 -47.91
C ILE C 291 -15.97 -13.07 -49.21
N LEU C 292 -15.69 -11.82 -49.46
CA LEU C 292 -16.23 -11.11 -50.64
C LEU C 292 -15.14 -10.59 -51.55
N ASN C 293 -15.37 -10.66 -52.86
CA ASN C 293 -14.48 -10.04 -53.84
C ASN C 293 -14.47 -8.54 -53.69
N LEU C 294 -13.28 -7.96 -53.58
CA LEU C 294 -13.10 -6.52 -53.34
C LEU C 294 -12.68 -5.84 -54.65
N HIS C 295 -13.57 -4.98 -55.14
CA HIS C 295 -13.36 -4.22 -56.37
C HIS C 295 -13.03 -2.75 -56.09
N TRP C 296 -12.62 -2.03 -57.13
CA TRP C 296 -12.26 -0.62 -56.99
C TRP C 296 -12.91 0.17 -58.14
N ASP C 297 -13.62 1.24 -57.79
CA ASP C 297 -14.37 2.00 -58.77
C ASP C 297 -13.50 3.05 -59.48
N GLY C 298 -14.11 3.80 -60.40
CA GLY C 298 -13.41 4.82 -61.18
C GLY C 298 -12.92 6.06 -60.43
N GLU C 299 -13.35 6.25 -59.17
CA GLU C 299 -12.83 7.30 -58.31
C GLU C 299 -11.79 6.82 -57.27
N GLY C 300 -11.39 5.56 -57.37
CA GLY C 300 -10.40 5.00 -56.46
C GLY C 300 -10.90 4.53 -55.10
N TRP C 301 -12.15 4.08 -55.03
CA TRP C 301 -12.77 3.65 -53.75
C TRP C 301 -13.21 2.20 -53.84
N PRO C 302 -13.07 1.45 -52.74
CA PRO C 302 -13.48 0.06 -52.73
C PRO C 302 -14.99 -0.12 -52.85
N GLN C 303 -15.37 -1.21 -53.48
CA GLN C 303 -16.77 -1.62 -53.68
C GLN C 303 -16.88 -3.15 -53.56
N VAL C 304 -17.98 -3.61 -52.97
CA VAL C 304 -18.32 -5.02 -52.94
C VAL C 304 -19.76 -5.26 -53.38
N ASP C 305 -20.03 -6.49 -53.79
CA ASP C 305 -21.34 -6.97 -54.22
C ASP C 305 -22.04 -7.66 -53.04
N GLU C 306 -23.03 -7.00 -52.44
CA GLU C 306 -23.73 -7.58 -51.27
C GLU C 306 -24.42 -8.91 -51.52
N LYS C 307 -24.64 -9.28 -52.79
CA LYS C 307 -25.17 -10.57 -53.10
C LYS C 307 -24.25 -11.71 -52.66
N GLU C 308 -22.95 -11.41 -52.55
CA GLU C 308 -21.96 -12.38 -52.10
C GLU C 308 -22.15 -12.80 -50.63
N LEU C 309 -22.89 -12.02 -49.86
CA LEU C 309 -23.30 -12.43 -48.53
C LEU C 309 -24.08 -13.73 -48.62
N ASP C 310 -24.85 -13.91 -49.71
CA ASP C 310 -25.60 -15.17 -49.95
C ASP C 310 -24.84 -16.29 -50.64
N SER C 311 -23.93 -15.95 -51.56
CA SER C 311 -23.28 -16.93 -52.44
C SER C 311 -21.92 -17.47 -51.93
N TYR C 312 -21.26 -16.76 -51.03
CA TYR C 312 -20.16 -17.34 -50.26
C TYR C 312 -20.79 -18.15 -49.11
N ILE C 313 -20.61 -19.47 -49.16
CA ILE C 313 -21.18 -20.40 -48.19
C ILE C 313 -20.08 -21.36 -47.69
N SER C 314 -19.51 -21.03 -46.53
CA SER C 314 -18.44 -21.87 -45.95
C SER C 314 -19.06 -23.14 -45.49
N GLN C 315 -18.23 -24.15 -45.30
CA GLN C 315 -18.65 -25.45 -44.83
C GLN C 315 -17.67 -25.91 -43.71
N ARG C 316 -18.21 -26.29 -42.57
CA ARG C 316 -17.37 -26.81 -41.46
C ARG C 316 -17.17 -28.32 -41.66
N LEU C 317 -15.95 -28.69 -42.01
CA LEU C 317 -15.55 -30.09 -42.15
C LEU C 317 -15.58 -30.83 -40.81
N LYS C 318 -15.94 -32.11 -40.86
CA LYS C 318 -15.79 -33.00 -39.68
C LYS C 318 -14.31 -33.22 -39.35
N ALA D 2 9.89 -59.54 42.66
CA ALA D 2 8.59 -60.14 43.06
C ALA D 2 7.88 -59.29 44.13
N LYS D 3 8.61 -58.75 45.09
CA LYS D 3 8.02 -57.91 46.13
C LYS D 3 7.85 -56.47 45.68
N GLN D 4 6.94 -55.76 46.32
CA GLN D 4 6.81 -54.34 46.10
C GLN D 4 7.97 -53.60 46.74
N VAL D 5 8.29 -52.44 46.22
CA VAL D 5 9.39 -51.69 46.81
C VAL D 5 8.87 -50.94 48.03
N ASP D 6 9.58 -51.13 49.13
CA ASP D 6 9.27 -50.43 50.37
C ASP D 6 10.09 -49.14 50.49
N VAL D 7 9.34 -48.05 50.57
CA VAL D 7 9.88 -46.72 50.80
C VAL D 7 9.08 -46.00 51.88
N HIS D 8 9.63 -44.87 52.35
CA HIS D 8 8.98 -44.02 53.34
C HIS D 8 9.36 -42.56 53.05
N ASP D 9 8.35 -41.68 52.93
CA ASP D 9 8.53 -40.26 52.55
C ASP D 9 9.14 -40.02 51.13
N PRO D 10 8.56 -40.65 50.10
CA PRO D 10 9.21 -40.71 48.77
C PRO D 10 9.14 -39.41 47.95
N VAL D 11 10.20 -39.20 47.16
CA VAL D 11 10.26 -38.17 46.12
C VAL D 11 10.95 -38.73 44.86
N MET D 12 10.67 -38.11 43.72
CA MET D 12 11.08 -38.61 42.42
C MET D 12 11.53 -37.49 41.47
N THR D 13 12.41 -37.85 40.54
CA THR D 13 12.77 -36.99 39.40
C THR D 13 13.18 -37.77 38.13
N ARG D 14 13.26 -37.07 37.00
CA ARG D 14 13.73 -37.66 35.73
C ARG D 14 15.02 -37.03 35.21
N GLU D 15 16.01 -37.86 34.90
CA GLU D 15 17.20 -37.45 34.14
C GLU D 15 17.25 -38.17 32.79
N GLY D 16 17.06 -37.41 31.71
CA GLY D 16 16.98 -37.98 30.39
C GLY D 16 15.75 -38.87 30.32
N ASP D 17 15.96 -40.16 30.05
CA ASP D 17 14.88 -41.14 30.01
C ASP D 17 14.91 -42.13 31.20
N THR D 18 15.57 -41.75 32.31
CA THR D 18 15.66 -42.61 33.49
C THR D 18 15.01 -41.95 34.71
N TRP D 19 14.09 -42.66 35.34
CA TRP D 19 13.46 -42.19 36.58
C TRP D 19 14.29 -42.55 37.82
N TYR D 20 14.46 -41.61 38.74
CA TYR D 20 15.11 -41.85 40.02
C TYR D 20 14.17 -41.61 41.20
N LEU D 21 14.26 -42.49 42.20
CA LEU D 21 13.38 -42.47 43.40
C LEU D 21 14.20 -42.39 44.71
N PHE D 22 13.82 -41.50 45.60
CA PHE D 22 14.54 -41.22 46.86
C PHE D 22 13.64 -41.48 48.08
N SER D 23 14.19 -42.18 49.09
CA SER D 23 13.43 -42.55 50.30
C SER D 23 14.23 -42.29 51.59
N THR D 24 13.52 -41.98 52.66
CA THR D 24 14.02 -42.14 54.03
C THR D 24 14.74 -43.47 54.17
N GLY D 25 15.87 -43.43 54.90
CA GLY D 25 16.72 -44.58 55.08
C GLY D 25 18.19 -44.21 55.33
N PRO D 26 19.04 -45.23 55.53
CA PRO D 26 20.48 -44.98 55.73
C PRO D 26 21.09 -44.22 54.55
N GLY D 27 21.57 -43.01 54.78
CA GLY D 27 22.20 -42.17 53.77
C GLY D 27 21.29 -41.59 52.67
N ILE D 28 19.97 -41.74 52.83
CA ILE D 28 18.97 -41.63 51.74
C ILE D 28 19.17 -42.73 50.67
N THR D 29 18.18 -43.60 50.56
CA THR D 29 18.16 -44.65 49.56
C THR D 29 17.69 -44.12 48.19
N ILE D 30 18.39 -44.54 47.14
CA ILE D 30 18.10 -44.11 45.78
C ILE D 30 17.87 -45.33 44.94
N TYR D 31 16.78 -45.33 44.17
CA TYR D 31 16.50 -46.35 43.15
C TYR D 31 16.34 -45.74 41.75
N SER D 32 16.46 -46.57 40.71
CA SER D 32 16.28 -46.15 39.32
C SER D 32 15.35 -47.07 38.54
N SER D 33 14.73 -46.50 37.52
CA SER D 33 13.77 -47.22 36.68
C SER D 33 13.64 -46.60 35.28
N LYS D 34 13.19 -47.42 34.34
CA LYS D 34 12.92 -46.96 33.00
C LYS D 34 11.44 -46.73 32.74
N ASP D 35 10.56 -47.14 33.65
CA ASP D 35 9.11 -47.08 33.40
C ASP D 35 8.23 -46.77 34.61
N ARG D 36 8.84 -46.33 35.72
CA ARG D 36 8.18 -46.01 36.98
C ARG D 36 7.55 -47.17 37.77
N VAL D 37 7.67 -48.39 37.26
CA VAL D 37 7.08 -49.57 37.89
C VAL D 37 8.18 -50.53 38.39
N ASN D 38 9.15 -50.82 37.53
CA ASN D 38 10.24 -51.76 37.81
C ASN D 38 11.48 -51.03 38.28
N TRP D 39 11.83 -51.21 39.56
CA TRP D 39 12.87 -50.41 40.25
C TRP D 39 14.07 -51.26 40.62
N ARG D 40 15.27 -50.72 40.45
CA ARG D 40 16.48 -51.40 40.96
C ARG D 40 17.27 -50.43 41.84
N TYR D 41 17.97 -50.98 42.81
CA TYR D 41 18.74 -50.17 43.74
C TYR D 41 19.87 -49.48 42.97
N SER D 42 19.99 -48.17 43.13
CA SER D 42 21.04 -47.39 42.50
C SER D 42 22.21 -47.07 43.47
N ASP D 43 21.92 -46.44 44.60
CA ASP D 43 22.98 -45.93 45.51
C ASP D 43 22.39 -45.50 46.84
N ARG D 44 23.27 -45.13 47.77
CA ARG D 44 22.88 -44.31 48.90
C ARG D 44 23.70 -43.02 48.84
N ALA D 45 23.03 -41.89 49.05
CA ALA D 45 23.70 -40.60 48.82
C ALA D 45 24.92 -40.42 49.73
N PHE D 46 24.74 -40.70 51.00
CA PHE D 46 25.86 -40.74 51.94
C PHE D 46 26.20 -42.22 52.16
N ALA D 47 27.42 -42.61 51.81
CA ALA D 47 27.91 -43.96 52.11
C ALA D 47 27.86 -44.22 53.61
N THR D 48 28.04 -43.15 54.37
CA THR D 48 27.90 -43.15 55.82
C THR D 48 26.73 -42.24 56.30
N GLU D 49 27.05 -41.11 56.94
CA GLU D 49 26.12 -40.05 57.30
C GLU D 49 26.85 -38.69 57.19
N PRO D 50 26.12 -37.58 57.27
CA PRO D 50 26.77 -36.26 57.28
C PRO D 50 27.72 -36.12 58.46
N THR D 51 28.86 -35.45 58.26
CA THR D 51 29.86 -35.30 59.32
C THR D 51 29.37 -34.56 60.53
N TRP D 52 28.39 -33.66 60.33
CA TRP D 52 27.83 -32.83 61.38
C TRP D 52 26.60 -33.44 62.07
N ALA D 53 26.15 -34.61 61.64
CA ALA D 53 24.84 -35.16 62.09
C ALA D 53 24.70 -35.41 63.63
N LYS D 54 25.74 -36.01 64.24
CA LYS D 54 25.73 -36.33 65.67
C LYS D 54 25.86 -35.07 66.57
N ARG D 55 26.36 -33.98 66.01
CA ARG D 55 26.42 -32.69 66.69
C ARG D 55 25.02 -32.13 66.90
N VAL D 56 24.19 -32.25 65.86
CA VAL D 56 22.80 -31.85 65.97
C VAL D 56 21.98 -32.85 66.77
N SER D 57 22.19 -34.13 66.52
CA SER D 57 21.41 -35.23 67.12
C SER D 57 22.34 -36.31 67.69
N PRO D 58 22.72 -36.17 68.95
CA PRO D 58 23.67 -37.12 69.57
C PRO D 58 23.23 -38.60 69.51
N SER D 59 21.93 -38.89 69.50
CA SER D 59 21.45 -40.29 69.32
C SER D 59 21.40 -40.80 67.87
N PHE D 60 21.72 -39.96 66.89
CA PHE D 60 21.41 -40.25 65.49
C PHE D 60 21.60 -41.73 65.18
N ASP D 61 20.51 -42.40 64.74
CA ASP D 61 20.50 -43.86 64.43
C ASP D 61 21.10 -44.23 63.07
N GLY D 62 21.43 -43.22 62.27
CA GLY D 62 22.10 -43.46 60.99
C GLY D 62 21.14 -43.28 59.81
N HIS D 63 19.86 -43.10 60.11
CA HIS D 63 18.79 -42.93 59.13
C HIS D 63 18.48 -41.44 58.87
N LEU D 64 18.61 -41.04 57.60
CA LEU D 64 18.21 -39.70 57.17
C LEU D 64 16.74 -39.73 56.76
N TRP D 65 16.05 -38.64 57.07
CA TRP D 65 14.60 -38.57 56.90
C TRP D 65 14.16 -37.61 55.77
N ALA D 66 13.11 -38.03 55.04
CA ALA D 66 12.22 -37.11 54.29
C ALA D 66 12.96 -36.25 53.24
N PRO D 67 13.55 -36.90 52.24
CA PRO D 67 14.34 -36.16 51.25
C PRO D 67 13.48 -35.30 50.34
N ASP D 68 14.05 -34.25 49.77
CA ASP D 68 13.45 -33.66 48.56
C ASP D 68 14.49 -33.54 47.44
N ILE D 69 14.06 -33.80 46.19
CA ILE D 69 14.95 -33.71 45.02
C ILE D 69 14.50 -32.55 44.10
N TYR D 70 15.45 -31.71 43.68
CA TYR D 70 15.13 -30.48 42.91
C TYR D 70 16.22 -30.17 41.84
N GLN D 71 15.78 -30.00 40.59
CA GLN D 71 16.67 -29.68 39.45
C GLN D 71 16.77 -28.17 39.20
N HIS D 72 18.00 -27.69 39.11
CA HIS D 72 18.29 -26.26 39.06
C HIS D 72 19.63 -26.03 38.36
N LYS D 73 19.55 -25.34 37.22
CA LYS D 73 20.71 -24.89 36.48
C LYS D 73 21.75 -25.98 36.21
N GLY D 74 21.30 -27.14 35.74
CA GLY D 74 22.23 -28.19 35.38
C GLY D 74 22.49 -29.23 36.46
N LEU D 75 22.17 -28.89 37.70
CA LEU D 75 22.53 -29.71 38.86
C LEU D 75 21.34 -30.35 39.59
N PHE D 76 21.66 -31.29 40.47
CA PHE D 76 20.69 -32.04 41.26
C PHE D 76 20.89 -31.76 42.76
N TYR D 77 19.94 -31.03 43.34
CA TYR D 77 19.89 -30.69 44.76
C TYR D 77 19.05 -31.71 45.58
N LEU D 78 19.72 -32.45 46.47
CA LEU D 78 19.10 -33.38 47.41
C LEU D 78 19.08 -32.82 48.84
N TYR D 79 17.90 -32.37 49.28
CA TYR D 79 17.64 -31.94 50.64
C TYR D 79 17.29 -33.15 51.55
N TYR D 80 17.72 -33.09 52.81
CA TYR D 80 17.58 -34.24 53.71
C TYR D 80 17.49 -33.75 55.17
N SER D 81 16.99 -34.63 56.05
CA SER D 81 16.73 -34.27 57.43
C SER D 81 17.52 -35.16 58.42
N VAL D 82 18.18 -34.50 59.35
CA VAL D 82 18.82 -35.14 60.53
C VAL D 82 17.99 -34.82 61.78
N SER D 83 17.59 -35.84 62.55
CA SER D 83 16.72 -35.61 63.71
C SER D 83 16.83 -36.71 64.79
N ALA D 84 15.95 -36.63 65.77
CA ALA D 84 15.79 -37.63 66.80
C ALA D 84 14.29 -37.76 67.12
N PHE D 85 13.79 -39.00 67.22
CA PHE D 85 12.36 -39.19 67.49
C PHE D 85 11.92 -38.48 68.79
N GLY D 86 10.81 -37.77 68.70
CA GLY D 86 10.22 -37.08 69.83
C GLY D 86 10.84 -35.74 70.18
N LYS D 87 11.88 -35.32 69.47
CA LYS D 87 12.60 -34.07 69.73
C LYS D 87 12.69 -33.15 68.51
N ASN D 88 12.98 -31.88 68.79
CA ASN D 88 13.29 -30.91 67.73
C ASN D 88 14.77 -30.49 67.70
N THR D 89 15.64 -31.42 68.11
CA THR D 89 17.07 -31.35 67.80
C THR D 89 17.25 -31.85 66.37
N SER D 90 17.07 -30.95 65.42
CA SER D 90 16.91 -31.32 64.02
C SER D 90 17.51 -30.28 63.07
N ALA D 91 17.94 -30.76 61.89
CA ALA D 91 18.37 -29.86 60.82
C ALA D 91 18.14 -30.42 59.43
N ILE D 92 17.91 -29.51 58.50
CA ILE D 92 17.80 -29.84 57.08
C ILE D 92 19.09 -29.42 56.41
N GLY D 93 19.71 -30.37 55.72
CA GLY D 93 20.90 -30.08 54.94
C GLY D 93 20.65 -30.33 53.47
N VAL D 94 21.65 -30.03 52.64
CA VAL D 94 21.55 -30.23 51.17
C VAL D 94 22.88 -30.71 50.58
N THR D 95 22.80 -31.72 49.72
CA THR D 95 23.93 -32.25 49.01
C THR D 95 23.61 -32.27 47.50
N VAL D 96 24.64 -31.98 46.71
CA VAL D 96 24.50 -31.65 45.29
C VAL D 96 25.33 -32.54 44.37
N ASN D 97 24.77 -32.90 43.20
CA ASN D 97 25.44 -33.80 42.24
C ASN D 97 25.24 -33.24 40.82
N LYS D 98 26.26 -33.37 39.97
CA LYS D 98 26.18 -33.04 38.52
C LYS D 98 25.28 -33.99 37.69
N THR D 99 25.03 -35.19 38.19
CA THR D 99 24.23 -36.25 37.51
C THR D 99 23.73 -37.33 38.55
N LEU D 100 22.80 -38.19 38.12
CA LEU D 100 22.25 -39.23 39.01
C LEU D 100 22.68 -40.64 38.59
N ASN D 101 23.31 -40.77 37.41
CA ASN D 101 23.83 -42.05 36.90
C ASN D 101 25.13 -42.40 37.64
N PRO D 102 25.10 -43.41 38.49
CA PRO D 102 26.31 -43.80 39.27
C PRO D 102 27.49 -44.38 38.47
N ALA D 103 27.29 -44.68 37.20
CA ALA D 103 28.35 -45.19 36.33
C ALA D 103 29.15 -44.06 35.66
N SER D 104 28.60 -42.85 35.73
CA SER D 104 29.18 -41.66 35.12
C SER D 104 30.36 -41.14 35.93
N PRO D 105 31.45 -40.72 35.28
CA PRO D 105 32.59 -40.16 36.01
C PRO D 105 32.27 -38.81 36.67
N ASP D 106 31.17 -38.17 36.27
CA ASP D 106 30.66 -36.92 36.86
C ASP D 106 29.89 -37.13 38.19
N TYR D 107 29.59 -38.39 38.50
CA TYR D 107 28.71 -38.74 39.62
C TYR D 107 29.46 -38.64 40.95
N ARG D 108 29.08 -37.67 41.76
CA ARG D 108 29.39 -37.64 43.20
C ARG D 108 28.63 -36.56 43.97
N TRP D 109 28.19 -36.96 45.16
CA TRP D 109 27.39 -36.14 46.04
C TRP D 109 28.35 -35.31 46.88
N GLU D 110 28.15 -34.01 46.86
CA GLU D 110 28.97 -33.04 47.59
C GLU D 110 28.08 -32.30 48.58
N ASP D 111 28.28 -32.54 49.86
CA ASP D 111 27.44 -31.95 50.91
C ASP D 111 27.71 -30.43 51.02
N LYS D 112 26.66 -29.65 51.14
CA LYS D 112 26.78 -28.21 51.37
C LYS D 112 26.45 -27.80 52.79
N GLY D 113 26.07 -28.77 53.63
CA GLY D 113 25.84 -28.48 55.05
C GLY D 113 24.42 -28.12 55.41
N ILE D 114 24.28 -27.48 56.58
CA ILE D 114 22.96 -27.17 57.15
C ILE D 114 22.31 -25.95 56.49
N VAL D 115 21.07 -26.14 56.02
CA VAL D 115 20.25 -25.06 55.52
C VAL D 115 19.58 -24.29 56.63
N ILE D 116 18.88 -25.05 57.47
CA ILE D 116 18.19 -24.55 58.64
C ILE D 116 18.20 -25.61 59.79
N GLU D 117 18.25 -25.12 61.04
CA GLU D 117 18.35 -25.97 62.24
C GLU D 117 17.39 -25.44 63.32
N SER D 118 16.63 -26.33 63.93
CA SER D 118 15.76 -25.98 65.05
C SER D 118 16.51 -26.25 66.39
N VAL D 119 16.29 -25.38 67.35
CA VAL D 119 16.96 -25.41 68.67
C VAL D 119 15.89 -25.42 69.76
N PRO D 120 15.85 -26.46 70.61
CA PRO D 120 14.83 -26.50 71.68
C PRO D 120 14.82 -25.28 72.58
N GLN D 121 13.64 -24.82 72.96
CA GLN D 121 13.45 -23.59 73.75
C GLN D 121 13.63 -22.26 72.98
N ARG D 122 14.33 -22.29 71.84
CA ARG D 122 14.40 -21.10 70.96
C ARG D 122 13.29 -21.13 69.88
N ASP D 123 13.15 -22.28 69.22
CA ASP D 123 12.24 -22.46 68.08
C ASP D 123 11.01 -23.31 68.34
N LEU D 124 9.83 -22.73 68.07
CA LEU D 124 8.57 -23.45 68.13
C LEU D 124 8.23 -24.12 66.80
N TRP D 125 9.22 -24.79 66.23
CA TRP D 125 9.11 -25.59 64.99
C TRP D 125 10.20 -26.66 64.95
N ASN D 126 10.06 -27.60 64.02
CA ASN D 126 10.97 -28.73 63.86
C ASN D 126 11.54 -28.77 62.45
N ALA D 127 12.86 -28.63 62.34
CA ALA D 127 13.56 -28.59 61.04
C ALA D 127 13.72 -29.96 60.41
N ILE D 128 12.60 -30.52 59.95
CA ILE D 128 12.55 -31.71 59.12
C ILE D 128 11.47 -31.56 58.00
N ALA D 129 11.58 -32.42 57.00
CA ALA D 129 10.61 -32.59 55.90
C ALA D 129 10.56 -31.43 54.90
N PRO D 130 11.68 -31.14 54.25
CA PRO D 130 11.73 -30.04 53.26
C PRO D 130 11.05 -30.35 51.91
N ALA D 131 10.65 -29.27 51.21
CA ALA D 131 10.06 -29.32 49.85
C ALA D 131 10.34 -27.98 49.17
N ILE D 132 10.87 -28.03 47.95
CA ILE D 132 11.31 -26.86 47.23
C ILE D 132 10.27 -26.47 46.15
N ILE D 133 9.97 -25.16 46.09
CA ILE D 133 9.03 -24.59 45.14
C ILE D 133 9.52 -23.24 44.63
N ALA D 134 9.44 -23.05 43.30
CA ALA D 134 9.73 -21.79 42.65
C ALA D 134 8.44 -21.02 42.35
N ASP D 135 8.52 -19.69 42.35
CA ASP D 135 7.43 -18.84 41.95
C ASP D 135 7.61 -18.21 40.55
N ASP D 136 6.70 -17.34 40.17
CA ASP D 136 6.78 -16.66 38.84
C ASP D 136 7.76 -15.51 38.76
N HIS D 137 8.25 -15.07 39.89
CA HIS D 137 9.14 -13.94 39.97
C HIS D 137 10.61 -14.32 40.08
N GLY D 138 10.97 -15.54 39.70
CA GLY D 138 12.36 -15.97 39.76
C GLY D 138 12.84 -16.44 41.15
N GLN D 139 11.95 -16.48 42.13
CA GLN D 139 12.35 -16.82 43.51
C GLN D 139 12.09 -18.29 43.86
N VAL D 140 12.85 -18.81 44.81
CA VAL D 140 12.77 -20.20 45.19
C VAL D 140 12.70 -20.25 46.72
N TRP D 141 11.81 -21.11 47.21
CA TRP D 141 11.40 -21.21 48.60
C TRP D 141 11.47 -22.66 49.09
N MET D 142 11.62 -22.82 50.41
CA MET D 142 11.54 -24.10 51.06
C MET D 142 10.36 -24.08 52.02
N SER D 143 9.50 -25.10 51.92
CA SER D 143 8.53 -25.40 52.96
C SER D 143 9.06 -26.55 53.82
N PHE D 144 8.69 -26.60 55.10
CA PHE D 144 9.08 -27.69 56.01
C PHE D 144 8.25 -27.71 57.25
N GLY D 145 8.39 -28.79 58.05
CA GLY D 145 7.79 -28.81 59.37
C GLY D 145 7.16 -30.10 59.84
N SER D 146 7.04 -30.24 61.18
CA SER D 146 6.41 -31.41 61.82
C SER D 146 6.13 -31.11 63.31
N PHE D 147 4.87 -31.12 63.71
CA PHE D 147 4.44 -30.89 65.08
C PHE D 147 4.89 -29.50 65.57
N TRP D 148 5.06 -29.32 66.88
CA TRP D 148 5.38 -28.01 67.41
C TRP D 148 4.34 -26.99 66.88
N GLY D 149 4.81 -25.85 66.37
CA GLY D 149 3.96 -24.77 65.90
C GLY D 149 3.70 -24.78 64.39
N GLY D 150 3.89 -25.96 63.79
CA GLY D 150 3.39 -26.20 62.45
C GLY D 150 4.36 -26.05 61.29
N LEU D 151 3.81 -25.74 60.11
CA LEU D 151 4.57 -25.75 58.85
C LEU D 151 4.92 -24.32 58.43
N LYS D 152 6.14 -24.16 57.93
CA LYS D 152 6.73 -22.89 57.57
C LYS D 152 7.24 -22.86 56.11
N LEU D 153 7.28 -21.65 55.57
CA LEU D 153 7.89 -21.36 54.26
C LEU D 153 8.90 -20.26 54.40
N PHE D 154 10.09 -20.42 53.82
CA PHE D 154 11.03 -19.31 53.76
C PHE D 154 11.80 -19.24 52.44
N LYS D 155 12.29 -18.03 52.11
CA LYS D 155 12.95 -17.77 50.83
C LYS D 155 14.42 -18.25 50.84
N LEU D 156 14.83 -18.94 49.76
CA LEU D 156 16.19 -19.44 49.63
C LEU D 156 17.11 -18.40 48.99
N ASN D 157 18.39 -18.51 49.29
CA ASN D 157 19.39 -17.63 48.67
C ASN D 157 19.67 -18.06 47.20
N ASP D 158 20.51 -17.32 46.48
CA ASP D 158 20.76 -17.63 45.04
C ASP D 158 21.39 -19.02 44.81
N ASP D 159 22.24 -19.47 45.74
CA ASP D 159 22.84 -20.83 45.79
C ASP D 159 21.87 -21.99 46.07
N LEU D 160 20.70 -21.67 46.63
CA LEU D 160 19.74 -22.63 47.18
C LEU D 160 20.25 -23.45 48.41
N THR D 161 21.24 -22.94 49.14
CA THR D 161 21.84 -23.68 50.27
C THR D 161 21.59 -23.06 51.65
N ARG D 162 21.05 -21.83 51.69
CA ARG D 162 20.72 -21.17 52.94
C ARG D 162 19.57 -20.20 52.77
N PRO D 163 18.97 -19.74 53.88
CA PRO D 163 17.96 -18.72 53.77
C PRO D 163 18.53 -17.44 53.14
N ALA D 164 17.77 -16.81 52.23
CA ALA D 164 18.11 -15.50 51.73
C ALA D 164 18.21 -14.52 52.91
N GLU D 165 19.05 -13.51 52.79
CA GLU D 165 19.22 -12.45 53.76
C GLU D 165 18.94 -11.09 53.10
N PRO D 166 18.14 -10.21 53.72
CA PRO D 166 17.43 -10.47 54.99
C PRO D 166 16.41 -11.57 54.86
N GLN D 167 16.10 -12.27 55.94
CA GLN D 167 15.18 -13.38 55.86
C GLN D 167 13.71 -12.98 55.69
N GLU D 168 12.96 -13.88 55.05
CA GLU D 168 11.51 -13.73 54.84
C GLU D 168 10.86 -15.07 55.06
N TRP D 169 9.98 -15.13 56.04
CA TRP D 169 9.27 -16.31 56.47
C TRP D 169 7.77 -16.10 56.45
N HIS D 170 7.05 -17.22 56.29
CA HIS D 170 5.58 -17.27 56.40
C HIS D 170 5.08 -18.56 57.04
N SER D 171 4.11 -18.48 57.96
CA SER D 171 3.48 -19.70 58.45
C SER D 171 2.44 -20.13 57.38
N ILE D 172 2.39 -21.41 57.04
CA ILE D 172 1.44 -21.89 56.00
C ILE D 172 0.38 -22.91 56.48
N ALA D 173 0.64 -23.64 57.57
CA ALA D 173 -0.37 -24.50 58.15
C ALA D 173 -0.04 -24.82 59.62
N LYS D 174 -1.07 -24.87 60.44
CA LYS D 174 -0.92 -25.10 61.91
C LYS D 174 -2.11 -25.83 62.50
N LEU D 175 -1.85 -26.57 63.59
CA LEU D 175 -2.86 -27.07 64.50
C LEU D 175 -2.61 -26.57 65.96
N GLU D 176 -3.61 -26.74 66.82
CA GLU D 176 -3.66 -26.10 68.14
C GLU D 176 -2.49 -26.53 69.05
N ARG D 177 -1.95 -25.52 69.73
CA ARG D 177 -0.94 -25.64 70.79
C ARG D 177 -0.88 -24.36 71.63
N SER D 178 -0.86 -24.51 72.95
CA SER D 178 -0.59 -23.41 73.89
C SER D 178 0.92 -23.25 74.08
N VAL D 179 1.43 -22.00 74.09
CA VAL D 179 2.85 -21.76 74.40
C VAL D 179 3.20 -22.10 75.89
N LEU D 180 2.19 -22.33 76.73
CA LEU D 180 2.42 -22.70 78.13
C LEU D 180 2.97 -24.12 78.29
N MET D 181 2.86 -24.92 77.25
CA MET D 181 3.45 -26.24 77.29
C MET D 181 4.96 -26.13 77.17
N ASP D 182 5.67 -27.09 77.70
CA ASP D 182 7.11 -27.07 77.53
C ASP D 182 7.56 -27.09 76.06
N ASP D 183 8.44 -26.14 75.72
CA ASP D 183 8.89 -25.89 74.36
C ASP D 183 9.60 -27.08 73.74
N SER D 184 10.20 -27.95 74.54
CA SER D 184 10.92 -29.09 74.02
C SER D 184 10.02 -30.30 73.65
N GLN D 185 8.73 -30.22 73.94
CA GLN D 185 7.77 -31.30 73.66
C GLN D 185 7.01 -31.11 72.35
N ALA D 186 6.82 -32.20 71.60
CA ALA D 186 6.13 -32.14 70.30
C ALA D 186 4.70 -31.66 70.38
N GLY D 187 4.00 -31.96 71.46
CA GLY D 187 2.62 -31.57 71.62
C GLY D 187 1.69 -32.45 70.80
N SER D 188 0.48 -31.97 70.54
CA SER D 188 -0.56 -32.79 69.93
C SER D 188 -0.97 -32.26 68.53
N ALA D 189 -0.24 -31.28 67.98
CA ALA D 189 -0.51 -30.76 66.62
C ALA D 189 -0.01 -31.76 65.56
N GLN D 190 -0.84 -32.76 65.24
CA GLN D 190 -0.42 -33.86 64.36
C GLN D 190 -0.47 -33.46 62.86
N ILE D 191 0.48 -32.62 62.46
CA ILE D 191 0.60 -32.10 61.10
C ILE D 191 2.08 -32.05 60.73
N GLU D 192 2.40 -32.52 59.55
CA GLU D 192 3.76 -32.55 59.07
C GLU D 192 3.85 -32.72 57.55
N ALA D 193 5.06 -32.56 57.03
CA ALA D 193 5.38 -33.04 55.67
C ALA D 193 4.75 -32.24 54.53
N PRO D 194 5.01 -30.94 54.45
CA PRO D 194 4.40 -30.10 53.39
C PRO D 194 4.94 -30.45 52.02
N PHE D 195 4.10 -30.27 51.00
CA PHE D 195 4.59 -30.39 49.62
C PHE D 195 3.73 -29.47 48.80
N ILE D 196 4.36 -28.63 48.00
CA ILE D 196 3.62 -27.65 47.15
C ILE D 196 3.77 -27.97 45.65
N LEU D 197 2.63 -28.01 44.95
CA LEU D 197 2.54 -28.23 43.50
C LEU D 197 1.84 -27.04 42.85
N ARG D 198 2.43 -26.43 41.83
CA ARG D 198 1.76 -25.40 41.04
C ARG D 198 0.92 -26.07 39.97
N LYS D 199 -0.36 -25.70 39.86
CA LYS D 199 -1.16 -26.07 38.69
C LYS D 199 -2.13 -24.98 38.33
N GLY D 200 -2.09 -24.59 37.06
CA GLY D 200 -2.83 -23.45 36.59
C GLY D 200 -2.40 -22.21 37.34
N ASP D 201 -3.37 -21.47 37.87
CA ASP D 201 -3.11 -20.21 38.52
C ASP D 201 -2.92 -20.37 40.05
N TYR D 202 -2.98 -21.61 40.53
CA TYR D 202 -2.91 -21.90 41.97
C TYR D 202 -1.67 -22.72 42.38
N TYR D 203 -1.17 -22.43 43.59
CA TYR D 203 -0.29 -23.33 44.34
C TYR D 203 -1.14 -24.22 45.27
N TYR D 204 -0.85 -25.52 45.27
CA TYR D 204 -1.55 -26.49 46.09
C TYR D 204 -0.60 -26.98 47.21
N LEU D 205 -1.00 -26.74 48.46
CA LEU D 205 -0.29 -27.26 49.64
C LEU D 205 -0.89 -28.57 50.13
N PHE D 206 -0.12 -29.64 50.01
CA PHE D 206 -0.45 -30.93 50.55
C PHE D 206 0.22 -31.06 51.93
N ALA D 207 -0.49 -31.67 52.88
CA ALA D 207 0.07 -31.98 54.20
C ALA D 207 -0.48 -33.29 54.72
N SER D 208 0.27 -33.88 55.66
CA SER D 208 -0.08 -35.13 56.29
C SER D 208 -0.62 -34.84 57.67
N TRP D 209 -1.82 -35.34 57.96
CA TRP D 209 -2.46 -35.20 59.24
C TRP D 209 -2.48 -36.55 59.94
N GLY D 210 -2.48 -36.54 61.28
CA GLY D 210 -2.51 -37.76 62.08
C GLY D 210 -1.16 -38.39 62.40
N LEU D 211 -1.22 -39.68 62.73
CA LEU D 211 -0.09 -40.44 63.29
C LEU D 211 0.39 -41.55 62.36
N CYS D 212 1.65 -41.44 61.99
CA CYS D 212 2.32 -42.39 61.13
C CYS D 212 2.94 -43.51 61.95
N CYS D 213 3.40 -44.55 61.26
CA CYS D 213 4.47 -45.41 61.78
C CYS D 213 4.04 -46.23 63.01
N ARG D 214 2.80 -46.69 63.05
CA ARG D 214 2.34 -47.50 64.19
C ARG D 214 1.22 -48.49 63.94
N LYS D 215 1.30 -49.18 62.81
CA LYS D 215 0.58 -50.43 62.64
C LYS D 215 -0.94 -50.22 62.79
N GLY D 216 -1.57 -51.01 63.67
CA GLY D 216 -3.01 -51.00 63.86
C GLY D 216 -3.65 -49.63 64.08
N ASP D 217 -2.98 -48.73 64.80
CA ASP D 217 -3.57 -47.41 65.09
C ASP D 217 -3.00 -46.24 64.26
N SER D 218 -2.42 -46.49 63.08
CA SER D 218 -1.96 -45.36 62.24
C SER D 218 -3.19 -44.62 61.72
N THR D 219 -3.20 -43.29 61.89
CA THR D 219 -4.29 -42.43 61.40
C THR D 219 -3.84 -41.47 60.29
N TYR D 220 -2.59 -41.64 59.84
CA TYR D 220 -2.00 -40.85 58.77
C TYR D 220 -2.89 -40.80 57.54
N HIS D 221 -3.17 -39.58 57.07
CA HIS D 221 -3.85 -39.35 55.80
C HIS D 221 -3.48 -37.97 55.23
N LEU D 222 -3.93 -37.69 54.00
CA LEU D 222 -3.55 -36.44 53.31
C LEU D 222 -4.67 -35.42 53.22
N VAL D 223 -4.33 -34.18 53.52
CA VAL D 223 -5.20 -33.02 53.27
C VAL D 223 -4.57 -32.00 52.31
N VAL D 224 -5.42 -31.09 51.80
CA VAL D 224 -5.00 -30.14 50.80
C VAL D 224 -5.66 -28.78 51.01
N GLY D 225 -4.93 -27.74 50.60
CA GLY D 225 -5.45 -26.40 50.43
C GLY D 225 -4.77 -25.68 49.26
N ARG D 226 -5.21 -24.46 48.96
CA ARG D 226 -4.69 -23.73 47.82
C ARG D 226 -4.59 -22.23 48.00
N SER D 227 -3.72 -21.60 47.22
CA SER D 227 -3.53 -20.16 47.23
C SER D 227 -3.05 -19.66 45.86
N LYS D 228 -3.50 -18.48 45.45
CA LYS D 228 -2.96 -17.86 44.23
C LYS D 228 -1.52 -17.35 44.44
N GLN D 229 -1.10 -17.10 45.69
CA GLN D 229 0.26 -16.68 45.99
C GLN D 229 1.01 -17.79 46.76
N VAL D 230 2.28 -18.04 46.42
CA VAL D 230 3.01 -19.16 47.05
C VAL D 230 3.14 -18.95 48.58
N THR D 231 3.10 -17.70 49.02
CA THR D 231 3.22 -17.35 50.45
C THR D 231 1.93 -17.46 51.26
N GLY D 232 0.84 -17.83 50.62
CA GLY D 232 -0.41 -18.05 51.32
C GLY D 232 -1.30 -16.84 51.33
N PRO D 233 -2.41 -16.91 52.05
CA PRO D 233 -2.80 -18.09 52.84
C PRO D 233 -3.39 -19.23 51.99
N TYR D 234 -3.12 -20.45 52.44
CA TYR D 234 -3.68 -21.68 51.86
C TYR D 234 -5.04 -21.97 52.49
N LEU D 235 -6.09 -21.93 51.66
CA LEU D 235 -7.48 -22.19 52.08
C LEU D 235 -7.96 -23.54 51.61
N ASP D 236 -8.80 -24.19 52.41
CA ASP D 236 -9.37 -25.47 51.99
C ASP D 236 -10.69 -25.23 51.22
N LYS D 237 -11.42 -26.30 50.88
CA LYS D 237 -12.63 -26.21 50.06
C LYS D 237 -13.74 -25.37 50.69
N THR D 238 -13.74 -25.28 52.02
CA THR D 238 -14.71 -24.48 52.76
C THR D 238 -14.25 -23.05 52.98
N GLY D 239 -13.06 -22.70 52.51
CA GLY D 239 -12.57 -21.33 52.70
C GLY D 239 -11.74 -21.09 53.97
N ARG D 240 -11.36 -22.16 54.63
CA ARG D 240 -10.69 -22.03 55.94
C ARG D 240 -9.18 -22.16 55.84
N ASP D 241 -8.47 -21.20 56.44
CA ASP D 241 -7.02 -21.09 56.40
C ASP D 241 -6.42 -22.32 57.08
N MET D 242 -5.41 -22.92 56.45
CA MET D 242 -4.71 -24.05 57.05
C MET D 242 -3.94 -23.59 58.32
N ASN D 243 -3.61 -22.29 58.41
CA ASN D 243 -3.02 -21.72 59.62
C ASN D 243 -3.94 -21.78 60.85
N GLN D 244 -5.22 -22.05 60.64
CA GLN D 244 -6.14 -22.29 61.74
C GLN D 244 -6.78 -23.66 61.70
N GLY D 245 -6.02 -24.63 61.18
CA GLY D 245 -6.49 -25.99 61.16
C GLY D 245 -7.37 -26.41 59.99
N GLY D 246 -7.49 -25.54 58.99
CA GLY D 246 -8.06 -25.94 57.70
C GLY D 246 -7.27 -27.03 56.97
N GLY D 247 -7.98 -27.72 56.07
CA GLY D 247 -7.45 -28.76 55.22
C GLY D 247 -8.55 -29.72 54.74
N SER D 248 -8.61 -29.97 53.43
CA SER D 248 -9.64 -30.84 52.84
C SER D 248 -9.05 -32.19 52.52
N LEU D 249 -9.79 -33.25 52.81
CA LEU D 249 -9.37 -34.63 52.60
C LEU D 249 -9.07 -34.92 51.14
N LEU D 250 -7.87 -35.41 50.85
CA LEU D 250 -7.50 -35.84 49.49
C LEU D 250 -7.65 -37.33 49.35
N ILE D 251 -6.95 -38.06 50.23
CA ILE D 251 -6.99 -39.53 50.25
C ILE D 251 -6.70 -40.02 51.67
N LYS D 252 -7.45 -41.06 52.04
CA LYS D 252 -7.31 -41.75 53.30
C LYS D 252 -7.28 -43.28 53.04
N GLY D 253 -6.94 -44.02 54.06
CA GLY D 253 -6.77 -45.46 53.94
C GLY D 253 -8.04 -46.26 54.08
N ASN D 254 -7.87 -47.58 54.11
CA ASN D 254 -8.95 -48.55 54.22
C ASN D 254 -8.45 -49.85 54.88
N LYS D 255 -9.22 -50.93 54.79
CA LYS D 255 -8.88 -52.19 55.45
C LYS D 255 -7.52 -52.76 55.04
N ARG D 256 -7.12 -52.49 53.80
CA ARG D 256 -5.91 -53.06 53.22
C ARG D 256 -4.71 -52.17 53.45
N TRP D 257 -4.94 -50.85 53.44
CA TRP D 257 -3.89 -49.84 53.57
C TRP D 257 -4.20 -48.93 54.77
N VAL D 258 -3.53 -49.20 55.88
CA VAL D 258 -3.83 -48.54 57.16
C VAL D 258 -2.83 -47.43 57.38
N GLY D 259 -3.27 -46.20 57.13
CA GLY D 259 -2.40 -45.04 57.18
C GLY D 259 -1.62 -44.88 55.87
N LEU D 260 -1.55 -43.64 55.39
CA LEU D 260 -0.81 -43.30 54.17
C LEU D 260 -0.46 -41.82 54.17
N GLY D 261 0.61 -41.44 53.49
CA GLY D 261 0.99 -40.04 53.35
C GLY D 261 2.45 -39.75 53.11
N HIS D 262 2.89 -38.65 53.71
CA HIS D 262 4.14 -38.00 53.41
C HIS D 262 4.42 -38.02 51.90
N ASN D 263 3.63 -37.23 51.18
CA ASN D 263 3.59 -37.31 49.72
C ASN D 263 4.42 -36.26 49.01
N SER D 264 4.67 -36.53 47.73
CA SER D 264 5.11 -35.57 46.75
C SER D 264 4.09 -35.59 45.54
N ALA D 265 4.30 -34.74 44.55
CA ALA D 265 3.43 -34.64 43.37
C ALA D 265 4.20 -33.98 42.23
N TYR D 266 3.95 -34.46 41.01
CA TYR D 266 4.70 -34.03 39.84
C TYR D 266 3.86 -33.97 38.54
N THR D 267 4.29 -33.10 37.63
CA THR D 267 3.81 -33.09 36.24
C THR D 267 4.88 -33.64 35.32
N TRP D 268 4.59 -34.78 34.70
CA TRP D 268 5.46 -35.40 33.71
C TRP D 268 4.70 -35.55 32.37
N ASP D 269 5.31 -35.07 31.29
CA ASP D 269 4.73 -35.14 29.93
C ASP D 269 3.23 -34.86 29.86
N GLY D 270 2.80 -33.75 30.44
CA GLY D 270 1.42 -33.29 30.35
C GLY D 270 0.37 -34.01 31.19
N LYS D 271 0.81 -34.81 32.16
CA LYS D 271 -0.09 -35.50 33.10
C LYS D 271 0.42 -35.36 34.56
N ASP D 272 -0.49 -35.41 35.52
CA ASP D 272 -0.13 -35.19 36.92
C ASP D 272 -0.20 -36.45 37.77
N TYR D 273 0.68 -36.53 38.77
CA TYR D 273 0.88 -37.74 39.55
C TYR D 273 1.08 -37.42 41.04
N LEU D 274 0.50 -38.27 41.86
CA LEU D 274 0.67 -38.23 43.30
C LEU D 274 1.58 -39.39 43.72
N VAL D 275 2.54 -39.10 44.59
CA VAL D 275 3.51 -40.09 45.00
C VAL D 275 3.57 -40.15 46.51
N LEU D 276 3.41 -41.35 47.07
CA LEU D 276 3.31 -41.51 48.54
C LEU D 276 3.70 -42.92 49.02
N HIS D 277 3.72 -43.10 50.34
CA HIS D 277 3.84 -44.41 50.98
C HIS D 277 2.53 -44.77 51.68
N ALA D 278 2.26 -46.06 51.75
CA ALA D 278 1.04 -46.58 52.34
C ALA D 278 1.36 -47.92 53.03
N TYR D 279 0.89 -48.06 54.27
CA TYR D 279 1.19 -49.23 55.10
C TYR D 279 0.33 -50.42 54.75
N GLU D 280 0.94 -51.47 54.17
CA GLU D 280 0.22 -52.65 53.71
C GLU D 280 -0.10 -53.62 54.85
N ALA D 281 -1.36 -53.60 55.30
CA ALA D 281 -1.85 -54.48 56.36
C ALA D 281 -1.52 -55.96 56.13
N ALA D 282 -1.65 -56.42 54.88
CA ALA D 282 -1.39 -57.83 54.53
C ALA D 282 0.12 -58.22 54.45
N ASP D 283 1.00 -57.28 54.82
CA ASP D 283 2.46 -57.50 54.90
C ASP D 283 3.03 -56.77 56.14
N ASN D 284 2.43 -57.06 57.31
CA ASN D 284 2.84 -56.50 58.62
C ASN D 284 2.96 -54.98 58.67
N TYR D 285 2.12 -54.31 57.87
CA TYR D 285 2.06 -52.86 57.79
C TYR D 285 3.34 -52.23 57.21
N LEU D 286 4.08 -53.00 56.44
CA LEU D 286 5.26 -52.51 55.75
C LEU D 286 4.87 -51.50 54.65
N GLN D 287 5.36 -50.29 54.82
CA GLN D 287 5.17 -49.19 53.88
C GLN D 287 5.59 -49.55 52.45
N LYS D 288 4.72 -49.21 51.47
CA LYS D 288 4.97 -49.47 50.04
C LYS D 288 4.86 -48.20 49.18
N LEU D 289 5.61 -48.12 48.09
CA LEU D 289 5.49 -47.05 47.09
C LEU D 289 4.13 -47.15 46.35
N LYS D 290 3.48 -46.00 46.24
CA LYS D 290 2.28 -45.91 45.46
C LYS D 290 2.38 -44.65 44.60
N ILE D 291 2.13 -44.82 43.31
CA ILE D 291 1.99 -43.68 42.40
C ILE D 291 0.58 -43.67 41.87
N LEU D 292 -0.12 -42.56 42.05
CA LEU D 292 -1.49 -42.43 41.58
C LEU D 292 -1.65 -41.33 40.52
N ASN D 293 -2.63 -41.53 39.63
CA ASN D 293 -3.05 -40.47 38.71
C ASN D 293 -3.72 -39.36 39.49
N LEU D 294 -3.28 -38.12 39.25
CA LEU D 294 -3.81 -36.97 39.96
C LEU D 294 -4.72 -36.22 38.99
N HIS D 295 -6.02 -36.20 39.28
CA HIS D 295 -7.02 -35.55 38.45
C HIS D 295 -7.42 -34.21 39.05
N TRP D 296 -8.22 -33.43 38.31
CA TRP D 296 -8.74 -32.15 38.82
C TRP D 296 -10.18 -31.99 38.43
N ASP D 297 -11.02 -31.53 39.36
CA ASP D 297 -12.45 -31.30 39.07
C ASP D 297 -12.73 -29.91 38.50
N GLY D 298 -13.98 -29.61 38.18
CA GLY D 298 -14.34 -28.32 37.58
C GLY D 298 -14.31 -27.11 38.51
N GLU D 299 -14.13 -27.39 39.80
CA GLU D 299 -13.98 -26.35 40.82
C GLU D 299 -12.51 -26.02 41.09
N GLY D 300 -11.62 -26.79 40.48
CA GLY D 300 -10.18 -26.54 40.56
C GLY D 300 -9.49 -27.24 41.72
N TRP D 301 -9.95 -28.44 42.02
CA TRP D 301 -9.46 -29.19 43.20
C TRP D 301 -9.00 -30.57 42.76
N PRO D 302 -7.91 -31.07 43.33
CA PRO D 302 -7.37 -32.38 42.95
C PRO D 302 -8.24 -33.55 43.45
N GLN D 303 -8.22 -34.64 42.70
CA GLN D 303 -8.98 -35.83 43.04
C GLN D 303 -8.10 -37.02 42.68
N VAL D 304 -8.24 -38.09 43.45
CA VAL D 304 -7.55 -39.35 43.18
C VAL D 304 -8.49 -40.50 43.47
N ASP D 305 -8.26 -41.59 42.75
CA ASP D 305 -8.99 -42.81 42.89
C ASP D 305 -8.28 -43.70 43.93
N GLU D 306 -8.91 -43.96 45.09
CA GLU D 306 -8.25 -44.76 46.14
C GLU D 306 -8.04 -46.24 45.78
N LYS D 307 -8.74 -46.71 44.75
CA LYS D 307 -8.53 -48.07 44.22
C LYS D 307 -7.14 -48.25 43.59
N GLU D 308 -6.49 -47.16 43.19
CA GLU D 308 -5.14 -47.21 42.61
C GLU D 308 -4.09 -47.61 43.66
N LEU D 309 -4.44 -47.52 44.94
CA LEU D 309 -3.60 -48.08 45.99
C LEU D 309 -3.39 -49.60 45.84
N ASP D 310 -4.38 -50.30 45.24
CA ASP D 310 -4.25 -51.74 44.92
C ASP D 310 -3.66 -52.03 43.54
N SER D 311 -4.12 -51.27 42.54
CA SER D 311 -3.80 -51.52 41.12
C SER D 311 -2.34 -51.13 40.79
N TYR D 312 -1.82 -50.08 41.43
CA TYR D 312 -0.38 -49.78 41.33
C TYR D 312 0.45 -50.76 42.17
N ILE D 313 1.22 -51.60 41.48
CA ILE D 313 2.05 -52.65 42.08
C ILE D 313 3.49 -52.50 41.58
N SER D 314 4.35 -51.90 42.40
CA SER D 314 5.76 -51.76 42.04
C SER D 314 6.45 -53.12 42.16
N GLN D 315 7.54 -53.28 41.42
CA GLN D 315 8.37 -54.48 41.50
C GLN D 315 9.80 -54.08 41.83
N ARG D 316 10.36 -54.71 42.86
CA ARG D 316 11.76 -54.52 43.23
C ARG D 316 12.58 -55.64 42.58
N LEU D 317 13.35 -55.28 41.55
CA LEU D 317 14.13 -56.24 40.76
C LEU D 317 15.50 -56.55 41.37
N GLY E 1 15.37 43.76 1.86
CA GLY E 1 16.42 43.90 0.90
C GLY E 1 16.09 45.11 0.07
N ALA E 2 15.09 45.00 -0.84
CA ALA E 2 14.57 46.16 -1.62
C ALA E 2 13.31 45.87 -2.50
N LYS E 3 13.48 45.10 -3.56
CA LYS E 3 12.36 44.67 -4.41
C LYS E 3 11.59 43.46 -3.87
N GLN E 4 10.33 43.31 -4.27
CA GLN E 4 9.58 42.09 -3.99
C GLN E 4 10.19 40.89 -4.72
N VAL E 5 10.06 39.72 -4.14
CA VAL E 5 10.57 38.50 -4.72
C VAL E 5 9.64 38.09 -5.87
N ASP E 6 10.23 37.92 -7.05
CA ASP E 6 9.46 37.46 -8.22
C ASP E 6 9.55 35.93 -8.38
N VAL E 7 8.40 35.27 -8.31
CA VAL E 7 8.27 33.82 -8.42
C VAL E 7 7.08 33.48 -9.27
N HIS E 8 7.03 32.22 -9.71
CA HIS E 8 5.91 31.71 -10.50
C HIS E 8 5.71 30.27 -10.02
N ASP E 9 4.47 29.92 -9.68
CA ASP E 9 4.07 28.58 -9.26
C ASP E 9 4.78 28.15 -7.96
N PRO E 10 4.72 28.97 -6.90
CA PRO E 10 5.54 28.77 -5.70
C PRO E 10 5.09 27.61 -4.76
N VAL E 11 6.09 26.96 -4.18
CA VAL E 11 5.89 26.02 -3.08
C VAL E 11 6.89 26.34 -1.94
N MET E 12 6.57 25.89 -0.72
CA MET E 12 7.38 26.13 0.48
C MET E 12 7.44 24.93 1.46
N THR E 13 8.51 24.90 2.27
CA THR E 13 8.68 23.91 3.35
C THR E 13 9.64 24.49 4.39
N ARG E 14 9.68 23.88 5.57
CA ARG E 14 10.56 24.32 6.67
C ARG E 14 11.53 23.20 7.12
N GLU E 15 12.80 23.56 7.26
CA GLU E 15 13.81 22.66 7.83
C GLU E 15 14.41 23.38 9.01
N GLY E 16 14.31 22.75 10.19
CA GLY E 16 14.71 23.40 11.44
C GLY E 16 13.91 24.68 11.66
N ASP E 17 14.62 25.78 11.72
CA ASP E 17 14.01 27.09 11.96
C ASP E 17 14.09 27.97 10.66
N THR E 18 14.31 27.29 9.52
CA THR E 18 14.53 27.95 8.23
C THR E 18 13.49 27.55 7.22
N TRP E 19 12.92 28.56 6.59
CA TRP E 19 11.91 28.39 5.52
C TRP E 19 12.57 28.35 4.14
N TYR E 20 12.04 27.51 3.25
CA TYR E 20 12.53 27.42 1.89
C TYR E 20 11.38 27.60 0.88
N LEU E 21 11.71 28.31 -0.20
CA LEU E 21 10.77 28.69 -1.26
C LEU E 21 11.34 28.21 -2.59
N PHE E 22 10.50 27.53 -3.37
CA PHE E 22 10.88 26.99 -4.66
C PHE E 22 9.97 27.58 -5.76
N SER E 23 10.57 27.92 -6.88
CA SER E 23 9.86 28.54 -8.02
C SER E 23 10.22 27.93 -9.36
N THR E 24 9.28 28.02 -10.29
CA THR E 24 9.58 27.85 -11.67
C THR E 24 10.78 28.72 -11.99
N GLY E 25 11.69 28.18 -12.78
CA GLY E 25 12.89 28.88 -13.15
C GLY E 25 14.01 28.00 -13.64
N PRO E 26 15.13 28.59 -14.01
CA PRO E 26 16.28 27.81 -14.46
C PRO E 26 16.70 26.81 -13.37
N GLY E 27 16.51 25.52 -13.64
CA GLY E 27 16.91 24.46 -12.73
C GLY E 27 16.08 24.30 -11.46
N ILE E 28 14.97 25.05 -11.38
CA ILE E 28 14.19 25.32 -10.15
C ILE E 28 15.01 26.21 -9.23
N THR E 29 14.48 27.41 -8.98
CA THR E 29 15.09 28.43 -8.16
C THR E 29 14.68 28.21 -6.70
N ILE E 30 15.68 28.25 -5.81
CA ILE E 30 15.46 28.02 -4.36
C ILE E 30 15.94 29.21 -3.58
N TYR E 31 15.09 29.69 -2.65
CA TYR E 31 15.40 30.79 -1.71
C TYR E 31 15.24 30.33 -0.27
N SER E 32 15.92 31.02 0.67
CA SER E 32 15.76 30.76 2.10
C SER E 32 15.38 32.02 2.88
N SER E 33 14.74 31.80 4.03
CA SER E 33 14.23 32.88 4.89
C SER E 33 14.14 32.44 6.37
N LYS E 34 14.41 33.36 7.29
CA LYS E 34 14.10 33.12 8.70
C LYS E 34 12.71 33.57 9.14
N ASP E 35 12.03 34.39 8.34
CA ASP E 35 10.74 34.98 8.75
C ASP E 35 9.59 34.90 7.73
N ARG E 36 9.83 34.24 6.60
CA ARG E 36 8.87 34.10 5.49
C ARG E 36 8.61 35.42 4.70
N VAL E 37 9.27 36.51 5.07
CA VAL E 37 9.13 37.82 4.39
C VAL E 37 10.41 38.26 3.64
N ASN E 38 11.53 38.16 4.32
CA ASN E 38 12.84 38.50 3.77
C ASN E 38 13.58 37.25 3.23
N TRP E 39 13.80 37.19 1.91
CA TRP E 39 14.31 36.01 1.21
C TRP E 39 15.67 36.25 0.57
N ARG E 40 16.60 35.32 0.78
CA ARG E 40 17.83 35.31 0.00
C ARG E 40 17.94 34.10 -0.91
N TYR E 41 18.55 34.32 -2.07
CA TYR E 41 18.78 33.25 -3.01
C TYR E 41 19.63 32.18 -2.31
N SER E 42 19.25 30.93 -2.50
CA SER E 42 19.94 29.80 -1.91
C SER E 42 20.71 28.99 -2.95
N ASP E 43 20.02 28.55 -4.02
CA ASP E 43 20.59 27.64 -5.02
C ASP E 43 19.59 27.36 -6.17
N ARG E 44 20.00 26.59 -7.16
CA ARG E 44 19.09 25.97 -8.13
C ARG E 44 19.29 24.45 -8.02
N ALA E 45 18.21 23.69 -8.10
CA ALA E 45 18.29 22.24 -7.88
C ALA E 45 19.17 21.52 -8.92
N PHE E 46 19.09 21.98 -10.19
CA PHE E 46 19.90 21.42 -11.27
C PHE E 46 20.81 22.52 -11.76
N ALA E 47 22.11 22.29 -11.67
CA ALA E 47 23.08 23.24 -12.20
C ALA E 47 23.27 23.01 -13.66
N THR E 48 23.22 21.75 -14.07
CA THR E 48 23.18 21.34 -15.48
C THR E 48 21.96 20.49 -15.57
N GLU E 49 21.35 20.50 -16.73
CA GLU E 49 19.97 20.07 -16.86
C GLU E 49 19.80 18.55 -16.64
N PRO E 50 18.57 18.12 -16.38
CA PRO E 50 18.34 16.68 -16.23
C PRO E 50 18.77 16.01 -17.52
N THR E 51 19.47 14.88 -17.43
CA THR E 51 20.09 14.27 -18.60
C THR E 51 19.05 13.89 -19.67
N TRP E 52 17.83 13.61 -19.22
CA TRP E 52 16.75 13.11 -20.09
C TRP E 52 15.87 14.19 -20.67
N ALA E 53 16.05 15.43 -20.25
CA ALA E 53 15.13 16.55 -20.59
C ALA E 53 14.91 16.78 -22.10
N LYS E 54 16.00 16.90 -22.86
CA LYS E 54 15.97 17.18 -24.30
C LYS E 54 15.35 16.05 -25.11
N ARG E 55 15.37 14.85 -24.55
CA ARG E 55 14.71 13.72 -25.17
C ARG E 55 13.18 13.90 -25.18
N VAL E 56 12.64 14.30 -24.04
CA VAL E 56 11.21 14.65 -23.89
C VAL E 56 10.83 15.93 -24.63
N SER E 57 11.66 16.97 -24.50
CA SER E 57 11.41 18.29 -25.08
C SER E 57 12.66 18.80 -25.81
N PRO E 58 12.76 18.60 -27.14
CA PRO E 58 13.94 19.08 -27.89
C PRO E 58 14.26 20.59 -27.77
N SER E 59 13.25 21.44 -27.60
CA SER E 59 13.45 22.92 -27.45
C SER E 59 13.81 23.38 -26.02
N PHE E 60 13.96 22.42 -25.10
CA PHE E 60 14.27 22.65 -23.68
C PHE E 60 15.47 23.58 -23.45
N ASP E 61 15.29 24.59 -22.61
CA ASP E 61 16.28 25.67 -22.42
C ASP E 61 16.71 25.87 -20.96
N GLY E 62 16.52 24.85 -20.13
CA GLY E 62 16.93 24.91 -18.74
C GLY E 62 15.84 25.28 -17.76
N HIS E 63 14.78 25.94 -18.21
CA HIS E 63 13.63 26.32 -17.36
C HIS E 63 12.76 25.14 -16.97
N LEU E 64 12.73 24.84 -15.68
CA LEU E 64 11.91 23.75 -15.13
C LEU E 64 10.68 24.39 -14.50
N TRP E 65 9.53 23.73 -14.61
CA TRP E 65 8.25 24.33 -14.22
C TRP E 65 7.57 23.62 -13.01
N ALA E 66 6.90 24.44 -12.21
CA ALA E 66 5.88 24.01 -11.30
C ALA E 66 6.36 22.93 -10.27
N PRO E 67 7.33 23.29 -9.44
CA PRO E 67 7.83 22.34 -8.44
C PRO E 67 6.80 21.97 -7.36
N ASP E 68 6.99 20.81 -6.73
CA ASP E 68 6.36 20.53 -5.45
C ASP E 68 7.40 19.95 -4.51
N ILE E 69 7.37 20.39 -3.26
CA ILE E 69 8.37 19.97 -2.26
C ILE E 69 7.61 19.19 -1.18
N TYR E 70 8.13 18.01 -0.86
CA TYR E 70 7.47 17.08 0.05
C TYR E 70 8.50 16.40 0.95
N GLN E 71 8.26 16.41 2.26
CA GLN E 71 9.11 15.69 3.25
C GLN E 71 8.52 14.31 3.55
N HIS E 72 9.36 13.27 3.49
CA HIS E 72 8.93 11.87 3.61
C HIS E 72 10.10 10.99 4.09
N LYS E 73 9.92 10.36 5.24
CA LYS E 73 10.89 9.40 5.80
C LYS E 73 12.32 9.92 5.84
N GLY E 74 12.48 11.17 6.25
CA GLY E 74 13.79 11.78 6.43
C GLY E 74 14.45 12.40 5.20
N LEU E 75 13.75 12.40 4.07
CA LEU E 75 14.29 12.98 2.83
C LEU E 75 13.40 14.12 2.27
N PHE E 76 14.04 15.05 1.54
CA PHE E 76 13.34 16.07 0.77
C PHE E 76 13.16 15.60 -0.66
N TYR E 77 11.91 15.51 -1.13
CA TYR E 77 11.56 15.11 -2.50
C TYR E 77 11.07 16.34 -3.29
N LEU E 78 11.78 16.69 -4.37
CA LEU E 78 11.48 17.86 -5.16
C LEU E 78 11.05 17.35 -6.54
N TYR E 79 9.76 17.38 -6.77
CA TYR E 79 9.16 17.06 -8.06
C TYR E 79 9.26 18.29 -8.94
N TYR E 80 9.46 18.09 -10.26
CA TYR E 80 9.61 19.22 -11.21
C TYR E 80 9.05 18.80 -12.59
N SER E 81 8.70 19.78 -13.41
CA SER E 81 8.16 19.51 -14.76
C SER E 81 9.09 20.01 -15.91
N VAL E 82 9.34 19.11 -16.86
CA VAL E 82 9.99 19.42 -18.14
C VAL E 82 8.88 19.47 -19.22
N SER E 83 8.86 20.51 -20.06
CA SER E 83 7.77 20.68 -21.01
C SER E 83 8.18 21.63 -22.14
N ALA E 84 7.21 21.97 -23.01
CA ALA E 84 7.40 22.98 -24.08
C ALA E 84 6.06 23.73 -24.23
N PHE E 85 6.15 25.04 -24.44
CA PHE E 85 4.95 25.87 -24.41
C PHE E 85 3.96 25.40 -25.49
N GLY E 86 2.70 25.30 -25.13
CA GLY E 86 1.63 24.86 -26.04
C GLY E 86 1.57 23.38 -26.40
N LYS E 87 2.44 22.55 -25.79
CA LYS E 87 2.52 21.11 -26.12
C LYS E 87 2.42 20.22 -24.87
N ASN E 88 2.02 18.96 -25.07
CA ASN E 88 2.07 17.95 -24.00
C ASN E 88 3.21 16.93 -24.17
N THR E 89 4.30 17.38 -24.77
CA THR E 89 5.58 16.68 -24.74
C THR E 89 6.23 17.06 -23.42
N SER E 90 5.80 16.36 -22.37
CA SER E 90 6.03 16.72 -20.97
C SER E 90 6.31 15.50 -20.09
N ALA E 91 7.05 15.75 -19.00
CA ALA E 91 7.20 14.75 -17.97
C ALA E 91 7.48 15.40 -16.63
N ILE E 92 7.03 14.73 -15.57
CA ILE E 92 7.32 15.09 -14.21
C ILE E 92 8.44 14.15 -13.73
N GLY E 93 9.52 14.73 -13.22
CA GLY E 93 10.57 13.98 -12.55
C GLY E 93 10.67 14.31 -11.06
N VAL E 94 11.55 13.60 -10.37
CA VAL E 94 11.79 13.87 -8.93
C VAL E 94 13.26 13.74 -8.64
N THR E 95 13.77 14.68 -7.86
CA THR E 95 15.16 14.67 -7.36
C THR E 95 15.11 14.82 -5.83
N VAL E 96 15.99 14.11 -5.12
CA VAL E 96 15.94 14.10 -3.66
C VAL E 96 17.23 14.59 -3.00
N ASN E 97 17.10 15.14 -1.80
CA ASN E 97 18.22 15.68 -1.02
C ASN E 97 18.07 15.29 0.47
N LYS E 98 19.17 15.06 1.18
CA LYS E 98 19.10 14.82 2.62
C LYS E 98 18.80 16.11 3.41
N THR E 99 19.10 17.27 2.82
CA THR E 99 18.89 18.54 3.49
C THR E 99 18.75 19.67 2.45
N LEU E 100 18.27 20.83 2.89
CA LEU E 100 18.12 22.02 2.04
C LEU E 100 19.18 23.09 2.29
N ASN E 101 20.01 22.91 3.32
CA ASN E 101 21.10 23.83 3.64
C ASN E 101 22.32 23.58 2.71
N PRO E 102 22.62 24.51 1.78
CA PRO E 102 23.73 24.32 0.81
C PRO E 102 25.15 24.23 1.41
N ALA E 103 25.28 24.76 2.62
CA ALA E 103 26.54 24.80 3.36
C ALA E 103 26.86 23.45 4.04
N SER E 104 25.87 22.56 4.11
CA SER E 104 26.01 21.23 4.73
C SER E 104 26.77 20.20 3.89
N PRO E 105 27.67 19.43 4.50
CA PRO E 105 28.33 18.30 3.80
C PRO E 105 27.37 17.26 3.18
N ASP E 106 26.15 17.18 3.70
CA ASP E 106 25.14 16.22 3.21
C ASP E 106 24.28 16.80 2.08
N TYR E 107 24.57 18.03 1.64
CA TYR E 107 23.74 18.68 0.60
C TYR E 107 24.11 18.19 -0.78
N ARG E 108 23.18 17.52 -1.43
CA ARG E 108 23.36 17.08 -2.81
C ARG E 108 22.04 16.54 -3.39
N TRP E 109 21.58 17.21 -4.45
CA TRP E 109 20.38 16.78 -5.16
C TRP E 109 20.69 15.58 -6.05
N GLU E 110 19.93 14.49 -5.92
CA GLU E 110 20.12 13.28 -6.73
C GLU E 110 18.88 13.01 -7.56
N ASP E 111 19.01 13.15 -8.89
CA ASP E 111 17.86 12.97 -9.78
C ASP E 111 17.46 11.48 -9.83
N LYS E 112 16.20 11.19 -9.58
CA LYS E 112 15.65 9.86 -9.75
C LYS E 112 14.91 9.66 -11.09
N GLY E 113 14.92 10.64 -11.98
CA GLY E 113 14.32 10.45 -13.28
C GLY E 113 12.81 10.67 -13.39
N ILE E 114 12.26 10.12 -14.47
CA ILE E 114 10.87 10.40 -14.85
C ILE E 114 9.86 9.62 -14.01
N VAL E 115 8.97 10.35 -13.35
CA VAL E 115 7.86 9.74 -12.63
C VAL E 115 6.74 9.32 -13.58
N ILE E 116 6.25 10.31 -14.35
CA ILE E 116 5.19 10.08 -15.35
C ILE E 116 5.42 10.99 -16.57
N GLU E 117 5.13 10.49 -17.77
CA GLU E 117 5.37 11.26 -19.03
C GLU E 117 4.10 11.21 -19.91
N SER E 118 3.70 12.36 -20.45
CA SER E 118 2.59 12.42 -21.41
C SER E 118 3.12 12.36 -22.86
N VAL E 119 2.37 11.65 -23.69
CA VAL E 119 2.73 11.39 -25.07
C VAL E 119 1.62 11.93 -26.02
N PRO E 120 1.96 12.90 -26.86
CA PRO E 120 0.99 13.37 -27.86
C PRO E 120 0.34 12.24 -28.67
N GLN E 121 -0.97 12.36 -28.77
CA GLN E 121 -1.91 11.47 -29.50
C GLN E 121 -2.21 10.18 -28.71
N ARG E 122 -1.40 9.89 -27.68
CA ARG E 122 -1.72 8.78 -26.76
C ARG E 122 -2.56 9.27 -25.57
N ASP E 123 -2.08 10.30 -24.87
CA ASP E 123 -2.67 10.74 -23.64
C ASP E 123 -3.40 12.06 -23.78
N LEU E 124 -4.64 12.12 -23.30
CA LEU E 124 -5.37 13.36 -23.23
C LEU E 124 -5.16 14.08 -21.88
N TRP E 125 -3.89 14.31 -21.57
CA TRP E 125 -3.52 15.04 -20.37
C TRP E 125 -2.10 15.49 -20.57
N ASN E 126 -1.66 16.40 -19.70
CA ASN E 126 -0.35 17.01 -19.81
C ASN E 126 0.40 16.78 -18.47
N ALA E 127 1.53 16.09 -18.55
CA ALA E 127 2.32 15.73 -17.35
C ALA E 127 3.18 16.89 -16.83
N ILE E 128 2.49 17.89 -16.27
CA ILE E 128 3.10 19.03 -15.56
C ILE E 128 2.33 19.30 -14.26
N ALA E 129 2.94 20.08 -13.37
CA ALA E 129 2.32 20.60 -12.15
C ALA E 129 1.89 19.56 -11.09
N PRO E 130 2.88 18.81 -10.58
CA PRO E 130 2.62 17.84 -9.50
C PRO E 130 2.22 18.48 -8.15
N ALA E 131 1.41 17.76 -7.40
CA ALA E 131 1.20 18.02 -5.95
C ALA E 131 1.06 16.71 -5.21
N ILE E 132 1.74 16.57 -4.08
CA ILE E 132 1.80 15.30 -3.33
C ILE E 132 0.90 15.33 -2.10
N ILE E 133 0.09 14.28 -1.91
CA ILE E 133 -0.81 14.14 -0.76
C ILE E 133 -0.88 12.72 -0.18
N ALA E 134 -0.83 12.62 1.16
CA ALA E 134 -0.89 11.32 1.84
C ALA E 134 -2.30 11.14 2.42
N ASP E 135 -2.76 9.90 2.45
CA ASP E 135 -4.07 9.60 3.07
C ASP E 135 -3.93 9.00 4.49
N ASP E 136 -5.05 8.56 5.05
CA ASP E 136 -5.08 7.94 6.39
C ASP E 136 -4.81 6.45 6.36
N HIS E 137 -4.29 5.92 5.27
CA HIS E 137 -4.16 4.49 5.11
C HIS E 137 -2.74 4.12 4.68
N GLY E 138 -1.78 4.98 4.99
CA GLY E 138 -0.39 4.71 4.62
C GLY E 138 0.00 4.85 3.14
N GLN E 139 -0.91 5.36 2.29
CA GLN E 139 -0.63 5.57 0.87
C GLN E 139 -0.33 7.04 0.55
N VAL E 140 0.42 7.27 -0.52
CA VAL E 140 0.74 8.60 -0.98
C VAL E 140 0.35 8.73 -2.48
N TRP E 141 -0.17 9.89 -2.85
CA TRP E 141 -0.72 10.13 -4.18
C TRP E 141 -0.12 11.37 -4.81
N MET E 142 -0.10 11.41 -6.16
CA MET E 142 0.27 12.60 -6.90
C MET E 142 -0.94 13.07 -7.69
N SER E 143 -1.31 14.33 -7.49
CA SER E 143 -2.22 15.05 -8.44
C SER E 143 -1.42 15.83 -9.46
N PHE E 144 -1.91 15.95 -10.69
CA PHE E 144 -1.27 16.80 -11.67
C PHE E 144 -2.25 17.22 -12.79
N GLY E 145 -1.77 18.13 -13.63
CA GLY E 145 -2.43 18.39 -14.91
C GLY E 145 -2.50 19.86 -15.32
N SER E 146 -2.83 20.05 -16.61
CA SER E 146 -2.98 21.35 -17.24
C SER E 146 -3.61 21.19 -18.60
N PHE E 147 -4.80 21.76 -18.79
CA PHE E 147 -5.49 21.78 -20.09
C PHE E 147 -5.69 20.32 -20.58
N TRP E 148 -5.82 20.09 -21.88
CA TRP E 148 -6.22 18.79 -22.35
C TRP E 148 -7.45 18.26 -21.60
N GLY E 149 -7.46 17.00 -21.17
CA GLY E 149 -8.58 16.36 -20.47
C GLY E 149 -8.60 16.56 -18.97
N GLY E 150 -7.82 17.52 -18.46
CA GLY E 150 -7.94 17.96 -17.08
C GLY E 150 -6.96 17.37 -16.06
N LEU E 151 -7.43 17.27 -14.82
CA LEU E 151 -6.55 17.00 -13.66
C LEU E 151 -6.76 15.56 -13.15
N LYS E 152 -5.65 14.88 -12.85
CA LYS E 152 -5.62 13.46 -12.50
C LYS E 152 -4.96 13.25 -11.13
N LEU E 153 -5.26 12.10 -10.53
CA LEU E 153 -4.64 11.60 -9.29
C LEU E 153 -4.25 10.12 -9.48
N PHE E 154 -2.99 9.77 -9.19
CA PHE E 154 -2.57 8.37 -9.19
C PHE E 154 -1.76 8.00 -7.94
N LYS E 155 -1.75 6.71 -7.61
CA LYS E 155 -1.08 6.22 -6.42
C LYS E 155 0.40 6.01 -6.70
N LEU E 156 1.26 6.53 -5.82
CA LEU E 156 2.71 6.35 -5.91
C LEU E 156 3.24 5.00 -5.34
N ASN E 157 4.40 4.57 -5.87
CA ASN E 157 5.07 3.36 -5.37
C ASN E 157 5.74 3.65 -4.02
N ASP E 158 6.30 2.63 -3.40
CA ASP E 158 6.83 2.82 -2.04
C ASP E 158 7.93 3.90 -2.05
N ASP E 159 8.76 3.93 -3.10
CA ASP E 159 9.86 4.90 -3.26
C ASP E 159 9.40 6.35 -3.56
N LEU E 160 8.14 6.51 -3.97
CA LEU E 160 7.58 7.79 -4.44
C LEU E 160 8.23 8.32 -5.76
N THR E 161 8.79 7.40 -6.56
CA THR E 161 9.48 7.77 -7.81
C THR E 161 8.68 7.42 -9.05
N ARG E 162 7.65 6.60 -8.91
CA ARG E 162 6.90 6.05 -10.06
C ARG E 162 5.48 5.65 -9.65
N PRO E 163 4.57 5.47 -10.58
CA PRO E 163 3.26 4.90 -10.24
C PRO E 163 3.37 3.50 -9.62
N ALA E 164 2.58 3.27 -8.57
CA ALA E 164 2.38 1.93 -7.99
C ALA E 164 1.87 0.99 -9.06
N GLU E 165 2.29 -0.26 -9.01
CA GLU E 165 1.82 -1.31 -9.92
C GLU E 165 1.11 -2.44 -9.15
N PRO E 166 -0.09 -2.84 -9.57
CA PRO E 166 -0.82 -2.28 -10.70
C PRO E 166 -1.32 -0.85 -10.46
N GLN E 167 -1.53 -0.10 -11.54
CA GLN E 167 -1.78 1.33 -11.40
C GLN E 167 -3.21 1.60 -10.92
N GLU E 168 -3.39 2.70 -10.21
CA GLU E 168 -4.70 3.16 -9.75
C GLU E 168 -4.75 4.67 -10.00
N TRP E 169 -5.64 5.04 -10.92
CA TRP E 169 -5.87 6.43 -11.36
C TRP E 169 -7.31 6.89 -11.08
N HIS E 170 -7.50 8.21 -10.94
CA HIS E 170 -8.82 8.86 -10.75
C HIS E 170 -8.81 10.26 -11.39
N SER E 171 -9.82 10.60 -12.20
CA SER E 171 -9.94 12.01 -12.65
C SER E 171 -10.49 12.74 -11.48
N ILE E 172 -9.97 13.93 -11.21
CA ILE E 172 -10.47 14.75 -10.11
C ILE E 172 -11.08 16.13 -10.45
N ALA E 173 -10.71 16.72 -11.60
CA ALA E 173 -11.33 17.99 -12.02
C ALA E 173 -11.15 18.20 -13.53
N LYS E 174 -12.21 18.63 -14.20
CA LYS E 174 -12.18 18.79 -15.67
C LYS E 174 -12.98 20.04 -16.12
N LEU E 175 -12.63 20.54 -17.31
CA LEU E 175 -13.48 21.49 -18.06
C LEU E 175 -13.73 20.98 -19.50
N GLU E 176 -14.66 21.64 -20.20
CA GLU E 176 -15.16 21.13 -21.48
C GLU E 176 -14.08 21.01 -22.57
N ARG E 177 -14.11 19.89 -23.26
CA ARG E 177 -13.36 19.61 -24.47
C ARG E 177 -13.98 18.42 -25.23
N SER E 178 -14.05 18.53 -26.56
CA SER E 178 -14.52 17.43 -27.43
C SER E 178 -13.32 16.62 -27.85
N VAL E 179 -13.46 15.29 -27.90
CA VAL E 179 -12.32 14.46 -28.34
C VAL E 179 -12.02 14.62 -29.85
N LEU E 180 -12.94 15.25 -30.60
CA LEU E 180 -12.75 15.47 -32.05
C LEU E 180 -11.68 16.52 -32.36
N MET E 181 -11.35 17.33 -31.37
CA MET E 181 -10.25 18.30 -31.43
C MET E 181 -8.97 17.50 -31.62
N ASP E 182 -8.01 18.04 -32.34
CA ASP E 182 -6.75 17.34 -32.53
C ASP E 182 -6.08 17.12 -31.14
N ASP E 183 -5.61 15.90 -30.91
CA ASP E 183 -5.14 15.48 -29.56
C ASP E 183 -3.91 16.23 -29.08
N SER E 184 -3.08 16.73 -30.02
CA SER E 184 -1.86 17.44 -29.69
C SER E 184 -2.06 18.89 -29.27
N GLN E 185 -3.29 19.38 -29.33
CA GLN E 185 -3.58 20.79 -28.99
C GLN E 185 -4.13 20.95 -27.58
N ALA E 186 -3.64 21.98 -26.89
CA ALA E 186 -3.98 22.29 -25.51
C ALA E 186 -5.49 22.42 -25.31
N GLY E 187 -6.13 23.09 -26.25
CA GLY E 187 -7.56 23.27 -26.22
C GLY E 187 -7.99 24.45 -25.35
N SER E 188 -9.25 24.42 -24.96
CA SER E 188 -9.88 25.52 -24.23
C SER E 188 -10.44 25.16 -22.81
N ALA E 189 -10.11 23.96 -22.31
CA ALA E 189 -10.37 23.66 -20.89
C ALA E 189 -9.25 24.33 -20.07
N GLN E 190 -9.48 25.59 -19.66
CA GLN E 190 -8.48 26.40 -18.97
C GLN E 190 -8.46 26.08 -17.45
N ILE E 191 -7.93 24.91 -17.12
CA ILE E 191 -7.82 24.44 -15.73
C ILE E 191 -6.45 23.81 -15.56
N GLU E 192 -5.74 24.16 -14.48
CA GLU E 192 -4.42 23.56 -14.24
C GLU E 192 -4.04 23.62 -12.75
N ALA E 193 -2.91 23.01 -12.44
CA ALA E 193 -2.23 23.25 -11.16
C ALA E 193 -2.99 22.82 -9.88
N PRO E 194 -3.31 21.53 -9.76
CA PRO E 194 -4.00 20.99 -8.60
C PRO E 194 -3.10 21.12 -7.37
N PHE E 195 -3.73 21.39 -6.24
CA PHE E 195 -3.09 21.28 -4.94
C PHE E 195 -4.14 20.88 -3.91
N ILE E 196 -3.82 19.85 -3.10
CA ILE E 196 -4.75 19.30 -2.14
C ILE E 196 -4.23 19.50 -0.72
N LEU E 197 -5.10 20.01 0.15
CA LEU E 197 -4.83 20.20 1.58
C LEU E 197 -5.89 19.45 2.43
N ARG E 198 -5.43 18.65 3.40
CA ARG E 198 -6.36 18.04 4.38
C ARG E 198 -6.67 19.05 5.48
N LYS E 199 -7.95 19.22 5.79
CA LYS E 199 -8.39 20.10 6.87
C LYS E 199 -9.61 19.47 7.52
N GLY E 200 -9.48 19.09 8.79
CA GLY E 200 -10.50 18.31 9.49
C GLY E 200 -10.83 17.00 8.78
N ASP E 201 -12.11 16.71 8.61
CA ASP E 201 -12.53 15.45 7.98
C ASP E 201 -12.57 15.45 6.43
N TYR E 202 -12.16 16.55 5.81
CA TYR E 202 -12.21 16.74 4.33
C TYR E 202 -10.84 17.01 3.70
N TYR E 203 -10.69 16.57 2.44
CA TYR E 203 -9.59 16.99 1.61
C TYR E 203 -10.09 18.12 0.71
N TYR E 204 -9.31 19.19 0.61
CA TYR E 204 -9.65 20.34 -0.26
C TYR E 204 -8.80 20.37 -1.55
N LEU E 205 -9.46 20.32 -2.71
CA LEU E 205 -8.76 20.48 -4.00
C LEU E 205 -8.84 21.93 -4.47
N PHE E 206 -7.69 22.59 -4.54
CA PHE E 206 -7.54 23.93 -5.15
C PHE E 206 -7.13 23.74 -6.60
N ALA E 207 -7.65 24.59 -7.48
CA ALA E 207 -7.28 24.55 -8.93
C ALA E 207 -7.25 25.95 -9.48
N SER E 208 -6.39 26.18 -10.47
CA SER E 208 -6.34 27.43 -11.22
C SER E 208 -7.20 27.39 -12.51
N TRP E 209 -8.13 28.32 -12.62
CA TRP E 209 -8.92 28.54 -13.83
C TRP E 209 -8.45 29.78 -14.61
N GLY E 210 -8.60 29.70 -15.94
CA GLY E 210 -8.34 30.83 -16.80
C GLY E 210 -6.92 30.81 -17.36
N LEU E 211 -6.46 31.97 -17.82
CA LEU E 211 -5.20 32.11 -18.56
C LEU E 211 -4.14 32.89 -17.74
N CYS E 212 -2.98 32.26 -17.54
CA CYS E 212 -1.82 32.89 -16.90
C CYS E 212 -0.95 33.64 -17.91
N CYS E 213 0.03 34.40 -17.47
CA CYS E 213 1.14 34.74 -18.36
C CYS E 213 0.76 35.69 -19.54
N ARG E 214 -0.35 36.41 -19.44
CA ARG E 214 -0.93 37.18 -20.56
C ARG E 214 -0.90 38.69 -20.32
N LYS E 215 -0.17 39.13 -19.28
CA LYS E 215 -0.10 40.54 -18.90
C LYS E 215 -1.51 41.12 -18.70
N GLY E 216 -1.87 42.17 -19.41
CA GLY E 216 -3.17 42.83 -19.23
C GLY E 216 -4.41 41.97 -19.49
N ASP E 217 -4.25 40.84 -20.17
CA ASP E 217 -5.38 39.99 -20.50
C ASP E 217 -5.55 38.75 -19.62
N SER E 218 -4.73 38.63 -18.57
CA SER E 218 -4.79 37.41 -17.72
C SER E 218 -6.14 37.33 -17.01
N THR E 219 -6.72 36.13 -16.98
CA THR E 219 -7.95 35.86 -16.25
C THR E 219 -7.75 34.83 -15.14
N TYR E 220 -6.48 34.51 -14.87
CA TYR E 220 -6.09 33.45 -13.90
C TYR E 220 -6.72 33.74 -12.52
N HIS E 221 -7.34 32.73 -11.92
CA HIS E 221 -7.86 32.83 -10.56
C HIS E 221 -7.96 31.46 -9.92
N LEU E 222 -8.34 31.40 -8.65
CA LEU E 222 -8.41 30.12 -7.92
C LEU E 222 -9.84 29.69 -7.59
N VAL E 223 -10.13 28.40 -7.75
CA VAL E 223 -11.36 27.78 -7.26
C VAL E 223 -11.08 26.57 -6.33
N VAL E 224 -12.10 26.06 -5.66
CA VAL E 224 -11.94 24.98 -4.67
C VAL E 224 -13.15 24.04 -4.62
N GLY E 225 -12.92 22.75 -4.36
CA GLY E 225 -13.98 21.80 -3.99
C GLY E 225 -13.46 20.90 -2.86
N ARG E 226 -14.31 20.04 -2.30
CA ARG E 226 -13.89 19.14 -1.21
C ARG E 226 -14.43 17.72 -1.30
N SER E 227 -13.72 16.79 -0.67
CA SER E 227 -14.10 15.35 -0.67
C SER E 227 -13.69 14.68 0.65
N LYS E 228 -14.47 13.71 1.14
CA LYS E 228 -14.07 12.92 2.32
C LYS E 228 -12.92 11.97 2.03
N GLN E 229 -12.92 11.36 0.85
CA GLN E 229 -11.81 10.52 0.42
C GLN E 229 -10.89 11.34 -0.52
N VAL E 230 -9.59 11.09 -0.44
CA VAL E 230 -8.64 11.77 -1.28
C VAL E 230 -8.87 11.49 -2.77
N THR E 231 -9.41 10.31 -3.09
CA THR E 231 -9.68 9.89 -4.46
C THR E 231 -10.95 10.50 -5.08
N GLY E 232 -11.70 11.28 -4.30
CA GLY E 232 -12.87 11.98 -4.79
C GLY E 232 -14.20 11.33 -4.42
N PRO E 233 -15.32 11.91 -4.88
CA PRO E 233 -15.35 13.06 -5.80
C PRO E 233 -15.29 14.40 -5.09
N TYR E 234 -14.60 15.38 -5.70
CA TYR E 234 -14.49 16.73 -5.13
C TYR E 234 -15.68 17.55 -5.59
N LEU E 235 -16.49 17.98 -4.65
CA LEU E 235 -17.66 18.80 -4.88
C LEU E 235 -17.45 20.25 -4.40
N ASP E 236 -18.06 21.22 -5.08
CA ASP E 236 -18.04 22.63 -4.68
C ASP E 236 -19.21 22.98 -3.78
N LYS E 237 -19.44 24.28 -3.54
CA LYS E 237 -20.38 24.74 -2.53
C LYS E 237 -21.83 24.36 -2.84
N THR E 238 -22.16 24.22 -4.12
CA THR E 238 -23.52 23.91 -4.60
C THR E 238 -23.72 22.41 -4.82
N GLY E 239 -22.70 21.61 -4.54
CA GLY E 239 -22.75 20.17 -4.75
C GLY E 239 -22.23 19.69 -6.09
N ARG E 240 -21.77 20.61 -6.93
CA ARG E 240 -21.36 20.28 -8.28
C ARG E 240 -19.94 19.66 -8.32
N ASP E 241 -19.84 18.52 -9.00
CA ASP E 241 -18.59 17.76 -9.16
C ASP E 241 -17.59 18.55 -10.02
N MET E 242 -16.35 18.68 -9.55
CA MET E 242 -15.30 19.36 -10.31
C MET E 242 -15.01 18.63 -11.61
N ASN E 243 -15.30 17.33 -11.68
CA ASN E 243 -15.17 16.58 -12.92
C ASN E 243 -16.21 16.98 -14.01
N GLN E 244 -17.23 17.74 -13.62
CA GLN E 244 -18.20 18.28 -14.57
C GLN E 244 -18.18 19.81 -14.54
N GLY E 245 -17.01 20.37 -14.23
CA GLY E 245 -16.83 21.82 -14.23
C GLY E 245 -17.21 22.54 -12.97
N GLY E 246 -17.50 21.79 -11.91
CA GLY E 246 -17.64 22.37 -10.59
C GLY E 246 -16.37 23.07 -10.11
N GLY E 247 -16.57 24.00 -9.17
CA GLY E 247 -15.50 24.73 -8.50
C GLY E 247 -15.95 26.09 -8.00
N SER E 248 -15.75 26.36 -6.70
CA SER E 248 -16.19 27.59 -6.06
C SER E 248 -15.07 28.60 -5.97
N LEU E 249 -15.38 29.87 -6.17
CA LEU E 249 -14.36 30.92 -6.17
C LEU E 249 -13.71 31.04 -4.79
N LEU E 250 -12.37 31.06 -4.75
CA LEU E 250 -11.61 31.38 -3.53
C LEU E 250 -11.03 32.79 -3.61
N ILE E 251 -10.32 33.08 -4.68
CA ILE E 251 -9.83 34.45 -4.89
C ILE E 251 -9.57 34.74 -6.36
N LYS E 252 -9.84 35.98 -6.76
CA LYS E 252 -9.55 36.46 -8.09
C LYS E 252 -8.93 37.85 -7.97
N GLY E 253 -8.42 38.34 -9.09
CA GLY E 253 -7.67 39.58 -9.10
C GLY E 253 -8.48 40.87 -9.22
N ASN E 254 -7.76 41.98 -9.28
CA ASN E 254 -8.33 43.31 -9.34
C ASN E 254 -7.48 44.29 -10.19
N LYS E 255 -7.71 45.58 -10.06
CA LYS E 255 -7.00 46.61 -10.83
C LYS E 255 -5.46 46.58 -10.65
N ARG E 256 -5.03 46.24 -9.42
CA ARG E 256 -3.60 46.20 -9.10
C ARG E 256 -2.98 44.85 -9.35
N TRP E 257 -3.77 43.77 -9.26
CA TRP E 257 -3.27 42.42 -9.45
C TRP E 257 -4.07 41.74 -10.57
N VAL E 258 -3.49 41.68 -11.74
CA VAL E 258 -4.22 41.18 -12.93
C VAL E 258 -3.84 39.74 -13.21
N GLY E 259 -4.66 38.83 -12.70
CA GLY E 259 -4.34 37.44 -12.69
C GLY E 259 -3.51 37.02 -11.48
N LEU E 260 -3.86 35.85 -10.94
CA LEU E 260 -3.13 35.24 -9.83
C LEU E 260 -3.51 33.79 -9.76
N GLY E 261 -2.64 32.99 -9.15
CA GLY E 261 -2.90 31.57 -8.98
C GLY E 261 -1.69 30.68 -8.84
N HIS E 262 -1.86 29.46 -9.35
CA HIS E 262 -0.93 28.34 -9.23
C HIS E 262 -0.41 28.27 -7.80
N ASN E 263 -1.30 27.87 -6.92
CA ASN E 263 -1.07 27.98 -5.47
C ASN E 263 -0.58 26.70 -4.79
N SER E 264 -0.05 26.89 -3.59
CA SER E 264 0.13 25.81 -2.61
C SER E 264 -0.57 26.24 -1.32
N ALA E 265 -0.58 25.37 -0.30
CA ALA E 265 -1.21 25.74 0.97
C ALA E 265 -0.70 24.83 2.08
N TYR E 266 -0.55 25.40 3.27
CA TYR E 266 0.18 24.74 4.34
C TYR E 266 -0.39 25.07 5.71
N THR E 267 -0.20 24.13 6.64
CA THR E 267 -0.54 24.29 8.05
C THR E 267 0.78 24.38 8.79
N TRP E 268 1.05 25.54 9.39
CA TRP E 268 2.29 25.82 10.15
C TRP E 268 1.97 26.36 11.56
N ASP E 269 2.39 25.63 12.59
CA ASP E 269 2.20 26.07 14.00
C ASP E 269 0.76 26.44 14.31
N GLY E 270 -0.16 25.56 13.97
CA GLY E 270 -1.57 25.73 14.30
C GLY E 270 -2.34 26.76 13.48
N LYS E 271 -1.72 27.28 12.41
CA LYS E 271 -2.38 28.24 11.52
C LYS E 271 -2.16 27.87 10.07
N ASP E 272 -3.13 28.17 9.23
CA ASP E 272 -3.09 27.80 7.81
C ASP E 272 -2.75 29.00 6.89
N TYR E 273 -2.08 28.71 5.78
CA TYR E 273 -1.55 29.70 4.87
C TYR E 273 -1.81 29.31 3.39
N LEU E 274 -2.08 30.33 2.56
CA LEU E 274 -2.21 30.21 1.09
C LEU E 274 -1.00 30.87 0.44
N VAL E 275 -0.34 30.16 -0.48
CA VAL E 275 0.87 30.66 -1.13
C VAL E 275 0.63 30.69 -2.68
N LEU E 276 0.86 31.85 -3.31
CA LEU E 276 0.57 31.98 -4.74
C LEU E 276 1.41 33.06 -5.41
N HIS E 277 1.32 33.17 -6.76
CA HIS E 277 1.90 34.34 -7.45
C HIS E 277 0.79 35.18 -7.98
N ALA E 278 1.08 36.47 -8.07
CA ALA E 278 0.13 37.45 -8.57
C ALA E 278 0.84 38.51 -9.42
N TYR E 279 0.23 38.87 -10.54
CA TYR E 279 0.86 39.77 -11.54
C TYR E 279 0.61 41.25 -11.19
N GLU E 280 1.67 42.04 -11.00
CA GLU E 280 1.55 43.42 -10.51
C GLU E 280 1.47 44.41 -11.67
N ALA E 281 0.27 44.94 -11.89
CA ALA E 281 0.03 45.89 -12.97
C ALA E 281 0.94 47.12 -12.93
N ALA E 282 1.21 47.67 -11.75
CA ALA E 282 2.11 48.82 -11.64
C ALA E 282 3.59 48.50 -11.90
N ASP E 283 3.91 47.23 -12.12
CA ASP E 283 5.31 46.80 -12.36
C ASP E 283 5.39 45.87 -13.56
N ASN E 284 4.80 46.30 -14.67
CA ASN E 284 4.83 45.50 -15.91
C ASN E 284 4.31 44.08 -15.79
N TYR E 285 3.29 43.92 -14.94
CA TYR E 285 2.67 42.61 -14.70
C TYR E 285 3.66 41.53 -14.20
N LEU E 286 4.78 41.95 -13.60
CA LEU E 286 5.74 40.97 -13.06
C LEU E 286 5.17 40.26 -11.80
N GLN E 287 5.11 38.92 -11.91
CA GLN E 287 4.63 37.98 -10.90
C GLN E 287 5.37 38.15 -9.59
N LYS E 288 4.63 38.34 -8.50
CA LYS E 288 5.22 38.42 -7.14
C LYS E 288 4.73 37.31 -6.19
N LEU E 289 5.58 36.95 -5.23
CA LEU E 289 5.17 36.05 -4.16
C LEU E 289 4.09 36.72 -3.28
N LYS E 290 3.04 35.99 -2.97
CA LYS E 290 2.08 36.41 -1.98
C LYS E 290 1.76 35.25 -1.05
N ILE E 291 1.80 35.53 0.26
CA ILE E 291 1.37 34.60 1.32
C ILE E 291 0.20 35.25 2.05
N LEU E 292 -0.94 34.58 2.06
CA LEU E 292 -2.14 35.10 2.71
C LEU E 292 -2.62 34.16 3.84
N ASN E 293 -3.24 34.74 4.86
CA ASN E 293 -3.82 33.94 5.95
C ASN E 293 -4.99 33.18 5.41
N LEU E 294 -5.02 31.85 5.62
CA LEU E 294 -6.09 30.98 5.12
C LEU E 294 -7.10 30.72 6.24
N HIS E 295 -8.27 31.34 6.13
CA HIS E 295 -9.30 31.20 7.13
C HIS E 295 -10.35 30.18 6.69
N TRP E 296 -11.22 29.81 7.62
CA TRP E 296 -12.32 28.88 7.33
C TRP E 296 -13.63 29.49 7.80
N ASP E 297 -14.64 29.49 6.93
CA ASP E 297 -15.89 30.19 7.20
C ASP E 297 -16.86 29.35 8.04
N GLY E 298 -18.07 29.85 8.26
CA GLY E 298 -19.04 29.20 9.14
C GLY E 298 -19.52 27.83 8.67
N GLU E 299 -19.49 27.64 7.35
CA GLU E 299 -19.91 26.40 6.70
C GLU E 299 -18.68 25.50 6.42
N GLY E 300 -17.53 25.85 7.01
CA GLY E 300 -16.28 25.10 6.83
C GLY E 300 -15.48 25.27 5.54
N TRP E 301 -15.84 26.25 4.70
CA TRP E 301 -15.13 26.48 3.44
C TRP E 301 -14.00 27.52 3.53
N PRO E 302 -12.90 27.34 2.80
CA PRO E 302 -11.76 28.27 2.90
C PRO E 302 -12.10 29.67 2.42
N GLN E 303 -11.44 30.66 3.01
CA GLN E 303 -11.71 32.07 2.74
C GLN E 303 -10.41 32.86 2.94
N VAL E 304 -10.19 33.83 2.07
CA VAL E 304 -8.98 34.61 2.13
C VAL E 304 -9.36 36.10 1.98
N ASP E 305 -8.62 36.98 2.65
CA ASP E 305 -8.84 38.42 2.54
C ASP E 305 -8.00 38.99 1.39
N GLU E 306 -8.64 39.37 0.26
CA GLU E 306 -7.88 39.84 -0.94
C GLU E 306 -7.06 41.14 -0.72
N LYS E 307 -7.33 41.87 0.35
CA LYS E 307 -6.48 43.02 0.71
C LYS E 307 -5.02 42.62 1.02
N GLU E 308 -4.79 41.36 1.39
CA GLU E 308 -3.44 40.88 1.73
C GLU E 308 -2.52 40.76 0.51
N LEU E 309 -3.09 40.85 -0.70
CA LEU E 309 -2.28 40.95 -1.93
C LEU E 309 -1.47 42.23 -1.94
N ASP E 310 -1.97 43.25 -1.25
CA ASP E 310 -1.27 44.55 -1.10
C ASP E 310 -0.38 44.62 0.16
N SER E 311 -0.88 44.07 1.27
CA SER E 311 -0.20 44.20 2.57
C SER E 311 0.94 43.22 2.77
N TYR E 312 0.86 42.02 2.21
CA TYR E 312 2.02 41.11 2.17
C TYR E 312 3.05 41.59 1.14
N ILE E 313 4.19 42.05 1.64
CA ILE E 313 5.29 42.59 0.83
C ILE E 313 6.61 41.87 1.12
N SER E 314 6.93 40.86 0.31
CA SER E 314 8.22 40.18 0.41
C SER E 314 9.37 41.11 0.06
N GLN E 315 10.59 40.74 0.48
CA GLN E 315 11.79 41.51 0.17
C GLN E 315 12.93 40.60 -0.29
N ARG E 316 13.54 40.91 -1.44
CA ARG E 316 14.66 40.14 -1.95
C ARG E 316 15.96 40.75 -1.38
N LEU E 317 16.58 39.98 -0.48
CA LEU E 317 17.81 40.40 0.18
C LEU E 317 18.97 40.48 -0.79
N LYS E 318 19.77 41.53 -0.60
CA LYS E 318 21.03 41.72 -1.30
C LYS E 318 22.19 41.84 -0.35
N ALA F 2 -10.49 -40.16 -0.64
CA ALA F 2 -10.21 -38.84 -0.02
C ALA F 2 -10.70 -38.94 1.42
N LYS F 3 -10.13 -38.14 2.33
CA LYS F 3 -10.54 -38.17 3.74
C LYS F 3 -11.70 -37.22 4.10
N GLN F 4 -12.49 -37.57 5.11
CA GLN F 4 -13.53 -36.68 5.64
C GLN F 4 -12.94 -35.38 6.17
N VAL F 5 -13.73 -34.30 6.14
CA VAL F 5 -13.25 -32.98 6.50
C VAL F 5 -13.23 -32.88 8.01
N ASP F 6 -12.09 -32.48 8.57
CA ASP F 6 -11.95 -32.31 10.04
C ASP F 6 -12.22 -30.88 10.50
N VAL F 7 -13.31 -30.72 11.24
CA VAL F 7 -13.74 -29.42 11.76
C VAL F 7 -14.19 -29.49 13.21
N HIS F 8 -14.21 -28.33 13.85
CA HIS F 8 -14.73 -28.17 15.21
C HIS F 8 -15.59 -26.90 15.24
N ASP F 9 -16.79 -27.02 15.81
CA ASP F 9 -17.71 -25.92 15.98
C ASP F 9 -18.13 -25.25 14.64
N PRO F 10 -18.66 -26.05 13.71
CA PRO F 10 -18.93 -25.58 12.34
C PRO F 10 -20.13 -24.62 12.18
N VAL F 11 -20.00 -23.76 11.16
CA VAL F 11 -21.00 -22.78 10.76
C VAL F 11 -20.89 -22.66 9.21
N MET F 12 -21.96 -22.28 8.53
CA MET F 12 -21.96 -22.27 7.05
C MET F 12 -22.80 -21.13 6.47
N THR F 13 -22.52 -20.81 5.20
CA THR F 13 -23.34 -19.85 4.45
C THR F 13 -23.17 -20.06 2.95
N ARG F 14 -23.95 -19.33 2.16
CA ARG F 14 -23.88 -19.42 0.71
C ARG F 14 -23.80 -18.04 0.03
N GLU F 15 -22.90 -17.93 -0.93
CA GLU F 15 -22.82 -16.78 -1.81
C GLU F 15 -22.93 -17.26 -3.26
N GLY F 16 -23.92 -16.74 -3.97
CA GLY F 16 -24.20 -17.20 -5.32
C GLY F 16 -24.52 -18.68 -5.27
N ASP F 17 -23.72 -19.47 -5.97
CA ASP F 17 -23.90 -20.93 -6.02
C ASP F 17 -22.85 -21.71 -5.23
N THR F 18 -22.12 -21.04 -4.34
CA THR F 18 -21.03 -21.68 -3.63
C THR F 18 -21.28 -21.58 -2.13
N TRP F 19 -21.07 -22.73 -1.48
CA TRP F 19 -21.20 -22.87 -0.04
C TRP F 19 -19.83 -22.58 0.58
N TYR F 20 -19.83 -22.07 1.81
CA TYR F 20 -18.61 -21.83 2.56
C TYR F 20 -18.81 -22.33 3.99
N LEU F 21 -17.76 -22.95 4.53
CA LEU F 21 -17.79 -23.58 5.83
C LEU F 21 -16.69 -22.92 6.65
N PHE F 22 -17.02 -22.56 7.90
CA PHE F 22 -16.07 -21.91 8.79
C PHE F 22 -15.91 -22.78 10.04
N SER F 23 -14.66 -22.96 10.47
CA SER F 23 -14.31 -23.84 11.58
C SER F 23 -13.35 -23.17 12.60
N THR F 24 -13.43 -23.58 13.87
CA THR F 24 -12.35 -23.31 14.85
C THR F 24 -10.99 -23.71 14.25
N GLY F 25 -9.99 -22.84 14.41
CA GLY F 25 -8.64 -23.08 13.92
C GLY F 25 -7.84 -21.79 13.73
N PRO F 26 -6.61 -21.88 13.23
CA PRO F 26 -5.80 -20.67 13.04
C PRO F 26 -6.46 -19.60 12.14
N GLY F 27 -6.78 -18.46 12.75
CA GLY F 27 -7.37 -17.32 12.08
C GLY F 27 -8.78 -17.56 11.57
N ILE F 28 -9.42 -18.62 12.06
CA ILE F 28 -10.64 -19.21 11.47
C ILE F 28 -10.37 -19.81 10.08
N THR F 29 -10.60 -21.13 9.97
CA THR F 29 -10.43 -21.86 8.71
C THR F 29 -11.70 -21.77 7.88
N ILE F 30 -11.54 -21.48 6.59
CA ILE F 30 -12.66 -21.32 5.66
C ILE F 30 -12.56 -22.34 4.54
N TYR F 31 -13.62 -23.09 4.27
CA TYR F 31 -13.67 -24.04 3.14
C TYR F 31 -14.76 -23.67 2.12
N SER F 32 -14.61 -24.08 0.87
CA SER F 32 -15.64 -23.86 -0.15
C SER F 32 -16.08 -25.13 -0.87
N SER F 33 -17.31 -25.12 -1.37
CA SER F 33 -17.90 -26.29 -2.07
C SER F 33 -19.08 -25.89 -2.98
N LYS F 34 -19.32 -26.66 -4.05
CA LYS F 34 -20.55 -26.46 -4.86
C LYS F 34 -21.71 -27.44 -4.55
N ASP F 35 -21.48 -28.42 -3.69
CA ASP F 35 -22.49 -29.44 -3.35
C ASP F 35 -22.64 -29.81 -1.85
N ARG F 36 -21.99 -29.05 -0.95
CA ARG F 36 -21.98 -29.34 0.49
C ARG F 36 -21.35 -30.69 0.93
N VAL F 37 -20.73 -31.40 -0.01
CA VAL F 37 -20.14 -32.71 0.26
C VAL F 37 -18.60 -32.66 0.02
N ASN F 38 -18.21 -32.13 -1.13
CA ASN F 38 -16.82 -32.04 -1.56
C ASN F 38 -16.27 -30.64 -1.29
N TRP F 39 -15.30 -30.56 -0.37
CA TRP F 39 -14.83 -29.28 0.16
C TRP F 39 -13.37 -29.05 -0.17
N ARG F 40 -13.04 -27.81 -0.52
CA ARG F 40 -11.64 -27.42 -0.68
C ARG F 40 -11.29 -26.23 0.22
N TYR F 41 -10.04 -26.17 0.69
CA TYR F 41 -9.57 -25.05 1.48
C TYR F 41 -9.73 -23.76 0.65
N SER F 42 -10.22 -22.71 1.30
CA SER F 42 -10.41 -21.42 0.68
C SER F 42 -9.38 -20.43 1.21
N ASP F 43 -9.35 -20.24 2.53
CA ASP F 43 -8.52 -19.19 3.14
C ASP F 43 -8.52 -19.31 4.67
N ARG F 44 -7.75 -18.47 5.33
CA ARG F 44 -7.97 -18.19 6.76
C ARG F 44 -8.25 -16.69 6.86
N ALA F 45 -9.27 -16.35 7.63
CA ALA F 45 -9.73 -14.95 7.75
C ALA F 45 -8.62 -14.01 8.22
N PHE F 46 -7.94 -14.35 9.31
CA PHE F 46 -6.75 -13.64 9.75
C PHE F 46 -5.52 -14.40 9.26
N ALA F 47 -4.62 -13.74 8.54
CA ALA F 47 -3.36 -14.35 8.12
C ALA F 47 -2.53 -14.77 9.36
N THR F 48 -2.52 -13.90 10.37
CA THR F 48 -1.95 -14.21 11.67
C THR F 48 -3.02 -14.26 12.76
N GLU F 49 -3.27 -13.13 13.43
CA GLU F 49 -4.26 -13.09 14.49
C GLU F 49 -4.75 -11.64 14.72
N PRO F 50 -5.86 -11.46 15.44
CA PRO F 50 -6.31 -10.11 15.77
C PRO F 50 -5.24 -9.35 16.55
N THR F 51 -5.08 -8.06 16.27
CA THR F 51 -3.99 -7.26 16.88
C THR F 51 -4.10 -7.25 18.39
N TRP F 52 -5.34 -7.30 18.89
CA TRP F 52 -5.67 -7.19 20.33
C TRP F 52 -5.71 -8.51 21.11
N ALA F 53 -5.44 -9.65 20.47
CA ALA F 53 -5.77 -10.95 21.08
C ALA F 53 -4.93 -11.27 22.33
N LYS F 54 -3.62 -11.02 22.24
CA LYS F 54 -2.69 -11.27 23.37
C LYS F 54 -2.99 -10.41 24.62
N ARG F 55 -3.59 -9.24 24.41
CA ARG F 55 -3.98 -8.33 25.49
C ARG F 55 -5.05 -9.02 26.35
N VAL F 56 -6.04 -9.59 25.67
CA VAL F 56 -7.10 -10.35 26.32
C VAL F 56 -6.61 -11.68 26.87
N SER F 57 -5.76 -12.36 26.10
CA SER F 57 -5.33 -13.72 26.42
C SER F 57 -3.82 -13.87 26.21
N PRO F 58 -3.03 -13.57 27.25
CA PRO F 58 -1.57 -13.55 27.11
C PRO F 58 -0.94 -14.84 26.59
N SER F 59 -1.54 -15.99 26.84
CA SER F 59 -1.01 -17.29 26.36
C SER F 59 -1.65 -17.73 25.01
N PHE F 60 -2.37 -16.83 24.36
CA PHE F 60 -3.08 -17.12 23.10
C PHE F 60 -2.22 -17.92 22.12
N ASP F 61 -2.77 -19.01 21.60
CA ASP F 61 -2.00 -19.95 20.76
C ASP F 61 -2.17 -19.79 19.25
N GLY F 62 -2.94 -18.78 18.81
CA GLY F 62 -3.17 -18.54 17.38
C GLY F 62 -4.48 -19.09 16.85
N HIS F 63 -5.14 -19.92 17.67
CA HIS F 63 -6.38 -20.57 17.29
C HIS F 63 -7.56 -19.74 17.75
N LEU F 64 -8.40 -19.36 16.79
CA LEU F 64 -9.63 -18.63 17.09
C LEU F 64 -10.74 -19.66 17.21
N TRP F 65 -11.67 -19.47 18.16
CA TRP F 65 -12.74 -20.46 18.45
C TRP F 65 -14.17 -20.08 17.99
N ALA F 66 -14.91 -21.11 17.61
CA ALA F 66 -16.37 -21.07 17.40
C ALA F 66 -16.90 -19.86 16.64
N PRO F 67 -16.71 -19.82 15.33
CA PRO F 67 -17.17 -18.65 14.57
C PRO F 67 -18.66 -18.70 14.36
N ASP F 68 -19.23 -17.53 14.09
CA ASP F 68 -20.54 -17.48 13.45
C ASP F 68 -20.44 -16.58 12.21
N ILE F 69 -21.13 -16.98 11.13
CA ILE F 69 -21.16 -16.21 9.88
C ILE F 69 -22.59 -15.73 9.69
N TYR F 70 -22.74 -14.44 9.40
CA TYR F 70 -24.05 -13.79 9.25
C TYR F 70 -24.04 -12.76 8.08
N GLN F 71 -25.04 -12.84 7.20
CA GLN F 71 -25.19 -11.94 6.04
C GLN F 71 -26.12 -10.78 6.40
N HIS F 72 -25.69 -9.56 6.09
CA HIS F 72 -26.41 -8.34 6.49
C HIS F 72 -26.11 -7.17 5.55
N LYS F 73 -27.13 -6.65 4.87
CA LYS F 73 -26.95 -5.53 3.93
C LYS F 73 -25.75 -5.68 2.98
N GLY F 74 -25.62 -6.84 2.33
CA GLY F 74 -24.63 -6.98 1.29
C GLY F 74 -23.25 -7.40 1.74
N LEU F 75 -23.00 -7.39 3.05
CA LEU F 75 -21.68 -7.70 3.63
C LEU F 75 -21.75 -9.03 4.41
N PHE F 76 -20.58 -9.62 4.66
CA PHE F 76 -20.45 -10.86 5.44
C PHE F 76 -19.80 -10.56 6.81
N TYR F 77 -20.53 -10.81 7.89
CA TYR F 77 -20.02 -10.59 9.25
C TYR F 77 -19.54 -11.92 9.84
N LEU F 78 -18.26 -11.98 10.17
CA LEU F 78 -17.69 -13.18 10.77
C LEU F 78 -17.29 -12.92 12.21
N TYR F 79 -18.07 -13.44 13.16
CA TYR F 79 -17.82 -13.36 14.61
C TYR F 79 -16.92 -14.51 15.03
N TYR F 80 -16.06 -14.26 16.01
CA TYR F 80 -15.00 -15.21 16.38
C TYR F 80 -14.66 -15.02 17.87
N SER F 81 -14.06 -16.05 18.46
CA SER F 81 -13.71 -16.04 19.89
C SER F 81 -12.20 -16.13 20.14
N VAL F 82 -11.72 -15.24 21.01
CA VAL F 82 -10.36 -15.24 21.55
C VAL F 82 -10.44 -15.67 23.03
N SER F 83 -9.69 -16.69 23.44
CA SER F 83 -9.82 -17.25 24.80
C SER F 83 -8.56 -17.99 25.32
N ALA F 84 -8.71 -18.64 26.47
CA ALA F 84 -7.65 -19.52 26.99
C ALA F 84 -8.34 -20.68 27.73
N PHE F 85 -7.86 -21.90 27.53
CA PHE F 85 -8.57 -23.10 28.00
C PHE F 85 -8.74 -23.02 29.52
N GLY F 86 -9.94 -23.28 30.01
CA GLY F 86 -10.22 -23.26 31.45
C GLY F 86 -10.42 -21.89 32.10
N LYS F 87 -10.33 -20.81 31.32
CA LYS F 87 -10.47 -19.45 31.87
C LYS F 87 -11.55 -18.66 31.17
N ASN F 88 -12.01 -17.59 31.82
CA ASN F 88 -12.97 -16.66 31.18
C ASN F 88 -12.34 -15.32 30.81
N THR F 89 -11.02 -15.31 30.65
CA THR F 89 -10.30 -14.23 29.97
C THR F 89 -10.58 -14.37 28.48
N SER F 90 -11.69 -13.79 28.03
CA SER F 90 -12.24 -14.05 26.69
C SER F 90 -12.91 -12.83 26.06
N ALA F 91 -12.96 -12.82 24.73
CA ALA F 91 -13.68 -11.81 24.01
C ALA F 91 -14.17 -12.34 22.68
N ILE F 92 -15.31 -11.80 22.24
CA ILE F 92 -15.83 -12.06 20.91
C ILE F 92 -15.60 -10.82 20.05
N GLY F 93 -14.97 -11.02 18.91
CA GLY F 93 -14.73 -9.97 17.93
C GLY F 93 -15.53 -10.22 16.66
N VAL F 94 -15.51 -9.23 15.77
CA VAL F 94 -16.14 -9.38 14.46
C VAL F 94 -15.27 -8.78 13.35
N THR F 95 -15.12 -9.55 12.27
CA THR F 95 -14.46 -9.07 11.07
C THR F 95 -15.39 -9.21 9.84
N VAL F 96 -15.25 -8.27 8.91
CA VAL F 96 -16.24 -8.02 7.84
C VAL F 96 -15.61 -8.02 6.43
N ASN F 97 -16.29 -8.66 5.47
CA ASN F 97 -15.83 -8.78 4.09
C ASN F 97 -17.00 -8.49 3.14
N LYS F 98 -16.74 -7.88 1.99
CA LYS F 98 -17.83 -7.68 1.00
C LYS F 98 -18.11 -8.91 0.13
N THR F 99 -17.24 -9.92 0.23
CA THR F 99 -17.40 -11.16 -0.52
C THR F 99 -16.63 -12.32 0.16
N LEU F 100 -16.93 -13.56 -0.23
CA LEU F 100 -16.25 -14.75 0.29
C LEU F 100 -15.34 -15.42 -0.74
N ASN F 101 -15.42 -14.95 -1.99
CA ASN F 101 -14.58 -15.46 -3.08
C ASN F 101 -13.18 -14.83 -3.00
N PRO F 102 -12.13 -15.61 -2.70
CA PRO F 102 -10.77 -15.05 -2.61
C PRO F 102 -10.16 -14.53 -3.94
N ALA F 103 -10.65 -14.99 -5.08
CA ALA F 103 -10.18 -14.50 -6.38
C ALA F 103 -10.63 -13.05 -6.68
N SER F 104 -11.62 -12.58 -5.93
CA SER F 104 -12.28 -11.30 -6.17
C SER F 104 -11.46 -10.09 -5.72
N PRO F 105 -11.45 -9.02 -6.53
CA PRO F 105 -10.79 -7.77 -6.15
C PRO F 105 -11.42 -7.13 -4.90
N ASP F 106 -12.71 -7.41 -4.69
CA ASP F 106 -13.45 -6.95 -3.51
C ASP F 106 -13.14 -7.73 -2.22
N TYR F 107 -12.36 -8.81 -2.34
CA TYR F 107 -12.12 -9.72 -1.20
C TYR F 107 -11.11 -9.17 -0.19
N ARG F 108 -11.58 -8.94 1.03
CA ARG F 108 -10.70 -8.71 2.17
C ARG F 108 -11.42 -8.46 3.51
N TRP F 109 -10.94 -9.15 4.53
CA TRP F 109 -11.52 -9.11 5.87
C TRP F 109 -10.99 -7.90 6.65
N GLU F 110 -11.90 -7.09 7.20
CA GLU F 110 -11.53 -5.89 7.98
C GLU F 110 -12.08 -6.03 9.38
N ASP F 111 -11.19 -6.25 10.34
CA ASP F 111 -11.56 -6.44 11.73
C ASP F 111 -12.21 -5.18 12.29
N LYS F 112 -13.30 -5.36 13.03
CA LYS F 112 -13.97 -4.24 13.70
C LYS F 112 -13.73 -4.23 15.22
N GLY F 113 -13.05 -5.25 15.75
CA GLY F 113 -12.62 -5.27 17.14
C GLY F 113 -13.56 -6.03 18.05
N ILE F 114 -13.49 -5.69 19.34
CA ILE F 114 -14.17 -6.42 20.41
C ILE F 114 -15.62 -6.02 20.48
N VAL F 115 -16.50 -7.01 20.37
CA VAL F 115 -17.92 -6.79 20.57
C VAL F 115 -18.24 -6.87 22.08
N ILE F 116 -17.80 -7.95 22.72
CA ILE F 116 -18.02 -8.18 24.17
C ILE F 116 -16.85 -8.99 24.78
N GLU F 117 -16.44 -8.61 25.99
CA GLU F 117 -15.32 -9.27 26.67
C GLU F 117 -15.74 -9.61 28.12
N SER F 118 -15.40 -10.82 28.56
CA SER F 118 -15.65 -11.24 29.96
C SER F 118 -14.38 -10.99 30.79
N VAL F 119 -14.59 -10.56 32.03
CA VAL F 119 -13.52 -10.22 32.97
C VAL F 119 -13.65 -11.07 34.28
N PRO F 120 -12.66 -11.88 34.57
CA PRO F 120 -12.65 -12.66 35.83
C PRO F 120 -12.99 -11.81 37.07
N GLN F 121 -13.89 -12.32 37.89
CA GLN F 121 -14.36 -11.72 39.15
C GLN F 121 -15.45 -10.65 38.97
N ARG F 122 -15.57 -10.09 37.76
CA ARG F 122 -16.67 -9.20 37.40
C ARG F 122 -17.85 -10.01 36.83
N ASP F 123 -17.54 -10.86 35.86
CA ASP F 123 -18.59 -11.51 35.10
C ASP F 123 -18.69 -12.99 35.35
N LEU F 124 -19.88 -13.45 35.63
CA LEU F 124 -20.09 -14.87 35.85
C LEU F 124 -20.58 -15.51 34.55
N TRP F 125 -19.79 -15.31 33.51
CA TRP F 125 -20.11 -15.84 32.19
C TRP F 125 -18.83 -15.82 31.38
N ASN F 126 -18.81 -16.57 30.28
CA ASN F 126 -17.63 -16.67 29.42
C ASN F 126 -17.93 -16.16 27.99
N ALA F 127 -17.21 -15.15 27.54
CA ALA F 127 -17.44 -14.51 26.24
C ALA F 127 -16.79 -15.29 25.08
N ILE F 128 -17.37 -16.45 24.81
CA ILE F 128 -17.03 -17.26 23.62
C ILE F 128 -18.32 -17.83 22.98
N ALA F 129 -18.19 -18.37 21.77
CA ALA F 129 -19.28 -19.07 21.06
C ALA F 129 -20.52 -18.20 20.71
N PRO F 130 -20.32 -17.16 19.91
CA PRO F 130 -21.42 -16.32 19.44
C PRO F 130 -22.35 -17.00 18.45
N ALA F 131 -23.58 -16.50 18.41
CA ALA F 131 -24.58 -16.83 17.36
C ALA F 131 -25.51 -15.65 17.18
N ILE F 132 -25.81 -15.34 15.91
CA ILE F 132 -26.56 -14.15 15.55
C ILE F 132 -28.00 -14.54 15.13
N ILE F 133 -28.97 -13.83 15.68
CA ILE F 133 -30.39 -14.03 15.38
C ILE F 133 -31.12 -12.67 15.29
N ALA F 134 -31.92 -12.54 14.22
CA ALA F 134 -32.73 -11.35 13.99
C ALA F 134 -34.16 -11.62 14.45
N ASP F 135 -34.87 -10.56 14.84
CA ASP F 135 -36.28 -10.66 15.19
C ASP F 135 -37.21 -9.95 14.17
N ASP F 136 -38.51 -9.95 14.47
CA ASP F 136 -39.54 -9.36 13.61
C ASP F 136 -39.71 -7.85 13.80
N HIS F 137 -38.94 -7.26 14.71
CA HIS F 137 -39.02 -5.83 14.97
C HIS F 137 -37.76 -5.09 14.50
N GLY F 138 -37.09 -5.64 13.48
CA GLY F 138 -35.89 -5.02 12.93
C GLY F 138 -34.67 -4.93 13.84
N GLN F 139 -34.65 -5.76 14.89
CA GLN F 139 -33.54 -5.76 15.83
C GLN F 139 -32.71 -7.04 15.61
N VAL F 140 -31.44 -7.00 15.99
CA VAL F 140 -30.56 -8.15 15.81
C VAL F 140 -29.86 -8.44 17.16
N TRP F 141 -29.73 -9.73 17.49
CA TRP F 141 -29.25 -10.19 18.82
C TRP F 141 -28.10 -11.17 18.70
N MET F 142 -27.26 -11.19 19.74
CA MET F 142 -26.21 -12.19 19.90
C MET F 142 -26.47 -13.05 21.12
N SER F 143 -26.51 -14.37 20.93
CA SER F 143 -26.44 -15.31 22.02
C SER F 143 -25.00 -15.83 22.12
N PHE F 144 -24.59 -16.17 23.35
CA PHE F 144 -23.24 -16.68 23.55
C PHE F 144 -23.15 -17.40 24.93
N GLY F 145 -22.05 -18.13 25.12
CA GLY F 145 -21.70 -18.65 26.44
C GLY F 145 -21.15 -20.06 26.55
N SER F 146 -20.56 -20.34 27.71
CA SER F 146 -19.97 -21.63 28.04
C SER F 146 -19.62 -21.66 29.54
N PHE F 147 -20.21 -22.61 30.28
CA PHE F 147 -19.89 -22.82 31.69
C PHE F 147 -20.19 -21.55 32.49
N TRP F 148 -19.58 -21.39 33.67
CA TRP F 148 -19.91 -20.29 34.58
C TRP F 148 -21.42 -20.25 34.83
N GLY F 149 -22.05 -19.07 34.68
CA GLY F 149 -23.46 -18.90 34.95
C GLY F 149 -24.36 -19.09 33.73
N GLY F 150 -23.83 -19.70 32.70
CA GLY F 150 -24.65 -20.21 31.60
C GLY F 150 -24.66 -19.35 30.36
N LEU F 151 -25.79 -19.42 29.63
CA LEU F 151 -25.91 -18.84 28.30
C LEU F 151 -26.74 -17.53 28.31
N LYS F 152 -26.26 -16.54 27.54
CA LYS F 152 -26.84 -15.18 27.51
C LYS F 152 -27.22 -14.69 26.08
N LEU F 153 -28.16 -13.74 26.03
CA LEU F 153 -28.56 -13.05 24.81
C LEU F 153 -28.53 -11.52 25.06
N PHE F 154 -27.93 -10.75 24.16
CA PHE F 154 -27.99 -9.29 24.28
C PHE F 154 -28.25 -8.59 22.92
N LYS F 155 -28.87 -7.41 22.95
CA LYS F 155 -29.23 -6.67 21.72
C LYS F 155 -27.99 -5.98 21.12
N LEU F 156 -27.79 -6.18 19.81
CA LEU F 156 -26.71 -5.53 19.05
C LEU F 156 -27.05 -4.11 18.57
N ASN F 157 -26.01 -3.29 18.36
CA ASN F 157 -26.17 -1.94 17.83
C ASN F 157 -26.44 -1.99 16.32
N ASP F 158 -26.73 -0.83 15.73
CA ASP F 158 -27.08 -0.76 14.29
C ASP F 158 -25.98 -1.34 13.35
N ASP F 159 -24.71 -1.06 13.62
CA ASP F 159 -23.54 -1.63 12.89
C ASP F 159 -23.30 -3.13 13.08
N LEU F 160 -23.97 -3.72 14.08
CA LEU F 160 -23.74 -5.11 14.51
C LEU F 160 -22.34 -5.44 15.13
N THR F 161 -21.65 -4.42 15.65
CA THR F 161 -20.27 -4.57 16.14
C THR F 161 -20.17 -4.42 17.67
N ARG F 162 -21.18 -3.82 18.31
CA ARG F 162 -21.15 -3.60 19.78
C ARG F 162 -22.54 -3.81 20.37
N PRO F 163 -22.67 -3.95 21.70
CA PRO F 163 -23.99 -3.97 22.31
C PRO F 163 -24.70 -2.66 22.07
N ALA F 164 -25.99 -2.70 21.78
CA ALA F 164 -26.85 -1.51 21.81
C ALA F 164 -26.79 -0.79 23.14
N GLU F 165 -26.83 0.54 23.11
CA GLU F 165 -26.88 1.33 24.35
C GLU F 165 -28.17 2.13 24.41
N PRO F 166 -28.90 2.09 25.53
CA PRO F 166 -28.55 1.30 26.72
C PRO F 166 -28.73 -0.21 26.49
N GLN F 167 -28.02 -0.99 27.29
CA GLN F 167 -27.96 -2.42 27.07
C GLN F 167 -29.22 -3.16 27.52
N GLU F 168 -29.48 -4.27 26.86
CA GLU F 168 -30.60 -5.16 27.17
C GLU F 168 -30.15 -6.63 27.04
N TRP F 169 -30.13 -7.31 28.17
CA TRP F 169 -29.68 -8.70 28.31
C TRP F 169 -30.79 -9.62 28.84
N HIS F 170 -30.64 -10.90 28.50
CA HIS F 170 -31.50 -11.97 29.00
C HIS F 170 -30.71 -13.25 29.21
N SER F 171 -30.85 -13.87 30.38
CA SER F 171 -30.42 -15.26 30.55
C SER F 171 -31.34 -16.20 29.77
N ILE F 172 -30.77 -17.16 29.06
CA ILE F 172 -31.58 -18.10 28.26
C ILE F 172 -31.44 -19.59 28.61
N ALA F 173 -30.27 -20.01 29.10
CA ALA F 173 -30.12 -21.38 29.58
C ALA F 173 -29.03 -21.45 30.67
N LYS F 174 -29.26 -22.27 31.70
CA LYS F 174 -28.31 -22.43 32.82
C LYS F 174 -28.32 -23.85 33.41
N LEU F 175 -27.17 -24.22 34.00
CA LEU F 175 -27.06 -25.40 34.88
C LEU F 175 -26.52 -24.98 36.26
N GLU F 176 -26.60 -25.90 37.22
CA GLU F 176 -26.31 -25.58 38.61
C GLU F 176 -24.89 -25.04 38.85
N ARG F 177 -24.83 -23.99 39.65
CA ARG F 177 -23.60 -23.44 40.21
C ARG F 177 -23.88 -22.59 41.43
N SER F 178 -23.07 -22.74 42.46
CA SER F 178 -23.16 -21.87 43.62
C SER F 178 -22.23 -20.67 43.42
N VAL F 179 -22.67 -19.47 43.83
CA VAL F 179 -21.78 -18.29 43.78
C VAL F 179 -20.60 -18.33 44.79
N LEU F 180 -20.71 -19.20 45.79
CA LEU F 180 -19.61 -19.42 46.74
C LEU F 180 -18.37 -20.06 46.11
N MET F 181 -18.52 -20.69 44.94
CA MET F 181 -17.38 -21.15 44.13
C MET F 181 -16.48 -19.95 43.73
N ASP F 182 -15.17 -20.14 43.60
CA ASP F 182 -14.29 -19.05 43.11
C ASP F 182 -14.74 -18.61 41.69
N ASP F 183 -14.93 -17.30 41.51
CA ASP F 183 -15.50 -16.79 40.24
C ASP F 183 -14.61 -17.11 39.04
N SER F 184 -13.32 -17.40 39.28
CA SER F 184 -12.37 -17.68 38.18
C SER F 184 -12.47 -19.10 37.57
N GLN F 185 -13.25 -19.95 38.22
CA GLN F 185 -13.34 -21.37 37.91
C GLN F 185 -14.57 -21.65 37.02
N ALA F 186 -14.36 -22.42 35.95
CA ALA F 186 -15.47 -22.75 35.02
C ALA F 186 -16.65 -23.41 35.71
N GLY F 187 -16.35 -24.24 36.69
CA GLY F 187 -17.38 -24.94 37.43
C GLY F 187 -17.90 -26.19 36.75
N SER F 188 -19.04 -26.67 37.22
CA SER F 188 -19.59 -27.95 36.77
C SER F 188 -20.92 -27.86 35.96
N ALA F 189 -21.28 -26.62 35.60
CA ALA F 189 -22.39 -26.33 34.70
C ALA F 189 -21.95 -26.58 33.28
N GLN F 190 -22.10 -27.83 32.85
CA GLN F 190 -21.58 -28.27 31.58
C GLN F 190 -22.56 -27.94 30.42
N ILE F 191 -22.59 -26.66 30.05
CA ILE F 191 -23.50 -26.10 29.06
C ILE F 191 -22.75 -25.05 28.23
N GLU F 192 -22.83 -25.15 26.90
CA GLU F 192 -22.20 -24.16 26.04
C GLU F 192 -22.81 -24.11 24.63
N ALA F 193 -22.40 -23.09 23.87
CA ALA F 193 -22.61 -23.01 22.41
C ALA F 193 -24.07 -22.91 21.98
N PRO F 194 -24.74 -21.81 22.32
CA PRO F 194 -26.13 -21.65 21.92
C PRO F 194 -26.24 -21.48 20.41
N PHE F 195 -27.35 -21.94 19.86
CA PHE F 195 -27.65 -21.63 18.46
C PHE F 195 -29.16 -21.53 18.36
N ILE F 196 -29.62 -20.47 17.69
CA ILE F 196 -31.06 -20.21 17.65
C ILE F 196 -31.49 -20.19 16.18
N LEU F 197 -32.51 -21.00 15.88
CA LEU F 197 -33.15 -21.01 14.57
C LEU F 197 -34.63 -20.67 14.68
N ARG F 198 -35.10 -19.78 13.82
CA ARG F 198 -36.54 -19.53 13.75
C ARG F 198 -37.19 -20.59 12.88
N LYS F 199 -38.25 -21.19 13.38
CA LYS F 199 -39.01 -22.18 12.62
C LYS F 199 -40.48 -22.04 12.96
N GLY F 200 -41.28 -21.58 12.00
CA GLY F 200 -42.69 -21.30 12.21
C GLY F 200 -42.95 -20.25 13.27
N ASP F 201 -43.75 -20.59 14.29
CA ASP F 201 -44.12 -19.67 15.37
C ASP F 201 -43.09 -19.52 16.52
N TYR F 202 -42.02 -20.28 16.44
CA TYR F 202 -41.09 -20.42 17.57
C TYR F 202 -39.65 -20.15 17.18
N TYR F 203 -38.92 -19.57 18.12
CA TYR F 203 -37.47 -19.62 18.13
C TYR F 203 -37.04 -20.89 18.86
N TYR F 204 -36.13 -21.67 18.26
CA TYR F 204 -35.59 -22.88 18.90
C TYR F 204 -34.13 -22.67 19.33
N LEU F 205 -33.86 -22.90 20.62
CA LEU F 205 -32.51 -22.79 21.20
C LEU F 205 -31.90 -24.18 21.32
N PHE F 206 -30.81 -24.38 20.60
CA PHE F 206 -30.01 -25.56 20.70
C PHE F 206 -28.82 -25.23 21.61
N ALA F 207 -28.53 -26.12 22.53
CA ALA F 207 -27.36 -25.94 23.38
C ALA F 207 -26.65 -27.26 23.46
N SER F 208 -25.34 -27.20 23.74
CA SER F 208 -24.54 -28.41 23.93
C SER F 208 -24.39 -28.68 25.44
N TRP F 209 -24.72 -29.92 25.86
CA TRP F 209 -24.54 -30.38 27.25
C TRP F 209 -23.36 -31.33 27.39
N GLY F 210 -22.70 -31.32 28.55
CA GLY F 210 -21.63 -32.28 28.81
C GLY F 210 -20.26 -31.83 28.40
N LEU F 211 -19.35 -32.80 28.19
CA LEU F 211 -17.91 -32.55 28.04
C LEU F 211 -17.37 -32.98 26.67
N CYS F 212 -16.82 -32.01 25.92
CA CYS F 212 -16.25 -32.25 24.59
C CYS F 212 -14.78 -32.63 24.71
N CYS F 213 -14.17 -32.94 23.56
CA CYS F 213 -12.71 -32.86 23.40
C CYS F 213 -11.93 -33.89 24.26
N ARG F 214 -12.55 -35.05 24.51
CA ARG F 214 -12.17 -35.94 25.62
C ARG F 214 -12.02 -37.41 25.27
N LYS F 215 -11.83 -37.72 23.98
CA LYS F 215 -11.60 -39.10 23.55
C LYS F 215 -12.76 -40.03 23.96
N GLY F 216 -12.46 -41.19 24.55
CA GLY F 216 -13.47 -42.16 24.92
C GLY F 216 -14.40 -41.73 26.06
N ASP F 217 -14.09 -40.62 26.73
CA ASP F 217 -14.93 -40.14 27.84
C ASP F 217 -15.87 -38.98 27.51
N SER F 218 -15.86 -38.47 26.28
CA SER F 218 -16.72 -37.34 25.92
C SER F 218 -18.18 -37.71 26.17
N THR F 219 -18.91 -36.78 26.79
CA THR F 219 -20.37 -36.92 26.97
C THR F 219 -21.14 -35.83 26.19
N TYR F 220 -20.44 -35.10 25.33
CA TYR F 220 -21.00 -33.98 24.56
C TYR F 220 -22.25 -34.44 23.79
N HIS F 221 -23.34 -33.70 23.92
CA HIS F 221 -24.58 -33.98 23.20
C HIS F 221 -25.44 -32.70 23.07
N LEU F 222 -26.56 -32.80 22.37
CA LEU F 222 -27.36 -31.64 22.00
C LEU F 222 -28.77 -31.70 22.59
N VAL F 223 -29.18 -30.59 23.20
CA VAL F 223 -30.54 -30.46 23.72
C VAL F 223 -31.21 -29.23 23.13
N VAL F 224 -32.52 -29.10 23.34
CA VAL F 224 -33.29 -28.06 22.73
C VAL F 224 -34.45 -27.60 23.61
N GLY F 225 -34.81 -26.32 23.46
CA GLY F 225 -36.06 -25.77 23.97
C GLY F 225 -36.56 -24.72 22.99
N ARG F 226 -37.72 -24.14 23.30
CA ARG F 226 -38.33 -23.17 22.39
C ARG F 226 -39.09 -22.06 23.07
N SER F 227 -39.25 -20.96 22.35
CA SER F 227 -39.90 -19.75 22.84
C SER F 227 -40.53 -18.97 21.69
N LYS F 228 -41.65 -18.31 21.95
CA LYS F 228 -42.29 -17.48 20.93
C LYS F 228 -41.54 -16.16 20.72
N GLN F 229 -41.00 -15.59 21.81
CA GLN F 229 -40.14 -14.42 21.71
C GLN F 229 -38.67 -14.85 21.75
N VAL F 230 -37.81 -14.16 20.99
CA VAL F 230 -36.41 -14.51 20.92
C VAL F 230 -35.74 -14.38 22.31
N THR F 231 -36.26 -13.47 23.14
CA THR F 231 -35.69 -13.16 24.46
C THR F 231 -36.09 -14.12 25.59
N GLY F 232 -36.86 -15.15 25.27
CA GLY F 232 -37.21 -16.19 26.22
C GLY F 232 -38.63 -16.04 26.71
N PRO F 233 -39.09 -16.95 27.56
CA PRO F 233 -38.27 -18.03 28.14
C PRO F 233 -38.28 -19.28 27.28
N TYR F 234 -37.10 -19.85 27.07
CA TYR F 234 -36.99 -21.14 26.38
C TYR F 234 -37.41 -22.27 27.34
N LEU F 235 -38.43 -23.02 26.93
CA LEU F 235 -38.99 -24.16 27.67
C LEU F 235 -38.77 -25.43 26.85
N ASP F 236 -38.61 -26.55 27.52
CA ASP F 236 -38.43 -27.82 26.83
C ASP F 236 -39.78 -28.53 26.66
N LYS F 237 -39.75 -29.79 26.22
CA LYS F 237 -40.98 -30.58 25.94
C LYS F 237 -41.88 -30.79 27.16
N THR F 238 -41.30 -30.79 28.37
CA THR F 238 -42.06 -30.97 29.62
C THR F 238 -42.51 -29.64 30.26
N GLY F 239 -42.14 -28.50 29.69
CA GLY F 239 -42.50 -27.20 30.23
C GLY F 239 -41.46 -26.60 31.17
N ARG F 240 -40.34 -27.30 31.34
CA ARG F 240 -39.28 -26.85 32.25
C ARG F 240 -38.38 -25.82 31.56
N ASP F 241 -38.15 -24.71 32.23
CA ASP F 241 -37.33 -23.62 31.70
C ASP F 241 -35.85 -24.03 31.61
N MET F 242 -35.22 -23.72 30.48
CA MET F 242 -33.78 -23.96 30.32
C MET F 242 -32.95 -23.16 31.35
N ASN F 243 -33.49 -22.05 31.86
CA ASN F 243 -32.83 -21.31 32.96
C ASN F 243 -32.76 -22.06 34.29
N GLN F 244 -33.57 -23.10 34.43
CA GLN F 244 -33.54 -23.98 35.59
C GLN F 244 -33.11 -25.41 35.21
N GLY F 245 -32.28 -25.57 34.20
CA GLY F 245 -31.78 -26.88 33.82
C GLY F 245 -32.64 -27.63 32.82
N GLY F 246 -33.67 -26.97 32.29
CA GLY F 246 -34.46 -27.57 31.23
C GLY F 246 -33.65 -27.84 29.96
N GLY F 247 -34.17 -28.73 29.13
CA GLY F 247 -33.60 -29.07 27.84
C GLY F 247 -34.01 -30.48 27.43
N SER F 248 -34.64 -30.63 26.26
CA SER F 248 -35.03 -31.95 25.76
C SER F 248 -33.97 -32.48 24.78
N LEU F 249 -33.63 -33.76 24.91
CA LEU F 249 -32.68 -34.40 23.99
C LEU F 249 -33.03 -34.30 22.50
N LEU F 250 -32.02 -34.03 21.68
CA LEU F 250 -32.12 -33.98 20.21
C LEU F 250 -31.30 -35.10 19.60
N ILE F 251 -30.04 -35.18 20.00
CA ILE F 251 -29.15 -36.24 19.52
C ILE F 251 -27.98 -36.42 20.46
N LYS F 252 -27.64 -37.67 20.73
CA LYS F 252 -26.43 -38.02 21.47
C LYS F 252 -25.62 -39.06 20.72
N GLY F 253 -24.48 -39.40 21.28
CA GLY F 253 -23.51 -40.23 20.61
C GLY F 253 -23.83 -41.70 20.75
N ASN F 254 -23.07 -42.50 20.03
CA ASN F 254 -23.15 -43.95 20.10
C ASN F 254 -21.76 -44.58 20.11
N LYS F 255 -21.76 -45.89 19.94
CA LYS F 255 -20.59 -46.76 19.86
C LYS F 255 -19.49 -46.24 18.91
N ARG F 256 -19.87 -45.71 17.75
CA ARG F 256 -18.95 -45.18 16.71
C ARG F 256 -18.67 -43.67 16.76
N TRP F 257 -19.51 -42.91 17.45
CA TRP F 257 -19.36 -41.45 17.53
C TRP F 257 -19.54 -41.00 18.98
N VAL F 258 -18.44 -40.68 19.64
CA VAL F 258 -18.45 -40.37 21.07
C VAL F 258 -17.81 -38.99 21.37
N GLY F 259 -18.55 -37.95 21.70
CA GLY F 259 -19.91 -37.71 21.38
C GLY F 259 -19.88 -36.64 20.29
N LEU F 260 -20.72 -35.61 20.44
CA LEU F 260 -21.02 -34.70 19.34
C LEU F 260 -21.68 -33.39 19.77
N GLY F 261 -21.47 -32.32 19.01
CA GLY F 261 -22.12 -31.06 19.30
C GLY F 261 -21.60 -29.81 18.62
N HIS F 262 -21.73 -28.74 19.39
CA HIS F 262 -21.46 -27.38 18.99
C HIS F 262 -22.00 -27.11 17.59
N ASN F 263 -23.33 -27.06 17.54
CA ASN F 263 -24.06 -27.04 16.28
C ASN F 263 -24.43 -25.68 15.70
N SER F 264 -24.79 -25.79 14.43
CA SER F 264 -25.29 -24.79 13.52
C SER F 264 -26.63 -25.39 13.00
N ALA F 265 -27.54 -24.55 12.48
CA ALA F 265 -28.73 -25.05 11.76
C ALA F 265 -29.29 -23.97 10.82
N TYR F 266 -29.77 -24.42 9.66
CA TYR F 266 -30.14 -23.51 8.58
C TYR F 266 -31.28 -24.08 7.76
N THR F 267 -31.98 -23.16 7.11
CA THR F 267 -32.96 -23.48 6.08
C THR F 267 -32.34 -23.08 4.75
N TRP F 268 -32.13 -24.08 3.88
CA TRP F 268 -31.64 -23.87 2.50
C TRP F 268 -32.59 -24.47 1.47
N ASP F 269 -33.00 -23.67 0.49
CA ASP F 269 -33.89 -24.11 -0.60
C ASP F 269 -35.06 -24.93 -0.09
N GLY F 270 -35.77 -24.37 0.87
CA GLY F 270 -37.02 -24.94 1.37
C GLY F 270 -36.87 -26.15 2.29
N LYS F 271 -35.63 -26.45 2.69
CA LYS F 271 -35.38 -27.60 3.55
C LYS F 271 -34.40 -27.28 4.68
N ASP F 272 -34.57 -27.98 5.80
CA ASP F 272 -33.83 -27.68 7.04
C ASP F 272 -32.68 -28.66 7.29
N TYR F 273 -31.60 -28.15 7.89
CA TYR F 273 -30.41 -28.96 8.17
C TYR F 273 -29.76 -28.66 9.52
N LEU F 274 -29.22 -29.73 10.14
CA LEU F 274 -28.41 -29.65 11.34
C LEU F 274 -26.93 -29.86 10.96
N VAL F 275 -26.08 -28.92 11.40
CA VAL F 275 -24.64 -28.96 11.11
C VAL F 275 -23.88 -29.03 12.42
N LEU F 276 -22.90 -29.94 12.51
CA LEU F 276 -22.22 -30.23 13.80
C LEU F 276 -20.89 -30.95 13.58
N HIS F 277 -20.09 -31.05 14.65
CA HIS F 277 -18.96 -31.96 14.64
C HIS F 277 -19.26 -33.21 15.49
N ALA F 278 -18.62 -34.31 15.11
CA ALA F 278 -18.76 -35.60 15.78
C ALA F 278 -17.42 -36.36 15.81
N TYR F 279 -17.05 -36.91 16.98
CA TYR F 279 -15.73 -37.50 17.21
C TYR F 279 -15.74 -38.98 16.83
N GLU F 280 -15.04 -39.31 15.74
CA GLU F 280 -15.07 -40.66 15.15
C GLU F 280 -14.14 -41.63 15.91
N ALA F 281 -14.73 -42.60 16.60
CA ALA F 281 -13.98 -43.51 17.47
C ALA F 281 -12.99 -44.40 16.71
N ALA F 282 -13.27 -44.66 15.44
CA ALA F 282 -12.37 -45.48 14.60
C ALA F 282 -11.17 -44.72 14.02
N ASP F 283 -11.15 -43.39 14.18
CA ASP F 283 -10.07 -42.55 13.63
C ASP F 283 -9.52 -41.63 14.75
N ASN F 284 -9.08 -42.24 15.86
CA ASN F 284 -8.51 -41.52 17.02
C ASN F 284 -9.36 -40.37 17.56
N TYR F 285 -10.68 -40.55 17.46
CA TYR F 285 -11.68 -39.57 17.89
C TYR F 285 -11.50 -38.21 17.21
N LEU F 286 -10.92 -38.20 16.02
CA LEU F 286 -10.78 -36.97 15.24
C LEU F 286 -12.16 -36.44 14.81
N GLN F 287 -12.45 -35.20 15.18
CA GLN F 287 -13.67 -34.49 14.80
C GLN F 287 -13.95 -34.42 13.27
N LYS F 288 -15.18 -34.73 12.87
CA LYS F 288 -15.62 -34.72 11.47
C LYS F 288 -16.90 -33.88 11.25
N LEU F 289 -16.95 -33.15 10.13
CA LEU F 289 -18.15 -32.41 9.73
C LEU F 289 -19.25 -33.41 9.50
N LYS F 290 -20.45 -33.09 9.99
CA LYS F 290 -21.64 -33.91 9.79
C LYS F 290 -22.84 -32.99 9.52
N ILE F 291 -23.50 -33.22 8.39
CA ILE F 291 -24.70 -32.47 8.02
C ILE F 291 -25.86 -33.48 7.97
N LEU F 292 -26.93 -33.19 8.72
CA LEU F 292 -28.08 -34.07 8.81
C LEU F 292 -29.37 -33.31 8.46
N ASN F 293 -30.32 -34.03 7.89
CA ASN F 293 -31.63 -33.51 7.59
C ASN F 293 -32.37 -33.25 8.88
N LEU F 294 -32.84 -32.01 9.05
CA LEU F 294 -33.57 -31.64 10.23
C LEU F 294 -35.08 -31.82 10.06
N HIS F 295 -35.65 -32.80 10.77
CA HIS F 295 -37.09 -33.13 10.66
C HIS F 295 -37.88 -32.51 11.80
N TRP F 296 -39.21 -32.59 11.74
CA TRP F 296 -40.06 -32.04 12.81
C TRP F 296 -41.27 -32.94 13.11
N ASP F 297 -41.48 -33.26 14.38
CA ASP F 297 -42.50 -34.22 14.79
C ASP F 297 -43.91 -33.60 14.86
N GLY F 298 -44.88 -34.43 15.21
CA GLY F 298 -46.26 -34.02 15.22
C GLY F 298 -46.54 -32.98 16.30
N GLU F 299 -45.77 -33.12 17.38
CA GLU F 299 -45.94 -32.27 18.54
C GLU F 299 -45.12 -30.95 18.34
N GLY F 300 -44.37 -30.83 17.23
CA GLY F 300 -43.64 -29.61 16.85
C GLY F 300 -42.15 -29.48 17.22
N TRP F 301 -41.52 -30.57 17.60
CA TRP F 301 -40.16 -30.51 18.09
C TRP F 301 -39.23 -31.12 17.09
N PRO F 302 -38.02 -30.57 16.95
CA PRO F 302 -37.09 -31.08 15.94
C PRO F 302 -36.69 -32.52 16.24
N GLN F 303 -36.22 -33.20 15.21
CA GLN F 303 -35.98 -34.64 15.24
C GLN F 303 -34.92 -34.98 14.18
N VAL F 304 -33.91 -35.76 14.55
CA VAL F 304 -32.93 -36.25 13.57
C VAL F 304 -32.75 -37.77 13.60
N ASP F 305 -32.17 -38.26 12.51
CA ASP F 305 -31.90 -39.67 12.29
C ASP F 305 -30.40 -39.93 12.54
N GLU F 306 -30.05 -40.56 13.65
CA GLU F 306 -28.64 -40.71 14.02
C GLU F 306 -27.77 -41.57 13.04
N LYS F 307 -28.42 -42.34 12.17
CA LYS F 307 -27.72 -43.09 11.13
C LYS F 307 -27.06 -42.20 10.09
N GLU F 308 -27.47 -40.94 10.00
CA GLU F 308 -26.84 -39.95 9.10
C GLU F 308 -25.43 -39.55 9.55
N LEU F 309 -25.12 -39.81 10.83
CA LEU F 309 -23.73 -39.74 11.30
C LEU F 309 -22.79 -40.68 10.53
N ASP F 310 -23.33 -41.75 9.95
CA ASP F 310 -22.51 -42.65 9.11
C ASP F 310 -22.64 -42.34 7.63
N SER F 311 -23.86 -42.06 7.17
CA SER F 311 -24.18 -41.98 5.74
C SER F 311 -23.68 -40.65 5.12
N TYR F 312 -23.65 -39.58 5.92
CA TYR F 312 -23.01 -38.34 5.50
C TYR F 312 -21.49 -38.47 5.59
N ILE F 313 -20.86 -38.47 4.41
CA ILE F 313 -19.41 -38.60 4.34
C ILE F 313 -18.87 -37.50 3.45
N SER F 314 -18.32 -36.47 4.08
CA SER F 314 -17.71 -35.40 3.35
C SER F 314 -16.38 -35.90 2.85
N GLN F 315 -15.86 -35.19 1.85
CA GLN F 315 -14.55 -35.46 1.28
C GLN F 315 -13.76 -34.16 1.18
N ARG F 316 -12.48 -34.22 1.55
CA ARG F 316 -11.56 -33.10 1.42
C ARG F 316 -10.75 -33.23 0.13
N LEU F 317 -11.05 -32.35 -0.82
CA LEU F 317 -10.30 -32.23 -2.07
C LEU F 317 -8.96 -31.51 -1.85
CL CL G . -0.69 36.75 -53.68
CL CL H . 22.06 2.86 28.90
CL CL I . -9.62 -7.01 -36.22
CL CL J . 8.57 -34.66 51.79
CL CL K . 1.85 23.37 -8.01
CL CL L . -21.49 -21.72 17.50
#